data_9DN2
#
_entry.id   9DN2
#
_cell.length_a   1.00
_cell.length_b   1.00
_cell.length_c   1.00
_cell.angle_alpha   90.00
_cell.angle_beta   90.00
_cell.angle_gamma   90.00
#
_symmetry.space_group_name_H-M   'P 1'
#
loop_
_entity.id
_entity.type
_entity.pdbx_description
1 polymer Hemagglutinin
2 polymer 'TJ5-1 heavy chain Fab fragment'
3 polymer 'TJ5-1 light chain Fab fragment'
4 branched 2-acetamido-2-deoxy-beta-D-glucopyranose-(1-4)-2-acetamido-2-deoxy-beta-D-glucopyranose
5 branched beta-D-mannopyranose-(1-4)-2-acetamido-2-deoxy-beta-D-glucopyranose-(1-4)-2-acetamido-2-deoxy-beta-D-glucopyranose
6 non-polymer 2-acetamido-2-deoxy-beta-D-glucopyranose
#
loop_
_entity_poly.entity_id
_entity_poly.type
_entity_poly.pdbx_seq_one_letter_code
_entity_poly.pdbx_strand_id
1 'polypeptide(L)'
;MKTIIALSYILCLVFAQKIPGNDNSTATLCLGHHAVPNGTIVKTITNDRIEVTNATELVQNSSIGEICDSPHQILDGENC
TLIDALLGDPQCDGFQNKKWDLFVERSKAYSNCYPYDVPDYASLRSLVASSGTLEFKNESFNWTGVTQNGTSSACIRGSS
SSFFSRLNWLTHLNYTYPALNVTMPNNEQFDKLYIWGVHHPGTDKDQIFLYAQSSGRITVSTKRSQQAVIPNIGSRPRIR
DIPSRISIYWTIVKPGDILLINSTGNLIAPRGYFKIRSGKSSIMRSDAPIGKCKSECITPNGSIPNDKPFQNVNRITYGA
CPRYVKQSTLKLATGMRNVPEKQTRGIFGAIAGFIENGWEGMVDGWYGFRHQNSEGRGQAADLKSTQAAIDQINGKLNRL
IGKTNEKFHQIEKEFSEVEGRIQDLEKYVEDTKIDLWSYNAELLVALENQHTIDLTDSEMNKLFEKTKKQLRENAEDMGN
GCFKIYHKCDNACIGSIRNGTYDHNVYRDEALNNRFQIKGVEGYIPEAPRDGQAYVRKDGEWVLLSTFLGSGLNDIFEAQ
KIEWHEGHHHHHH
;
A,B,C
2 'polypeptide(L)'
;EVQLVQSGAEVKKPGASVKVSCKASGYTFTGFYLHWVRQAPGQGLEWMGWINPHSGDTDFAQKFQGKVTMTRDTSSNTVY
MDVNRLTSDDTAVYYCVKNDIVLGMGVWGQGTTVIVSS
;
H,I,J
3 'polypeptide(L)'
;QSVLTQPPSVSGAPGQRVTISCTGSSSNIGAGYNVYWFQQLPPTAPKLLNYGDNNRPSGVPDRFSASKSGTSASLAITGL
QAEDEAEYYCQSYDSSLNAYVFGTGTKVTVL
;
L,M,N
#
# COMPACT_ATOMS: atom_id res chain seq x y z
N GLN A 17 -46.28 -4.08 27.14
CA GLN A 17 -46.41 -5.52 27.02
C GLN A 17 -45.06 -6.17 26.77
N LYS A 18 -45.09 -7.45 26.38
CA LYS A 18 -43.87 -8.20 26.13
C LYS A 18 -44.20 -9.35 25.20
N ILE A 19 -43.15 -10.01 24.71
CA ILE A 19 -43.32 -11.16 23.82
C ILE A 19 -44.11 -12.24 24.56
N PRO A 20 -45.05 -12.93 23.91
CA PRO A 20 -45.78 -14.02 24.58
C PRO A 20 -44.83 -15.11 25.08
N GLY A 21 -45.42 -16.03 25.85
CA GLY A 21 -44.66 -17.10 26.47
C GLY A 21 -43.77 -17.86 25.52
N ASN A 22 -42.54 -18.16 25.96
CA ASN A 22 -41.57 -18.83 25.10
C ASN A 22 -42.12 -20.17 24.60
N ASP A 23 -41.95 -20.41 23.31
CA ASP A 23 -42.54 -21.58 22.68
C ASP A 23 -41.90 -22.86 23.22
N ASN A 24 -42.73 -23.90 23.36
CA ASN A 24 -42.27 -25.14 23.97
C ASN A 24 -41.35 -25.94 23.06
N SER A 25 -41.39 -25.72 21.75
CA SER A 25 -40.67 -26.58 20.81
C SER A 25 -39.92 -25.74 19.78
N THR A 26 -39.32 -24.63 20.21
CA THR A 26 -38.55 -23.79 19.30
C THR A 26 -37.52 -23.02 20.10
N ALA A 27 -36.28 -23.00 19.59
CA ALA A 27 -35.21 -22.21 20.15
C ALA A 27 -34.81 -21.12 19.16
N THR A 28 -34.17 -20.08 19.68
CA THR A 28 -33.82 -18.90 18.87
C THR A 28 -32.38 -18.49 19.15
N LEU A 29 -31.46 -19.45 19.07
CA LEU A 29 -30.04 -19.17 19.28
C LEU A 29 -29.59 -18.03 18.37
N CYS A 30 -28.86 -17.08 18.95
CA CYS A 30 -28.44 -15.88 18.25
C CYS A 30 -26.98 -15.56 18.52
N LEU A 31 -26.33 -14.93 17.55
CA LEU A 31 -24.92 -14.58 17.63
C LEU A 31 -24.75 -13.07 17.48
N GLY A 32 -23.80 -12.52 18.22
CA GLY A 32 -23.55 -11.10 18.14
C GLY A 32 -22.21 -10.71 18.74
N HIS A 33 -22.01 -9.41 18.85
CA HIS A 33 -20.73 -8.87 19.33
C HIS A 33 -21.00 -7.62 20.16
N HIS A 34 -20.00 -7.25 20.95
CA HIS A 34 -20.16 -6.17 21.91
C HIS A 34 -20.23 -4.82 21.19
N ALA A 35 -20.61 -3.80 21.96
CA ALA A 35 -20.71 -2.43 21.46
C ALA A 35 -20.59 -1.48 22.64
N VAL A 36 -20.18 -0.25 22.35
CA VAL A 36 -19.98 0.76 23.38
C VAL A 36 -20.74 2.03 22.99
N PRO A 37 -21.19 2.84 23.95
CA PRO A 37 -21.90 4.08 23.60
C PRO A 37 -20.97 5.17 23.07
N ASN A 38 -19.78 5.28 23.65
CA ASN A 38 -18.81 6.29 23.25
C ASN A 38 -17.88 5.78 22.15
N GLY A 39 -18.48 5.33 21.04
CA GLY A 39 -17.72 4.83 19.92
C GLY A 39 -16.78 5.86 19.32
N THR A 40 -15.53 5.47 19.10
CA THR A 40 -14.53 6.39 18.55
C THR A 40 -14.56 6.32 17.03
N ILE A 41 -14.43 7.48 16.39
CA ILE A 41 -14.48 7.56 14.93
C ILE A 41 -13.08 7.34 14.38
N VAL A 42 -13.01 6.69 13.22
CA VAL A 42 -11.75 6.33 12.58
C VAL A 42 -11.97 6.28 11.07
N LYS A 43 -10.88 6.43 10.32
CA LYS A 43 -10.91 6.52 8.87
C LYS A 43 -10.25 5.30 8.25
N THR A 44 -10.84 4.81 7.16
CA THR A 44 -10.29 3.67 6.43
C THR A 44 -10.06 4.03 4.97
N ILE A 45 -9.72 3.03 4.14
CA ILE A 45 -9.46 3.29 2.74
C ILE A 45 -10.74 3.33 1.90
N THR A 46 -11.84 2.80 2.43
CA THR A 46 -13.12 2.82 1.73
C THR A 46 -14.09 3.84 2.29
N ASN A 47 -14.22 3.92 3.61
CA ASN A 47 -15.10 4.87 4.26
C ASN A 47 -14.26 5.88 5.03
N ASP A 48 -14.62 7.16 4.91
CA ASP A 48 -13.87 8.21 5.59
C ASP A 48 -14.17 8.25 7.09
N ARG A 49 -15.38 7.88 7.50
CA ARG A 49 -15.77 7.95 8.91
C ARG A 49 -16.55 6.70 9.27
N ILE A 50 -15.98 5.88 10.17
CA ILE A 50 -16.69 4.76 10.74
C ILE A 50 -16.47 4.76 12.24
N GLU A 51 -17.33 4.03 12.95
CA GLU A 51 -17.29 3.96 14.41
C GLU A 51 -16.70 2.62 14.83
N VAL A 52 -15.77 2.67 15.80
CA VAL A 52 -15.15 1.48 16.36
C VAL A 52 -15.29 1.54 17.88
N THR A 53 -15.33 0.35 18.50
CA THR A 53 -15.51 0.28 19.94
C THR A 53 -14.30 0.81 20.69
N ASN A 54 -13.10 0.50 20.21
CA ASN A 54 -11.88 0.91 20.90
C ASN A 54 -10.85 1.30 19.85
N ALA A 55 -10.09 2.35 20.15
CA ALA A 55 -9.06 2.83 19.25
C ALA A 55 -7.98 3.53 20.06
N THR A 56 -6.74 3.42 19.57
CA THR A 56 -5.58 3.98 20.25
C THR A 56 -4.95 5.07 19.40
N GLU A 57 -4.56 6.16 20.04
CA GLU A 57 -3.88 7.25 19.36
C GLU A 57 -2.46 6.80 19.00
N LEU A 58 -2.18 6.66 17.70
CA LEU A 58 -0.87 6.20 17.29
C LEU A 58 0.19 7.28 17.41
N VAL A 59 -0.21 8.55 17.30
CA VAL A 59 0.74 9.66 17.24
C VAL A 59 0.88 10.27 18.62
N GLN A 60 2.11 10.35 19.12
CA GLN A 60 2.40 10.92 20.42
C GLN A 60 2.50 12.44 20.27
N ASN A 61 1.45 13.14 20.67
CA ASN A 61 1.36 14.59 20.50
C ASN A 61 1.71 15.36 21.76
N SER A 62 2.22 14.69 22.79
CA SER A 62 2.58 15.33 24.04
C SER A 62 3.98 14.92 24.45
N SER A 63 4.69 15.85 25.09
CA SER A 63 6.05 15.63 25.56
C SER A 63 6.09 15.73 27.07
N ILE A 64 7.01 14.98 27.68
CA ILE A 64 7.14 14.99 29.13
C ILE A 64 7.57 16.37 29.61
N GLY A 65 8.49 17.01 28.90
CA GLY A 65 8.93 18.35 29.21
C GLY A 65 10.29 18.44 29.88
N GLU A 66 10.93 17.32 30.20
CA GLU A 66 12.24 17.33 30.82
C GLU A 66 13.11 16.28 30.15
N ILE A 67 14.43 16.52 30.17
CA ILE A 67 15.40 15.65 29.53
C ILE A 67 16.12 14.87 30.62
N CYS A 68 16.12 13.54 30.52
CA CYS A 68 16.85 12.69 31.45
C CYS A 68 17.76 11.75 30.69
N ASP A 69 18.84 11.34 31.35
CA ASP A 69 19.98 10.72 30.70
C ASP A 69 20.31 9.37 31.35
N SER A 70 19.31 8.51 31.52
CA SER A 70 19.58 7.19 32.07
C SER A 70 20.33 6.30 31.06
N PRO A 71 19.76 5.97 29.88
CA PRO A 71 20.51 5.10 28.95
C PRO A 71 21.55 5.84 28.13
N HIS A 72 21.25 7.09 27.74
CA HIS A 72 22.13 7.89 26.91
C HIS A 72 22.78 8.97 27.77
N GLN A 73 24.10 8.98 27.81
CA GLN A 73 24.81 10.02 28.55
C GLN A 73 24.66 11.35 27.84
N ILE A 74 24.29 12.38 28.59
CA ILE A 74 23.94 13.69 28.03
C ILE A 74 24.77 14.76 28.71
N LEU A 75 25.40 15.61 27.90
CA LEU A 75 26.16 16.76 28.38
C LEU A 75 25.39 18.04 28.09
N ASP A 76 25.47 18.99 29.02
CA ASP A 76 24.64 20.20 28.98
C ASP A 76 25.54 21.43 28.92
N GLY A 77 25.51 22.12 27.78
CA GLY A 77 26.23 23.38 27.61
C GLY A 77 25.45 24.57 28.12
N GLU A 78 25.44 24.75 29.45
CA GLU A 78 24.55 25.72 30.08
C GLU A 78 24.79 27.14 29.56
N ASN A 79 26.05 27.57 29.49
CA ASN A 79 26.36 28.93 29.07
C ASN A 79 27.23 29.01 27.83
N CYS A 80 27.62 27.89 27.24
CA CYS A 80 28.48 27.89 26.07
C CYS A 80 27.95 26.94 25.01
N THR A 81 28.36 27.18 23.76
CA THR A 81 28.07 26.28 22.67
C THR A 81 29.09 25.14 22.64
N LEU A 82 28.94 24.23 21.69
CA LEU A 82 29.90 23.14 21.55
C LEU A 82 31.27 23.68 21.14
N ILE A 83 31.30 24.65 20.23
CA ILE A 83 32.57 25.20 19.77
C ILE A 83 33.27 25.97 20.89
N ASP A 84 32.50 26.68 21.72
CA ASP A 84 33.10 27.38 22.85
C ASP A 84 33.75 26.40 23.82
N ALA A 85 33.09 25.27 24.09
CA ALA A 85 33.68 24.25 24.95
C ALA A 85 34.92 23.65 24.31
N LEU A 86 34.87 23.38 23.01
CA LEU A 86 36.01 22.77 22.32
C LEU A 86 37.22 23.69 22.32
N LEU A 87 37.02 24.99 22.06
CA LEU A 87 38.14 25.92 22.04
C LEU A 87 38.70 26.15 23.43
N GLY A 88 37.86 26.11 24.46
CA GLY A 88 38.32 26.31 25.81
C GLY A 88 38.04 27.71 26.31
N ASP A 89 37.00 27.86 27.12
CA ASP A 89 36.61 29.12 27.72
C ASP A 89 36.31 28.90 29.19
N PRO A 90 36.47 29.92 30.04
CA PRO A 90 36.25 29.71 31.47
C PRO A 90 34.85 29.24 31.82
N GLN A 91 33.82 29.79 31.16
CA GLN A 91 32.45 29.48 31.51
C GLN A 91 32.10 28.01 31.27
N CYS A 92 32.91 27.28 30.52
CA CYS A 92 32.71 25.85 30.31
C CYS A 92 34.00 25.09 30.57
N ASP A 93 34.83 25.61 31.47
CA ASP A 93 36.09 24.94 31.79
C ASP A 93 35.89 23.58 32.46
N GLY A 94 34.68 23.28 32.92
CA GLY A 94 34.39 21.95 33.41
C GLY A 94 34.10 20.94 32.34
N PHE A 95 34.25 21.31 31.07
CA PHE A 95 33.98 20.42 29.94
C PHE A 95 35.23 19.73 29.42
N GLN A 96 36.39 19.96 30.03
CA GLN A 96 37.64 19.38 29.52
C GLN A 96 37.63 17.87 29.65
N ASN A 97 38.05 17.19 28.58
CA ASN A 97 38.19 15.73 28.54
C ASN A 97 36.88 15.00 28.82
N LYS A 98 35.75 15.65 28.60
CA LYS A 98 34.46 15.02 28.84
C LYS A 98 34.04 14.18 27.63
N LYS A 99 33.07 13.30 27.85
CA LYS A 99 32.50 12.47 26.80
C LYS A 99 30.98 12.54 26.89
N TRP A 100 30.32 12.26 25.78
CA TRP A 100 28.88 12.34 25.74
C TRP A 100 28.35 11.46 24.62
N ASP A 101 27.05 11.16 24.70
CA ASP A 101 26.30 10.62 23.57
C ASP A 101 25.33 11.62 22.99
N LEU A 102 25.11 12.75 23.65
CA LEU A 102 24.26 13.81 23.13
C LEU A 102 24.63 15.11 23.83
N PHE A 103 24.87 16.16 23.05
CA PHE A 103 25.21 17.47 23.58
C PHE A 103 24.06 18.42 23.30
N VAL A 104 23.46 18.98 24.36
CA VAL A 104 22.31 19.87 24.23
C VAL A 104 22.78 21.29 24.52
N GLU A 105 22.71 22.14 23.51
CA GLU A 105 23.04 23.55 23.67
C GLU A 105 21.83 24.34 24.13
N ARG A 106 22.09 25.50 24.72
CA ARG A 106 21.06 26.38 25.26
C ARG A 106 20.98 27.64 24.40
N SER A 107 19.75 28.12 24.21
CA SER A 107 19.54 29.34 23.42
C SER A 107 20.12 30.58 24.08
N LYS A 108 20.38 30.52 25.39
CA LYS A 108 20.95 31.65 26.11
C LYS A 108 22.48 31.68 26.07
N ALA A 109 23.11 30.72 25.39
CA ALA A 109 24.55 30.67 25.33
C ALA A 109 25.11 31.85 24.55
N TYR A 110 26.34 32.23 24.86
CA TYR A 110 26.99 33.36 24.20
C TYR A 110 28.50 33.21 24.34
N SER A 111 29.22 33.53 23.27
CA SER A 111 30.67 33.54 23.32
C SER A 111 31.14 34.73 24.16
N ASN A 112 32.23 34.52 24.89
CA ASN A 112 32.75 35.54 25.80
C ASN A 112 34.17 35.97 25.47
N CYS A 113 35.08 35.01 25.26
CA CYS A 113 36.51 35.35 25.21
C CYS A 113 36.88 36.08 23.92
N TYR A 114 36.40 35.59 22.77
CA TYR A 114 36.80 36.24 21.53
C TYR A 114 35.73 36.01 20.47
N PRO A 115 35.48 36.98 19.60
CA PRO A 115 34.44 36.83 18.55
C PRO A 115 34.95 36.05 17.34
N TYR A 116 35.11 34.74 17.53
CA TYR A 116 35.56 33.89 16.44
C TYR A 116 34.46 33.72 15.40
N ASP A 117 34.87 33.60 14.14
CA ASP A 117 33.99 33.21 13.06
C ASP A 117 34.62 32.02 12.33
N VAL A 118 33.86 30.95 12.16
CA VAL A 118 34.37 29.71 11.61
C VAL A 118 33.88 29.60 10.17
N PRO A 119 34.76 29.71 9.17
CA PRO A 119 34.35 29.37 7.80
C PRO A 119 33.87 27.93 7.72
N ASP A 120 32.73 27.73 7.06
CA ASP A 120 32.05 26.44 7.04
C ASP A 120 31.79 25.93 8.45
N TYR A 121 31.16 26.78 9.26
CA TYR A 121 30.90 26.46 10.66
C TYR A 121 30.00 25.24 10.80
N ALA A 122 28.96 25.15 9.96
CA ALA A 122 28.00 24.06 10.04
C ALA A 122 28.61 22.70 9.71
N SER A 123 29.79 22.66 9.10
CA SER A 123 30.50 21.40 8.86
C SER A 123 31.42 21.02 10.00
N LEU A 124 32.15 22.00 10.57
CA LEU A 124 32.98 21.70 11.72
C LEU A 124 32.14 21.29 12.93
N ARG A 125 30.99 21.94 13.12
CA ARG A 125 30.13 21.56 14.24
C ARG A 125 29.65 20.13 14.08
N SER A 126 29.26 19.73 12.87
CA SER A 126 28.79 18.37 12.65
C SER A 126 29.93 17.37 12.75
N LEU A 127 31.14 17.75 12.32
CA LEU A 127 32.29 16.85 12.43
C LEU A 127 32.66 16.60 13.89
N VAL A 128 32.67 17.65 14.71
CA VAL A 128 33.02 17.49 16.12
C VAL A 128 31.91 16.76 16.85
N ALA A 129 30.65 17.09 16.58
CA ALA A 129 29.54 16.48 17.30
C ALA A 129 29.33 15.01 16.97
N SER A 130 29.93 14.51 15.89
CA SER A 130 29.78 13.11 15.51
C SER A 130 30.76 12.19 16.23
N SER A 131 31.79 12.72 16.87
CA SER A 131 32.76 11.90 17.58
C SER A 131 32.41 11.74 19.05
N GLY A 132 31.94 12.80 19.70
CA GLY A 132 31.57 12.73 21.10
C GLY A 132 32.74 12.44 22.02
N THR A 133 33.88 13.09 21.79
CA THR A 133 35.05 12.88 22.62
C THR A 133 35.88 14.16 22.62
N LEU A 134 36.22 14.64 23.80
CA LEU A 134 37.08 15.81 23.97
C LEU A 134 38.40 15.44 24.63
N GLU A 135 38.93 14.25 24.28
CA GLU A 135 40.19 13.77 24.85
C GLU A 135 41.35 14.51 24.19
N PHE A 136 41.62 15.71 24.70
CA PHE A 136 42.74 16.50 24.21
C PHE A 136 44.03 15.96 24.79
N LYS A 137 45.00 15.68 23.92
CA LYS A 137 46.30 15.13 24.31
C LYS A 137 47.38 16.12 23.91
N ASN A 138 48.05 16.70 24.90
CA ASN A 138 49.11 17.66 24.62
C ASN A 138 50.27 16.98 23.91
N GLU A 139 50.83 17.67 22.92
CA GLU A 139 52.00 17.19 22.19
C GLU A 139 53.08 18.26 22.24
N SER A 140 54.33 17.82 22.36
CA SER A 140 55.47 18.73 22.50
C SER A 140 55.89 19.21 21.10
N PHE A 141 55.31 20.32 20.69
CA PHE A 141 55.64 20.91 19.40
C PHE A 141 56.99 21.62 19.48
N ASN A 142 57.46 22.06 18.31
CA ASN A 142 58.80 22.60 18.12
C ASN A 142 58.76 24.10 17.85
N TRP A 143 57.88 24.83 18.54
CA TRP A 143 57.85 26.28 18.43
C TRP A 143 59.11 26.89 19.02
N THR A 144 59.98 27.44 18.17
CA THR A 144 61.24 28.01 18.62
C THR A 144 61.44 29.37 17.98
N GLY A 145 62.01 30.31 18.74
CA GLY A 145 62.24 31.65 18.26
C GLY A 145 61.06 32.59 18.37
N VAL A 146 59.92 32.12 18.90
CA VAL A 146 58.74 32.95 19.09
C VAL A 146 58.24 32.76 20.51
N THR A 147 57.52 33.77 21.00
CA THR A 147 56.91 33.69 22.32
C THR A 147 55.53 33.06 22.23
N GLN A 148 55.14 32.39 23.30
CA GLN A 148 53.87 31.70 23.37
C GLN A 148 52.95 32.38 24.38
N ASN A 149 51.74 31.84 24.50
CA ASN A 149 50.77 32.27 25.52
C ASN A 149 50.46 33.77 25.40
N GLY A 150 49.87 34.13 24.26
CA GLY A 150 49.35 35.47 24.12
C GLY A 150 48.20 35.72 25.07
N THR A 151 48.06 36.99 25.47
CA THR A 151 47.09 37.38 26.49
C THR A 151 46.10 38.37 25.91
N SER A 152 44.81 38.15 26.21
CA SER A 152 43.74 39.04 25.78
C SER A 152 42.93 39.47 26.99
N SER A 153 42.41 40.70 26.93
CA SER A 153 41.68 41.28 28.05
C SER A 153 40.20 40.95 28.04
N ALA A 154 39.61 40.72 26.86
CA ALA A 154 38.21 40.35 26.78
C ALA A 154 37.94 38.95 27.31
N CYS A 155 38.98 38.13 27.44
CA CYS A 155 38.90 36.79 27.99
C CYS A 155 39.43 36.84 29.42
N ILE A 156 38.56 36.61 30.40
CA ILE A 156 38.91 36.73 31.81
C ILE A 156 38.73 35.38 32.48
N ARG A 157 39.81 34.88 33.09
CA ARG A 157 39.77 33.66 33.88
C ARG A 157 40.48 33.93 35.20
N GLY A 158 39.77 33.70 36.31
CA GLY A 158 40.34 34.03 37.61
C GLY A 158 40.59 35.50 37.79
N SER A 159 39.68 36.35 37.32
CA SER A 159 39.77 37.80 37.43
C SER A 159 41.07 38.35 36.83
N SER A 160 41.59 37.68 35.80
CA SER A 160 42.80 38.11 35.12
C SER A 160 42.65 37.90 33.62
N SER A 161 43.41 38.68 32.86
CA SER A 161 43.40 38.55 31.41
C SER A 161 43.92 37.18 31.00
N SER A 162 43.32 36.61 29.95
CA SER A 162 43.62 35.22 29.60
C SER A 162 43.32 35.01 28.13
N PHE A 163 43.19 33.75 27.73
CA PHE A 163 42.90 33.39 26.34
C PHE A 163 42.34 31.97 26.34
N PHE A 164 42.10 31.44 25.14
CA PHE A 164 41.62 30.06 25.01
C PHE A 164 42.66 29.08 25.54
N SER A 165 42.18 27.97 26.13
CA SER A 165 43.08 26.99 26.69
C SER A 165 43.65 26.06 25.63
N ARG A 166 42.83 25.63 24.66
CA ARG A 166 43.30 24.66 23.68
C ARG A 166 44.18 25.29 22.61
N LEU A 167 43.90 26.52 22.22
CA LEU A 167 44.64 27.20 21.16
C LEU A 167 45.73 28.07 21.75
N ASN A 168 46.91 28.03 21.15
CA ASN A 168 48.07 28.76 21.62
C ASN A 168 48.32 29.93 20.65
N TRP A 169 48.15 31.15 21.15
CA TRP A 169 48.32 32.36 20.36
C TRP A 169 49.78 32.77 20.41
N LEU A 170 50.47 32.67 19.28
CA LEU A 170 51.88 33.02 19.20
C LEU A 170 52.05 34.48 18.80
N THR A 171 53.17 35.06 19.23
CA THR A 171 53.45 36.46 19.01
C THR A 171 54.94 36.61 18.77
N HIS A 172 55.34 37.81 18.32
CA HIS A 172 56.74 38.08 18.05
C HIS A 172 57.57 38.00 19.33
N LEU A 173 58.80 37.52 19.19
CA LEU A 173 59.77 37.49 20.27
C LEU A 173 60.97 38.33 19.88
N ASN A 174 61.32 39.31 20.71
CA ASN A 174 62.43 40.22 20.46
C ASN A 174 62.28 40.92 19.11
N TYR A 175 61.07 41.43 18.86
CA TYR A 175 60.77 42.23 17.67
C TYR A 175 61.08 41.46 16.37
N THR A 176 60.78 40.17 16.36
CA THR A 176 60.93 39.37 15.16
C THR A 176 60.00 38.17 15.23
N TYR A 177 59.74 37.59 14.06
CA TYR A 177 58.87 36.42 13.94
C TYR A 177 59.45 35.52 12.86
N PRO A 178 60.34 34.61 13.22
CA PRO A 178 60.92 33.70 12.23
C PRO A 178 59.87 32.79 11.61
N ALA A 179 60.10 32.44 10.34
CA ALA A 179 59.21 31.53 9.65
C ALA A 179 59.23 30.15 10.30
N LEU A 180 58.07 29.50 10.29
CA LEU A 180 57.91 28.21 10.94
C LEU A 180 57.91 27.08 9.93
N ASN A 181 58.45 25.92 10.35
CA ASN A 181 58.36 24.68 9.58
C ASN A 181 58.39 23.54 10.60
N VAL A 182 57.20 23.12 11.04
CA VAL A 182 57.11 22.07 12.05
C VAL A 182 56.36 20.89 11.46
N THR A 183 56.60 19.72 12.04
CA THR A 183 56.00 18.48 11.57
C THR A 183 55.59 17.64 12.77
N MET A 184 54.56 16.82 12.56
CA MET A 184 54.10 15.91 13.60
C MET A 184 53.51 14.65 12.95
N PRO A 185 54.28 13.57 12.89
CA PRO A 185 53.79 12.35 12.24
C PRO A 185 52.74 11.65 13.09
N ASN A 186 51.94 10.83 12.41
CA ASN A 186 50.88 10.04 13.05
C ASN A 186 51.26 8.57 12.91
N ASN A 187 51.79 7.99 13.98
CA ASN A 187 52.30 6.62 13.92
C ASN A 187 51.20 5.59 14.21
N GLU A 188 50.45 5.82 15.29
CA GLU A 188 49.47 4.83 15.72
C GLU A 188 48.29 4.76 14.76
N GLN A 189 47.42 3.77 14.98
CA GLN A 189 46.34 3.45 14.06
C GLN A 189 45.04 4.16 14.40
N PHE A 190 45.09 5.49 14.51
CA PHE A 190 43.86 6.29 14.58
C PHE A 190 44.15 7.68 14.05
N ASP A 191 43.09 8.33 13.60
CA ASP A 191 43.21 9.67 13.03
C ASP A 191 43.48 10.69 14.12
N LYS A 192 44.09 11.80 13.74
CA LYS A 192 44.39 12.87 14.69
C LYS A 192 43.91 14.20 14.11
N LEU A 193 43.00 14.86 14.81
CA LEU A 193 42.39 16.09 14.36
C LEU A 193 43.07 17.28 15.04
N TYR A 194 43.54 18.23 14.25
CA TYR A 194 44.19 19.43 14.76
C TYR A 194 43.30 20.63 14.49
N ILE A 195 42.97 21.37 15.55
CA ILE A 195 42.20 22.60 15.46
C ILE A 195 43.16 23.77 15.62
N TRP A 196 43.18 24.67 14.64
CA TRP A 196 44.04 25.83 14.68
C TRP A 196 43.27 26.99 14.07
N GLY A 197 43.94 28.13 13.90
CA GLY A 197 43.24 29.29 13.37
C GLY A 197 44.20 30.34 12.86
N VAL A 198 43.61 31.40 12.31
CA VAL A 198 44.35 32.55 11.80
C VAL A 198 43.70 33.82 12.34
N HIS A 199 44.52 34.77 12.76
CA HIS A 199 44.06 35.99 13.40
C HIS A 199 43.90 37.10 12.36
N HIS A 200 42.68 37.62 12.22
CA HIS A 200 42.43 38.78 11.37
C HIS A 200 42.45 40.01 12.25
N PRO A 201 43.47 40.86 12.16
CA PRO A 201 43.56 42.01 13.07
C PRO A 201 42.57 43.12 12.73
N GLY A 202 42.68 44.24 13.44
CA GLY A 202 41.80 45.37 13.19
C GLY A 202 42.38 46.38 12.23
N THR A 203 43.61 46.82 12.49
CA THR A 203 44.28 47.83 11.68
C THR A 203 45.69 47.36 11.37
N ASP A 204 46.41 48.18 10.58
CA ASP A 204 47.81 47.89 10.29
C ASP A 204 48.66 48.02 11.56
N LYS A 205 48.34 49.00 12.41
CA LYS A 205 49.08 49.17 13.66
C LYS A 205 48.93 47.94 14.55
N ASP A 206 47.72 47.40 14.65
CA ASP A 206 47.50 46.21 15.46
C ASP A 206 48.20 44.99 14.89
N GLN A 207 48.50 44.99 13.59
CA GLN A 207 49.24 43.90 12.98
C GLN A 207 50.74 44.04 13.24
N ILE A 208 51.27 45.26 13.10
CA ILE A 208 52.69 45.48 13.33
C ILE A 208 53.04 45.29 14.80
N PHE A 209 52.14 45.71 15.70
CA PHE A 209 52.42 45.61 17.13
C PHE A 209 52.57 44.15 17.57
N LEU A 210 51.89 43.22 16.90
CA LEU A 210 51.96 41.81 17.26
C LEU A 210 52.97 41.03 16.44
N TYR A 211 53.12 41.35 15.15
CA TYR A 211 54.03 40.64 14.26
C TYR A 211 54.91 41.62 13.52
N ALA A 212 56.11 41.17 13.15
CA ALA A 212 56.99 41.96 12.31
C ALA A 212 56.60 41.91 10.84
N GLN A 213 55.66 41.03 10.47
CA GLN A 213 55.21 40.89 9.09
C GLN A 213 53.78 41.40 8.99
N SER A 214 53.50 42.13 7.91
CA SER A 214 52.21 42.76 7.75
C SER A 214 51.19 41.88 7.04
N SER A 215 51.63 41.00 6.13
CA SER A 215 50.73 40.20 5.30
C SER A 215 51.20 38.74 5.27
N GLY A 216 51.50 38.18 6.44
CA GLY A 216 52.02 36.82 6.52
C GLY A 216 51.09 35.74 6.04
N ARG A 217 51.55 34.96 5.06
CA ARG A 217 50.81 33.79 4.59
C ARG A 217 50.92 32.66 5.60
N ILE A 218 49.96 31.73 5.56
CA ILE A 218 50.07 30.50 6.32
C ILE A 218 49.72 29.32 5.42
N THR A 219 50.27 28.15 5.75
CA THR A 219 50.09 26.96 4.92
C THR A 219 50.21 25.73 5.82
N VAL A 220 49.12 24.98 5.95
CA VAL A 220 49.11 23.73 6.70
C VAL A 220 48.84 22.61 5.70
N SER A 221 49.77 21.67 5.58
CA SER A 221 49.72 20.67 4.55
C SER A 221 49.87 19.27 5.13
N THR A 222 49.05 18.36 4.63
CA THR A 222 49.23 16.93 4.78
C THR A 222 49.77 16.39 3.46
N LYS A 223 50.06 15.08 3.41
CA LYS A 223 50.49 14.49 2.15
C LYS A 223 49.37 14.51 1.12
N ARG A 224 48.12 14.35 1.57
CA ARG A 224 46.99 14.30 0.65
C ARG A 224 46.67 15.67 0.07
N SER A 225 46.63 16.70 0.92
CA SER A 225 46.15 18.00 0.49
C SER A 225 46.79 19.09 1.34
N GLN A 226 46.64 20.33 0.88
CA GLN A 226 47.18 21.50 1.56
C GLN A 226 46.11 22.56 1.72
N GLN A 227 46.30 23.43 2.70
CA GLN A 227 45.45 24.61 2.90
C GLN A 227 46.33 25.83 3.06
N ALA A 228 46.07 26.86 2.25
CA ALA A 228 46.81 28.10 2.30
C ALA A 228 45.84 29.23 2.61
N VAL A 229 46.20 30.08 3.57
CA VAL A 229 45.32 31.15 4.03
C VAL A 229 46.10 32.46 4.11
N ILE A 230 45.44 33.54 3.68
CA ILE A 230 45.98 34.89 3.75
C ILE A 230 45.08 35.70 4.69
N PRO A 231 45.59 36.19 5.82
CA PRO A 231 44.78 37.06 6.67
C PRO A 231 44.62 38.45 6.06
N ASN A 232 43.40 38.98 6.14
CA ASN A 232 43.05 40.26 5.54
C ASN A 232 42.74 41.26 6.64
N ILE A 233 43.50 42.36 6.68
CA ILE A 233 43.25 43.40 7.67
C ILE A 233 41.96 44.13 7.32
N GLY A 234 41.14 44.38 8.34
CA GLY A 234 39.88 45.07 8.15
C GLY A 234 39.27 45.60 9.43
N SER A 235 38.65 46.77 9.36
CA SER A 235 38.06 47.41 10.53
C SER A 235 36.62 46.94 10.69
N ARG A 236 36.48 45.76 11.28
CA ARG A 236 35.17 45.21 11.56
C ARG A 236 34.52 45.96 12.73
N PRO A 237 33.19 45.95 12.80
CA PRO A 237 32.51 46.63 13.91
C PRO A 237 32.90 46.01 15.25
N ARG A 238 33.02 46.87 16.26
CA ARG A 238 33.48 46.40 17.57
C ARG A 238 32.38 45.60 18.26
N ILE A 239 32.73 44.41 18.73
CA ILE A 239 31.86 43.59 19.58
C ILE A 239 32.65 43.22 20.81
N ARG A 240 32.09 43.51 21.99
CA ARG A 240 32.81 43.41 23.26
C ARG A 240 34.10 44.23 23.22
N ASP A 241 34.02 45.40 22.59
CA ASP A 241 35.09 46.41 22.58
C ASP A 241 36.38 45.89 21.94
N ILE A 242 36.26 44.93 21.03
CA ILE A 242 37.42 44.46 20.26
C ILE A 242 37.01 44.29 18.79
N PRO A 243 37.73 44.90 17.85
CA PRO A 243 37.33 44.81 16.44
C PRO A 243 37.86 43.56 15.74
N SER A 244 38.97 43.00 16.22
CA SER A 244 39.64 41.93 15.52
C SER A 244 38.83 40.63 15.60
N ARG A 245 39.16 39.69 14.72
CA ARG A 245 38.50 38.41 14.64
C ARG A 245 39.54 37.29 14.55
N ILE A 246 39.08 36.06 14.75
CA ILE A 246 39.88 34.88 14.46
C ILE A 246 39.04 33.92 13.63
N SER A 247 39.69 33.16 12.76
CA SER A 247 39.04 32.18 11.91
C SER A 247 39.59 30.81 12.24
N ILE A 248 38.71 29.87 12.55
CA ILE A 248 39.08 28.55 13.05
C ILE A 248 38.99 27.55 11.90
N TYR A 249 40.11 26.87 11.61
CA TYR A 249 40.18 25.82 10.62
C TYR A 249 40.41 24.48 11.33
N TRP A 250 40.55 23.43 10.53
CA TRP A 250 40.81 22.10 11.10
C TRP A 250 41.45 21.23 10.04
N THR A 251 42.42 20.42 10.45
CA THR A 251 43.06 19.45 9.56
C THR A 251 43.11 18.10 10.24
N ILE A 252 42.68 17.06 9.52
CA ILE A 252 42.66 15.70 10.05
C ILE A 252 43.76 14.91 9.39
N VAL A 253 44.55 14.20 10.20
CA VAL A 253 45.69 13.42 9.74
C VAL A 253 45.34 11.95 9.84
N LYS A 254 45.43 11.25 8.72
CA LYS A 254 45.23 9.81 8.64
C LYS A 254 46.45 9.08 9.19
N PRO A 255 46.30 7.82 9.60
CA PRO A 255 47.46 7.04 10.01
C PRO A 255 48.46 6.89 8.86
N GLY A 256 49.73 7.01 9.18
CA GLY A 256 50.80 6.93 8.21
C GLY A 256 51.17 8.23 7.56
N ASP A 257 50.31 9.25 7.64
CA ASP A 257 50.62 10.57 7.10
C ASP A 257 51.28 11.43 8.16
N ILE A 258 51.77 12.59 7.73
CA ILE A 258 52.35 13.57 8.64
C ILE A 258 51.67 14.91 8.40
N LEU A 259 51.69 15.75 9.43
CA LEU A 259 51.15 17.11 9.37
C LEU A 259 52.31 18.09 9.39
N LEU A 260 52.34 18.99 8.41
CA LEU A 260 53.40 19.97 8.28
C LEU A 260 52.78 21.35 8.33
N ILE A 261 53.28 22.20 9.23
CA ILE A 261 52.76 23.55 9.41
C ILE A 261 53.88 24.53 9.07
N ASN A 262 53.62 25.41 8.11
CA ASN A 262 54.52 26.49 7.73
C ASN A 262 53.76 27.80 7.87
N SER A 263 54.42 28.81 8.41
CA SER A 263 53.73 30.08 8.64
C SER A 263 54.73 31.21 8.72
N THR A 264 54.25 32.41 8.40
CA THR A 264 55.05 33.63 8.48
C THR A 264 54.36 34.70 9.32
N GLY A 265 53.24 34.38 9.95
CA GLY A 265 52.55 35.32 10.80
C GLY A 265 51.08 34.95 10.94
N ASN A 266 50.44 35.60 11.93
CA ASN A 266 49.01 35.43 12.17
C ASN A 266 48.62 33.99 12.44
N LEU A 267 49.48 33.24 13.12
CA LEU A 267 49.22 31.84 13.40
C LEU A 267 48.75 31.63 14.83
N ILE A 268 47.69 30.86 14.98
CA ILE A 268 47.18 30.43 16.28
C ILE A 268 47.25 28.91 16.28
N ALA A 269 48.29 28.37 16.92
CA ALA A 269 48.63 26.97 16.77
C ALA A 269 47.84 26.10 17.73
N PRO A 270 47.77 24.80 17.46
CA PRO A 270 47.23 23.87 18.46
C PRO A 270 48.26 23.56 19.53
N ARG A 271 47.76 23.16 20.70
CA ARG A 271 48.61 22.61 21.74
C ARG A 271 48.73 21.10 21.64
N GLY A 272 47.84 20.44 20.91
CA GLY A 272 47.84 19.00 20.77
C GLY A 272 46.90 18.55 19.68
N TYR A 273 46.20 17.45 19.90
CA TYR A 273 45.25 16.93 18.92
C TYR A 273 44.04 16.36 19.63
N PHE A 274 42.91 16.35 18.92
CA PHE A 274 41.70 15.71 19.40
C PHE A 274 41.59 14.32 18.79
N LYS A 275 41.04 13.39 19.56
CA LYS A 275 40.92 12.00 19.11
C LYS A 275 39.60 11.84 18.35
N ILE A 276 39.67 12.15 17.06
CA ILE A 276 38.50 11.99 16.19
C ILE A 276 38.26 10.51 15.94
N ARG A 277 37.03 10.06 16.15
CA ARG A 277 36.68 8.66 15.95
C ARG A 277 35.20 8.58 15.61
N SER A 278 34.83 7.46 14.97
CA SER A 278 33.43 7.19 14.70
C SER A 278 32.68 6.91 15.99
N GLY A 279 31.42 7.30 16.02
CA GLY A 279 30.63 7.10 17.22
C GLY A 279 29.17 7.36 16.97
N LYS A 280 28.38 7.19 18.03
CA LYS A 280 26.93 7.38 17.97
C LYS A 280 26.50 8.72 18.54
N SER A 281 27.43 9.61 18.83
CA SER A 281 27.10 10.87 19.46
C SER A 281 26.38 11.79 18.47
N SER A 282 25.79 12.86 19.00
CA SER A 282 25.03 13.81 18.21
C SER A 282 24.99 15.13 18.97
N ILE A 283 24.36 16.13 18.36
CA ILE A 283 24.17 17.44 18.98
C ILE A 283 22.73 17.89 18.75
N MET A 284 22.26 18.75 19.65
CA MET A 284 20.92 19.29 19.56
C MET A 284 20.88 20.63 20.28
N ARG A 285 19.85 21.43 20.01
CA ARG A 285 19.71 22.76 20.58
C ARG A 285 18.33 22.87 21.20
N SER A 286 18.28 23.04 22.52
CA SER A 286 17.00 23.05 23.22
C SER A 286 17.08 24.01 24.40
N ASP A 287 16.04 23.99 25.22
CA ASP A 287 15.99 24.84 26.42
C ASP A 287 15.35 24.14 27.61
N ALA A 288 14.98 22.87 27.48
CA ALA A 288 14.29 22.17 28.56
C ALA A 288 15.26 21.81 29.67
N PRO A 289 14.87 21.99 30.94
CA PRO A 289 15.75 21.60 32.05
C PRO A 289 15.94 20.09 32.11
N ILE A 290 17.04 19.69 32.75
CA ILE A 290 17.45 18.30 32.83
C ILE A 290 17.01 17.72 34.17
N GLY A 291 16.33 16.58 34.12
CA GLY A 291 15.91 15.89 35.33
C GLY A 291 16.45 14.47 35.40
N LYS A 292 15.78 13.59 36.16
CA LYS A 292 16.22 12.22 36.33
C LYS A 292 15.05 11.28 36.05
N CYS A 293 15.19 10.47 35.01
CA CYS A 293 14.22 9.46 34.60
C CYS A 293 14.87 8.59 33.55
N LYS A 294 14.12 7.65 32.99
CA LYS A 294 14.61 6.75 31.95
C LYS A 294 13.79 6.98 30.68
N SER A 295 14.49 7.32 29.60
CA SER A 295 13.85 7.58 28.32
C SER A 295 14.82 7.28 27.20
N GLU A 296 14.31 6.76 26.08
CA GLU A 296 15.15 6.32 24.98
C GLU A 296 15.42 7.41 23.95
N CYS A 297 14.49 8.34 23.75
CA CYS A 297 14.63 9.39 22.75
C CYS A 297 14.68 10.74 23.42
N ILE A 298 15.46 11.67 22.84
CA ILE A 298 15.53 13.04 23.32
C ILE A 298 15.17 13.97 22.16
N THR A 299 14.30 14.94 22.44
CA THR A 299 13.78 15.92 21.50
C THR A 299 14.01 17.30 22.12
N PRO A 300 14.10 18.36 21.29
CA PRO A 300 14.21 19.70 21.87
C PRO A 300 13.10 20.07 22.84
N ASN A 301 11.93 19.46 22.72
CA ASN A 301 10.87 19.69 23.70
C ASN A 301 11.16 18.97 25.01
N GLY A 302 11.79 17.80 24.94
CA GLY A 302 12.10 17.04 26.13
C GLY A 302 12.18 15.55 25.81
N SER A 303 11.85 14.74 26.81
CA SER A 303 11.78 13.31 26.59
C SER A 303 10.48 12.95 25.90
N ILE A 304 10.42 11.72 25.38
CA ILE A 304 9.22 11.23 24.71
C ILE A 304 9.25 9.70 24.71
N PRO A 305 8.16 9.04 25.11
CA PRO A 305 8.17 7.57 25.14
C PRO A 305 8.28 6.98 23.74
N ASN A 306 8.87 5.79 23.66
CA ASN A 306 9.04 5.06 22.43
C ASN A 306 7.88 4.11 22.13
N ASP A 307 6.82 4.12 22.94
CA ASP A 307 5.75 3.15 22.85
C ASP A 307 4.74 3.47 21.74
N LYS A 308 5.05 4.35 20.81
CA LYS A 308 4.18 4.67 19.69
C LYS A 308 5.02 4.84 18.44
N PRO A 309 4.46 4.53 17.26
CA PRO A 309 5.28 4.56 16.04
C PRO A 309 5.42 5.92 15.39
N PHE A 310 4.60 6.91 15.76
CA PHE A 310 4.64 8.23 15.14
C PHE A 310 4.68 9.30 16.23
N GLN A 311 4.84 10.55 15.80
CA GLN A 311 4.93 11.65 16.74
C GLN A 311 4.54 12.95 16.05
N ASN A 312 4.21 13.95 16.86
CA ASN A 312 3.96 15.30 16.39
C ASN A 312 4.80 16.34 17.13
N VAL A 313 5.63 15.93 18.08
CA VAL A 313 6.31 16.90 18.94
C VAL A 313 7.28 17.75 18.14
N ASN A 314 8.15 17.11 17.35
CA ASN A 314 9.14 17.84 16.59
C ASN A 314 9.73 16.91 15.55
N ARG A 315 10.50 17.50 14.62
CA ARG A 315 11.14 16.75 13.55
C ARG A 315 12.63 16.52 13.80
N ILE A 316 13.16 17.01 14.91
CA ILE A 316 14.56 16.81 15.27
C ILE A 316 14.60 15.89 16.49
N THR A 317 15.30 14.77 16.37
CA THR A 317 15.32 13.76 17.42
C THR A 317 16.72 13.19 17.56
N TYR A 318 16.99 12.60 18.72
CA TYR A 318 18.16 11.77 18.93
C TYR A 318 17.73 10.49 19.64
N GLY A 319 18.34 9.38 19.25
CA GLY A 319 17.94 8.09 19.74
C GLY A 319 16.99 7.37 18.80
N ALA A 320 16.40 6.30 19.31
CA ALA A 320 15.47 5.48 18.53
C ALA A 320 14.05 6.06 18.59
N CYS A 321 13.93 7.29 18.14
CA CYS A 321 12.65 8.00 18.18
C CYS A 321 11.73 7.54 17.05
N PRO A 322 10.42 7.71 17.23
CA PRO A 322 9.48 7.34 16.16
C PRO A 322 9.56 8.27 14.96
N ARG A 323 8.79 7.95 13.92
CA ARG A 323 8.75 8.78 12.73
C ARG A 323 7.97 10.07 12.98
N TYR A 324 8.28 11.10 12.20
CA TYR A 324 7.58 12.36 12.26
C TYR A 324 6.63 12.49 11.09
N VAL A 325 5.43 12.99 11.36
CA VAL A 325 4.38 13.14 10.36
C VAL A 325 3.79 14.54 10.49
N LYS A 326 2.79 14.83 9.65
CA LYS A 326 2.08 16.10 9.70
C LYS A 326 0.67 15.99 10.23
N GLN A 327 0.06 14.80 10.21
CA GLN A 327 -1.30 14.64 10.67
C GLN A 327 -1.41 15.00 12.14
N SER A 328 -2.44 15.78 12.48
CA SER A 328 -2.67 16.16 13.87
C SER A 328 -2.98 14.94 14.73
N THR A 329 -3.78 14.02 14.21
CA THR A 329 -4.15 12.82 14.95
C THR A 329 -4.22 11.63 13.99
N LEU A 330 -3.98 10.45 14.55
CA LEU A 330 -4.08 9.20 13.82
C LEU A 330 -4.57 8.13 14.78
N LYS A 331 -5.52 7.31 14.34
CA LYS A 331 -6.13 6.29 15.18
C LYS A 331 -6.05 4.95 14.49
N LEU A 332 -5.51 3.96 15.20
CA LEU A 332 -5.50 2.57 14.74
C LEU A 332 -6.65 1.85 15.41
N ALA A 333 -7.42 1.09 14.63
CA ALA A 333 -8.61 0.41 15.12
C ALA A 333 -8.18 -0.83 15.90
N THR A 334 -7.86 -0.62 17.18
CA THR A 334 -7.61 -1.73 18.08
C THR A 334 -8.94 -2.28 18.57
N GLY A 335 -9.78 -2.66 17.63
CA GLY A 335 -11.15 -3.07 17.91
C GLY A 335 -11.93 -3.11 16.62
N MET A 336 -13.18 -3.54 16.73
CA MET A 336 -14.02 -3.73 15.57
C MET A 336 -15.11 -2.67 15.53
N ARG A 337 -15.96 -2.75 14.51
CA ARG A 337 -16.96 -1.73 14.27
C ARG A 337 -17.98 -1.67 15.40
N ASN A 338 -18.55 -0.49 15.60
CA ASN A 338 -19.48 -0.23 16.69
C ASN A 338 -20.85 0.08 16.13
N VAL A 339 -21.86 -0.66 16.59
CA VAL A 339 -23.25 -0.39 16.24
C VAL A 339 -24.02 -0.22 17.54
N PRO A 340 -24.44 0.99 17.89
CA PRO A 340 -25.14 1.18 19.17
C PRO A 340 -26.43 0.38 19.22
N GLU A 341 -26.72 -0.17 20.39
CA GLU A 341 -27.87 -1.06 20.52
C GLU A 341 -29.18 -0.28 20.49
N LYS A 342 -30.11 -0.75 19.66
CA LYS A 342 -31.48 -0.26 19.64
C LYS A 342 -32.36 -1.45 20.03
N GLN A 343 -32.53 -1.64 21.34
CA GLN A 343 -33.30 -2.75 21.86
C GLN A 343 -34.80 -2.50 21.85
N THR A 344 -35.20 -1.23 21.82
CA THR A 344 -36.61 -0.89 21.80
C THR A 344 -37.17 -1.02 20.39
N ARG A 345 -38.29 -1.73 20.26
CA ARG A 345 -38.98 -1.88 18.99
C ARG A 345 -40.47 -1.72 19.30
N GLY A 346 -40.97 -0.49 19.21
CA GLY A 346 -42.34 -0.21 19.55
C GLY A 346 -42.66 -0.58 20.98
N ILE A 347 -43.42 -1.66 21.16
CA ILE A 347 -43.79 -2.14 22.48
C ILE A 347 -43.22 -3.53 22.77
N PHE A 348 -42.84 -4.30 21.76
CA PHE A 348 -42.38 -5.67 21.97
C PHE A 348 -40.88 -5.76 22.29
N GLY A 349 -40.04 -5.10 21.50
CA GLY A 349 -38.61 -5.16 21.69
C GLY A 349 -37.91 -5.93 20.57
N ALA A 350 -36.58 -5.90 20.63
CA ALA A 350 -35.74 -6.51 19.61
C ALA A 350 -34.65 -7.36 20.25
N ILE A 351 -34.24 -8.40 19.54
CA ILE A 351 -33.20 -9.32 20.01
C ILE A 351 -32.14 -9.59 18.97
N ALA A 352 -32.23 -8.98 17.78
CA ALA A 352 -31.32 -9.30 16.69
C ALA A 352 -29.88 -8.90 17.04
N GLY A 353 -28.93 -9.39 16.25
CA GLY A 353 -27.53 -9.15 16.53
C GLY A 353 -26.67 -9.39 15.31
N PHE A 354 -25.60 -8.59 15.21
CA PHE A 354 -24.52 -8.74 14.24
C PHE A 354 -24.93 -8.31 12.83
N ILE A 355 -26.22 -8.09 12.61
CA ILE A 355 -26.72 -7.65 11.31
C ILE A 355 -27.43 -6.30 11.43
N GLU A 356 -28.24 -6.13 12.45
CA GLU A 356 -28.99 -4.90 12.65
C GLU A 356 -28.76 -4.24 14.01
N ASN A 357 -28.04 -4.89 14.93
CA ASN A 357 -27.99 -4.40 16.30
C ASN A 357 -26.74 -4.95 16.99
N GLY A 358 -25.81 -4.06 17.35
CA GLY A 358 -24.73 -4.45 18.24
C GLY A 358 -25.21 -4.57 19.67
N TRP A 359 -24.53 -5.41 20.45
CA TRP A 359 -24.98 -5.75 21.79
C TRP A 359 -24.28 -4.88 22.83
N GLU A 360 -25.08 -4.25 23.70
CA GLU A 360 -24.57 -3.56 24.86
C GLU A 360 -24.59 -4.49 26.08
N GLY A 361 -23.85 -4.09 27.11
CA GLY A 361 -23.83 -4.86 28.35
C GLY A 361 -23.24 -6.25 28.22
N MET A 362 -22.10 -6.38 27.54
CA MET A 362 -21.41 -7.67 27.43
C MET A 362 -19.92 -7.40 27.52
N VAL A 363 -19.35 -7.61 28.71
CA VAL A 363 -17.92 -7.43 28.94
C VAL A 363 -17.20 -8.76 29.07
N ASP A 364 -17.90 -9.89 28.90
CA ASP A 364 -17.25 -11.19 28.98
C ASP A 364 -16.22 -11.36 27.87
N GLY A 365 -16.54 -10.91 26.66
CA GLY A 365 -15.64 -11.03 25.54
C GLY A 365 -16.17 -10.23 24.37
N TRP A 366 -15.47 -10.35 23.23
CA TRP A 366 -15.87 -9.62 22.04
C TRP A 366 -17.08 -10.29 21.37
N TYR A 367 -16.92 -11.54 20.96
CA TYR A 367 -17.99 -12.27 20.30
C TYR A 367 -18.76 -13.09 21.33
N GLY A 368 -20.06 -13.26 21.09
CA GLY A 368 -20.88 -13.94 22.07
C GLY A 368 -22.11 -14.64 21.54
N PHE A 369 -22.93 -15.16 22.44
CA PHE A 369 -24.12 -15.93 22.12
C PHE A 369 -25.28 -15.50 23.00
N ARG A 370 -26.48 -15.69 22.49
CA ARG A 370 -27.70 -15.54 23.25
C ARG A 370 -28.66 -16.64 22.82
N HIS A 371 -29.70 -16.86 23.62
CA HIS A 371 -30.65 -17.91 23.29
C HIS A 371 -31.97 -17.63 23.98
N GLN A 372 -33.03 -18.25 23.44
CA GLN A 372 -34.36 -18.17 24.03
C GLN A 372 -35.00 -19.54 23.95
N ASN A 373 -35.55 -20.00 25.07
CA ASN A 373 -36.20 -21.30 25.15
C ASN A 373 -37.08 -21.28 26.40
N SER A 374 -37.59 -22.46 26.78
CA SER A 374 -38.50 -22.56 27.90
C SER A 374 -37.82 -22.34 29.25
N GLU A 375 -36.50 -22.25 29.29
CA GLU A 375 -35.78 -21.99 30.54
C GLU A 375 -35.32 -20.54 30.67
N GLY A 376 -35.71 -19.68 29.75
CA GLY A 376 -35.44 -18.26 29.89
C GLY A 376 -34.28 -17.80 29.03
N ARG A 377 -34.29 -16.50 28.71
CA ARG A 377 -33.24 -15.90 27.89
C ARG A 377 -31.93 -15.80 28.68
N GLY A 378 -30.82 -15.84 27.96
CA GLY A 378 -29.51 -15.80 28.59
C GLY A 378 -28.47 -15.24 27.66
N GLN A 379 -27.24 -15.24 28.14
CA GLN A 379 -26.10 -14.71 27.38
C GLN A 379 -24.84 -15.47 27.76
N ALA A 380 -23.94 -15.60 26.79
CA ALA A 380 -22.68 -16.29 27.01
C ALA A 380 -21.64 -15.73 26.04
N ALA A 381 -20.39 -16.14 26.23
CA ALA A 381 -19.30 -15.68 25.40
C ALA A 381 -18.47 -16.86 24.90
N ASP A 382 -17.88 -16.69 23.72
CA ASP A 382 -16.98 -17.68 23.13
C ASP A 382 -15.55 -17.25 23.38
N LEU A 383 -14.83 -18.01 24.21
CA LEU A 383 -13.47 -17.63 24.57
C LEU A 383 -12.49 -17.89 23.42
N LYS A 384 -12.73 -18.93 22.61
CA LYS A 384 -11.79 -19.28 21.55
C LYS A 384 -11.71 -18.20 20.48
N SER A 385 -12.87 -17.77 19.97
CA SER A 385 -12.89 -16.77 18.91
C SER A 385 -12.33 -15.44 19.39
N THR A 386 -12.75 -14.98 20.58
CA THR A 386 -12.25 -13.72 21.08
C THR A 386 -10.77 -13.80 21.40
N GLN A 387 -10.28 -14.97 21.85
CA GLN A 387 -8.86 -15.11 22.11
C GLN A 387 -8.05 -15.06 20.82
N ALA A 388 -8.54 -15.72 19.77
CA ALA A 388 -7.86 -15.64 18.49
C ALA A 388 -7.84 -14.20 17.97
N ALA A 389 -8.96 -13.49 18.08
CA ALA A 389 -9.01 -12.10 17.64
C ALA A 389 -8.05 -11.23 18.44
N ILE A 390 -8.02 -11.42 19.77
CA ILE A 390 -7.15 -10.62 20.61
C ILE A 390 -5.69 -10.92 20.31
N ASP A 391 -5.34 -12.19 20.09
CA ASP A 391 -3.96 -12.53 19.74
C ASP A 391 -3.54 -11.89 18.43
N GLN A 392 -4.41 -11.95 17.42
CA GLN A 392 -4.09 -11.32 16.14
C GLN A 392 -3.94 -9.81 16.28
N ILE A 393 -4.84 -9.18 17.04
CA ILE A 393 -4.78 -7.74 17.24
C ILE A 393 -3.49 -7.36 17.97
N ASN A 394 -3.13 -8.12 19.01
CA ASN A 394 -1.93 -7.82 19.77
C ASN A 394 -0.67 -8.02 18.94
N GLY A 395 -0.65 -9.05 18.09
CA GLY A 395 0.48 -9.23 17.19
C GLY A 395 0.60 -8.07 16.20
N LYS A 396 -0.53 -7.65 15.64
CA LYS A 396 -0.53 -6.51 14.72
C LYS A 396 -0.02 -5.26 15.42
N LEU A 397 -0.42 -5.06 16.68
CA LEU A 397 -0.01 -3.86 17.40
C LEU A 397 1.47 -3.91 17.79
N ASN A 398 1.95 -5.08 18.21
CA ASN A 398 3.37 -5.26 18.54
C ASN A 398 4.26 -5.20 17.32
N ARG A 399 3.70 -5.37 16.12
CA ARG A 399 4.51 -5.20 14.91
C ARG A 399 5.12 -3.80 14.83
N LEU A 400 4.35 -2.78 15.21
CA LEU A 400 4.81 -1.39 15.10
C LEU A 400 5.50 -0.90 16.36
N ILE A 401 4.89 -1.13 17.52
CA ILE A 401 5.36 -0.52 18.76
C ILE A 401 6.67 -1.16 19.19
N GLY A 402 7.67 -0.32 19.47
CA GLY A 402 8.95 -0.78 19.99
C GLY A 402 9.95 -1.21 18.95
N LYS A 403 9.61 -1.15 17.66
CA LYS A 403 10.49 -1.57 16.59
C LYS A 403 11.10 -0.40 15.82
N THR A 404 11.42 0.69 16.53
CA THR A 404 12.02 1.85 15.90
C THR A 404 13.49 1.58 15.56
N ASN A 405 14.06 2.43 14.73
CA ASN A 405 15.44 2.29 14.26
C ASN A 405 16.26 3.49 14.70
N GLU A 406 17.55 3.26 14.93
CA GLU A 406 18.43 4.30 15.43
C GLU A 406 18.66 5.38 14.36
N LYS A 407 18.63 6.64 14.79
CA LYS A 407 18.81 7.79 13.92
C LYS A 407 19.75 8.78 14.59
N PHE A 408 20.92 8.29 15.02
CA PHE A 408 21.79 9.07 15.92
C PHE A 408 22.15 10.43 15.32
N HIS A 409 22.67 10.45 14.11
CA HIS A 409 23.17 11.69 13.51
C HIS A 409 22.41 11.99 12.23
N GLN A 410 21.95 13.24 12.09
CA GLN A 410 21.22 13.70 10.92
C GLN A 410 21.66 15.11 10.60
N ILE A 411 21.12 15.66 9.51
CA ILE A 411 21.43 17.02 9.10
C ILE A 411 20.65 18.00 9.96
N GLU A 412 21.03 19.27 9.92
CA GLU A 412 20.32 20.30 10.68
C GLU A 412 19.00 20.63 9.99
N LYS A 413 17.91 20.59 10.76
CA LYS A 413 16.57 20.75 10.20
C LYS A 413 15.93 22.08 10.59
N GLU A 414 16.65 22.97 11.26
CA GLU A 414 16.16 24.30 11.57
C GLU A 414 17.23 25.32 11.22
N PHE A 415 16.77 26.50 10.78
CA PHE A 415 17.68 27.55 10.35
C PHE A 415 17.19 28.90 10.86
N SER A 416 18.14 29.83 11.00
CA SER A 416 17.84 31.19 11.44
C SER A 416 18.52 32.21 10.54
N GLU A 417 18.77 31.85 9.29
CA GLU A 417 19.49 32.70 8.36
C GLU A 417 19.21 32.23 6.95
N VAL A 418 19.32 33.15 5.99
CA VAL A 418 19.28 32.83 4.57
C VAL A 418 20.71 32.57 4.11
N GLU A 419 20.91 31.44 3.42
CA GLU A 419 22.26 30.98 3.14
C GLU A 419 22.49 30.77 1.66
N GLY A 420 21.49 30.29 0.94
CA GLY A 420 21.63 30.08 -0.49
C GLY A 420 20.97 28.83 -1.03
N ARG A 421 21.68 28.10 -1.89
CA ARG A 421 21.11 26.96 -2.57
C ARG A 421 21.24 25.66 -1.78
N ILE A 422 22.32 25.49 -1.01
CA ILE A 422 22.50 24.26 -0.25
C ILE A 422 21.49 24.20 0.90
N GLN A 423 21.25 25.32 1.56
CA GLN A 423 20.23 25.38 2.61
C GLN A 423 18.85 25.10 2.04
N ASP A 424 18.56 25.66 0.87
CA ASP A 424 17.27 25.40 0.22
C ASP A 424 17.15 23.92 -0.15
N LEU A 425 18.24 23.31 -0.61
CA LEU A 425 18.20 21.89 -0.93
C LEU A 425 17.95 21.05 0.32
N GLU A 426 18.59 21.41 1.43
CA GLU A 426 18.34 20.67 2.68
C GLU A 426 16.90 20.81 3.13
N LYS A 427 16.35 22.03 3.05
CA LYS A 427 14.94 22.22 3.39
C LYS A 427 14.04 21.41 2.46
N TYR A 428 14.37 21.38 1.17
CA TYR A 428 13.56 20.66 0.20
C TYR A 428 13.58 19.15 0.47
N VAL A 429 14.76 18.59 0.76
CA VAL A 429 14.83 17.16 1.02
C VAL A 429 14.12 16.82 2.33
N GLU A 430 14.24 17.70 3.34
CA GLU A 430 13.49 17.49 4.57
C GLU A 430 11.99 17.47 4.33
N ASP A 431 11.50 18.44 3.55
CA ASP A 431 10.08 18.51 3.26
C ASP A 431 9.60 17.30 2.46
N THR A 432 10.39 16.88 1.47
CA THR A 432 9.99 15.71 0.68
C THR A 432 9.96 14.45 1.53
N LYS A 433 10.96 14.28 2.41
CA LYS A 433 10.95 13.12 3.29
C LYS A 433 9.75 13.13 4.23
N ILE A 434 9.45 14.30 4.81
CA ILE A 434 8.32 14.40 5.73
C ILE A 434 7.01 14.12 5.00
N ASP A 435 6.85 14.65 3.79
CA ASP A 435 5.62 14.43 3.03
C ASP A 435 5.48 12.96 2.65
N LEU A 436 6.56 12.33 2.20
CA LEU A 436 6.51 10.92 1.84
C LEU A 436 6.16 10.06 3.06
N TRP A 437 6.76 10.35 4.20
CA TRP A 437 6.46 9.55 5.39
C TRP A 437 5.06 9.81 5.91
N SER A 438 4.55 11.04 5.76
CA SER A 438 3.17 11.31 6.14
C SER A 438 2.19 10.53 5.26
N TYR A 439 2.44 10.50 3.95
CA TYR A 439 1.58 9.71 3.07
C TYR A 439 1.68 8.23 3.41
N ASN A 440 2.89 7.75 3.68
CA ASN A 440 3.07 6.35 4.04
C ASN A 440 2.33 6.01 5.32
N ALA A 441 2.40 6.89 6.32
CA ALA A 441 1.71 6.64 7.58
C ALA A 441 0.20 6.62 7.38
N GLU A 442 -0.33 7.57 6.62
CA GLU A 442 -1.78 7.61 6.39
C GLU A 442 -2.23 6.36 5.64
N LEU A 443 -1.49 5.95 4.61
CA LEU A 443 -1.85 4.75 3.86
C LEU A 443 -1.76 3.51 4.73
N LEU A 444 -0.72 3.42 5.57
CA LEU A 444 -0.58 2.26 6.45
C LEU A 444 -1.73 2.18 7.45
N VAL A 445 -2.11 3.33 8.03
CA VAL A 445 -3.21 3.34 8.98
C VAL A 445 -4.51 2.94 8.28
N ALA A 446 -4.76 3.47 7.08
CA ALA A 446 -5.98 3.12 6.36
C ALA A 446 -6.01 1.63 6.03
N LEU A 447 -4.89 1.09 5.55
CA LEU A 447 -4.84 -0.33 5.20
C LEU A 447 -5.07 -1.20 6.43
N GLU A 448 -4.39 -0.88 7.54
CA GLU A 448 -4.53 -1.69 8.73
C GLU A 448 -5.94 -1.61 9.31
N ASN A 449 -6.55 -0.42 9.29
CA ASN A 449 -7.93 -0.30 9.75
C ASN A 449 -8.88 -1.11 8.87
N GLN A 450 -8.72 -1.02 7.54
CA GLN A 450 -9.58 -1.78 6.64
C GLN A 450 -9.44 -3.28 6.88
N HIS A 451 -8.20 -3.76 7.00
CA HIS A 451 -7.97 -5.18 7.20
C HIS A 451 -8.45 -5.64 8.57
N THR A 452 -8.31 -4.82 9.61
CA THR A 452 -8.82 -5.19 10.92
C THR A 452 -10.33 -5.26 10.95
N ILE A 453 -11.00 -4.26 10.35
CA ILE A 453 -12.46 -4.25 10.34
C ILE A 453 -13.00 -5.41 9.53
N ASP A 454 -12.32 -5.79 8.44
CA ASP A 454 -12.78 -6.93 7.66
C ASP A 454 -12.42 -8.26 8.32
N LEU A 455 -11.30 -8.33 9.04
CA LEU A 455 -10.93 -9.55 9.75
C LEU A 455 -11.91 -9.85 10.87
N THR A 456 -12.22 -8.84 11.69
CA THR A 456 -13.14 -9.00 12.81
C THR A 456 -14.59 -9.09 12.36
N ASP A 457 -14.84 -9.10 11.06
CA ASP A 457 -16.16 -9.37 10.52
C ASP A 457 -16.23 -10.70 9.77
N SER A 458 -15.14 -11.09 9.09
CA SER A 458 -15.05 -12.43 8.53
C SER A 458 -14.92 -13.48 9.62
N GLU A 459 -14.36 -13.10 10.78
CA GLU A 459 -14.30 -14.03 11.90
C GLU A 459 -15.67 -14.23 12.55
N MET A 460 -16.62 -13.33 12.27
CA MET A 460 -17.99 -13.53 12.72
C MET A 460 -18.90 -14.09 11.64
N ASN A 461 -18.58 -13.89 10.36
CA ASN A 461 -19.19 -14.71 9.32
C ASN A 461 -18.81 -16.16 9.50
N LYS A 462 -17.54 -16.41 9.81
CA LYS A 462 -17.15 -17.68 10.41
C LYS A 462 -17.71 -17.76 11.82
N LEU A 463 -17.93 -18.99 12.29
CA LEU A 463 -18.61 -19.28 13.55
C LEU A 463 -20.11 -19.03 13.40
N PHE A 464 -20.50 -18.40 12.29
CA PHE A 464 -21.90 -18.38 11.87
C PHE A 464 -22.14 -19.45 10.82
N GLU A 465 -21.29 -19.49 9.79
CA GLU A 465 -21.29 -20.62 8.87
C GLU A 465 -20.96 -21.90 9.58
N LYS A 466 -20.04 -21.86 10.55
CA LYS A 466 -19.69 -23.06 11.30
C LYS A 466 -20.88 -23.59 12.10
N THR A 467 -21.61 -22.69 12.77
CA THR A 467 -22.80 -23.13 13.49
C THR A 467 -23.88 -23.63 12.54
N LYS A 468 -24.00 -23.01 11.36
CA LYS A 468 -24.95 -23.49 10.38
C LYS A 468 -24.60 -24.91 9.92
N LYS A 469 -23.30 -25.17 9.71
CA LYS A 469 -22.87 -26.52 9.34
C LYS A 469 -23.13 -27.51 10.47
N GLN A 470 -22.87 -27.10 11.71
CA GLN A 470 -23.11 -28.00 12.84
C GLN A 470 -24.60 -28.36 12.96
N LEU A 471 -25.48 -27.37 12.79
CA LEU A 471 -26.91 -27.62 12.90
C LEU A 471 -27.48 -28.29 11.66
N ARG A 472 -26.79 -28.21 10.52
CA ARG A 472 -27.22 -28.85 9.28
C ARG A 472 -28.64 -28.45 8.90
N GLU A 473 -29.56 -29.41 8.91
CA GLU A 473 -30.94 -29.20 8.51
C GLU A 473 -31.85 -28.82 9.68
N ASN A 474 -31.31 -28.70 10.88
CA ASN A 474 -32.13 -28.47 12.07
C ASN A 474 -32.37 -26.99 12.36
N ALA A 475 -31.71 -26.08 11.66
CA ALA A 475 -31.87 -24.66 11.90
C ALA A 475 -32.05 -23.91 10.58
N GLU A 476 -32.80 -22.81 10.65
CA GLU A 476 -33.05 -21.98 9.48
C GLU A 476 -32.63 -20.55 9.78
N ASP A 477 -31.88 -19.94 8.87
CA ASP A 477 -31.39 -18.59 9.08
C ASP A 477 -32.55 -17.60 8.96
N MET A 478 -32.85 -16.91 10.06
CA MET A 478 -33.93 -15.93 10.04
C MET A 478 -33.61 -14.75 9.15
N GLY A 479 -32.33 -14.42 9.00
CA GLY A 479 -31.92 -13.30 8.18
C GLY A 479 -31.73 -12.00 8.93
N ASN A 480 -32.26 -11.88 10.14
CA ASN A 480 -32.06 -10.69 10.95
C ASN A 480 -30.73 -10.71 11.70
N GLY A 481 -29.97 -11.80 11.59
CA GLY A 481 -28.67 -11.86 12.22
C GLY A 481 -28.29 -13.21 12.78
N CYS A 482 -29.25 -14.14 12.85
CA CYS A 482 -28.97 -15.41 13.52
C CYS A 482 -30.05 -16.42 13.15
N PHE A 483 -29.99 -17.58 13.82
CA PHE A 483 -30.75 -18.76 13.44
C PHE A 483 -32.08 -18.86 14.17
N LYS A 484 -32.90 -19.81 13.71
CA LYS A 484 -34.07 -20.29 14.44
C LYS A 484 -34.00 -21.81 14.40
N ILE A 485 -33.89 -22.42 15.58
CA ILE A 485 -33.75 -23.87 15.68
C ILE A 485 -35.12 -24.48 15.90
N TYR A 486 -35.44 -25.51 15.12
CA TYR A 486 -36.80 -26.06 15.06
C TYR A 486 -37.00 -27.28 15.95
N HIS A 487 -36.04 -27.65 16.78
CA HIS A 487 -36.23 -28.72 17.74
C HIS A 487 -36.30 -28.16 19.15
N LYS A 488 -36.75 -29.00 20.08
CA LYS A 488 -36.95 -28.59 21.48
C LYS A 488 -35.60 -28.55 22.18
N CYS A 489 -34.88 -27.44 21.98
CA CYS A 489 -33.59 -27.24 22.60
C CYS A 489 -33.76 -26.81 24.05
N ASP A 490 -32.80 -27.22 24.88
CA ASP A 490 -32.81 -26.87 26.30
C ASP A 490 -31.48 -26.24 26.70
N ASN A 491 -31.26 -26.06 28.00
CA ASN A 491 -30.04 -25.42 28.47
C ASN A 491 -28.80 -26.23 28.13
N ALA A 492 -28.92 -27.53 27.90
CA ALA A 492 -27.79 -28.36 27.53
C ALA A 492 -27.48 -28.32 26.04
N CYS A 493 -28.52 -28.23 25.20
CA CYS A 493 -28.29 -28.18 23.75
C CYS A 493 -27.55 -26.91 23.35
N ILE A 494 -27.88 -25.78 23.97
CA ILE A 494 -27.17 -24.53 23.67
C ILE A 494 -25.69 -24.66 24.02
N GLY A 495 -25.40 -25.21 25.20
CA GLY A 495 -24.01 -25.42 25.58
C GLY A 495 -23.28 -26.37 24.65
N SER A 496 -23.97 -27.43 24.22
CA SER A 496 -23.36 -28.37 23.28
C SER A 496 -23.05 -27.69 21.95
N ILE A 497 -23.96 -26.84 21.46
CA ILE A 497 -23.70 -26.10 20.23
C ILE A 497 -22.51 -25.16 20.41
N ARG A 498 -22.43 -24.51 21.57
CA ARG A 498 -21.30 -23.61 21.83
C ARG A 498 -19.99 -24.37 21.86
N ASN A 499 -19.98 -25.58 22.44
CA ASN A 499 -18.74 -26.34 22.55
C ASN A 499 -18.27 -26.90 21.23
N GLY A 500 -19.19 -27.27 20.34
CA GLY A 500 -18.85 -28.02 19.15
C GLY A 500 -19.13 -29.50 19.23
N THR A 501 -19.61 -29.99 20.38
CA THR A 501 -19.97 -31.39 20.56
C THR A 501 -21.31 -31.74 19.94
N TYR A 502 -22.09 -30.75 19.52
CA TYR A 502 -23.46 -30.97 19.09
C TYR A 502 -23.53 -31.99 17.95
N ASP A 503 -24.41 -32.97 18.11
CA ASP A 503 -24.63 -34.03 17.13
C ASP A 503 -26.04 -33.86 16.56
N HIS A 504 -26.11 -33.52 15.27
CA HIS A 504 -27.39 -33.17 14.66
C HIS A 504 -28.25 -34.38 14.36
N ASN A 505 -27.67 -35.59 14.34
CA ASN A 505 -28.43 -36.77 13.94
C ASN A 505 -29.51 -37.12 14.95
N VAL A 506 -29.34 -36.74 16.21
CA VAL A 506 -30.33 -37.08 17.23
C VAL A 506 -31.63 -36.29 17.02
N TYR A 507 -31.50 -34.99 16.79
CA TYR A 507 -32.67 -34.11 16.67
C TYR A 507 -33.10 -33.88 15.23
N ARG A 508 -32.34 -34.39 14.25
CA ARG A 508 -32.71 -34.23 12.85
C ARG A 508 -33.98 -34.99 12.49
N ASP A 509 -34.38 -35.97 13.31
CA ASP A 509 -35.61 -36.68 13.07
C ASP A 509 -36.84 -35.83 13.31
N GLU A 510 -36.77 -34.87 14.25
CA GLU A 510 -37.90 -34.01 14.55
C GLU A 510 -37.76 -32.59 14.00
N ALA A 511 -36.54 -32.15 13.68
CA ALA A 511 -36.38 -30.81 13.13
C ALA A 511 -37.10 -30.67 11.79
N LEU A 512 -36.94 -31.66 10.90
CA LEU A 512 -37.63 -31.60 9.62
C LEU A 512 -39.12 -31.85 9.78
N ASN A 513 -39.51 -32.61 10.80
CA ASN A 513 -40.92 -32.78 11.11
C ASN A 513 -41.56 -31.47 11.53
N ASN A 514 -40.81 -30.61 12.23
CA ASN A 514 -41.36 -29.32 12.65
C ASN A 514 -41.30 -28.29 11.54
N ARG A 515 -40.24 -28.29 10.73
CA ARG A 515 -40.04 -27.22 9.75
C ARG A 515 -40.64 -27.50 8.38
N PHE A 516 -40.86 -28.77 8.02
CA PHE A 516 -41.36 -29.14 6.70
C PHE A 516 -42.73 -29.79 6.76
N GLN A 517 -43.59 -29.33 7.66
CA GLN A 517 -44.95 -29.84 7.75
C GLN A 517 -45.95 -28.72 7.93
N VAL B 2 -22.94 3.65 32.65
CA VAL B 2 -24.39 3.55 32.82
C VAL B 2 -24.77 3.99 34.23
N GLN B 3 -25.46 5.13 34.31
CA GLN B 3 -25.85 5.71 35.59
C GLN B 3 -27.16 6.47 35.44
N LEU B 4 -28.00 6.38 36.46
CA LEU B 4 -29.28 7.09 36.51
C LEU B 4 -29.33 7.92 37.77
N VAL B 5 -29.48 9.24 37.61
CA VAL B 5 -29.63 10.15 38.74
C VAL B 5 -31.06 10.67 38.75
N GLN B 6 -31.49 11.18 39.90
CA GLN B 6 -32.87 11.62 40.07
C GLN B 6 -32.91 12.93 40.81
N SER B 7 -34.09 13.56 40.80
CA SER B 7 -34.34 14.77 41.60
C SER B 7 -35.75 14.64 42.17
N GLY B 8 -35.84 14.23 43.44
CA GLY B 8 -37.12 13.99 44.08
C GLY B 8 -37.21 14.48 45.51
N ALA B 9 -36.52 15.56 45.84
CA ALA B 9 -36.44 16.02 47.22
C ALA B 9 -37.56 16.99 47.61
N GLU B 10 -38.52 17.24 46.71
CA GLU B 10 -39.59 18.18 47.02
C GLU B 10 -40.66 17.51 47.87
N VAL B 11 -41.44 18.36 48.57
CA VAL B 11 -42.54 17.91 49.41
C VAL B 11 -43.76 18.75 49.08
N LYS B 12 -44.93 18.11 49.03
CA LYS B 12 -46.16 18.78 48.64
C LYS B 12 -47.29 18.40 49.61
N LYS B 13 -48.26 19.29 49.71
CA LYS B 13 -49.48 19.03 50.49
C LYS B 13 -50.40 18.09 49.73
N PRO B 14 -51.30 17.40 50.44
CA PRO B 14 -52.24 16.50 49.76
C PRO B 14 -53.11 17.27 48.76
N GLY B 15 -53.39 16.61 47.64
CA GLY B 15 -54.17 17.21 46.57
C GLY B 15 -53.36 17.99 45.56
N ALA B 16 -52.06 18.18 45.79
CA ALA B 16 -51.21 18.93 44.88
C ALA B 16 -50.56 17.97 43.87
N SER B 17 -49.58 18.47 43.12
CA SER B 17 -48.87 17.70 42.12
C SER B 17 -47.38 17.65 42.44
N VAL B 18 -46.75 16.54 42.09
CA VAL B 18 -45.33 16.32 42.32
C VAL B 18 -44.66 15.93 41.02
N LYS B 19 -43.54 16.59 40.71
CA LYS B 19 -42.74 16.31 39.53
C LYS B 19 -41.42 15.69 39.96
N VAL B 20 -41.04 14.58 39.32
CA VAL B 20 -39.77 13.92 39.58
C VAL B 20 -39.05 13.70 38.26
N SER B 21 -37.75 13.95 38.25
CA SER B 21 -36.95 13.86 37.03
C SER B 21 -35.87 12.80 37.18
N CYS B 22 -35.71 12.02 36.11
CA CYS B 22 -34.69 10.97 36.05
C CYS B 22 -33.81 11.24 34.84
N LYS B 23 -32.51 11.39 35.08
CA LYS B 23 -31.53 11.70 34.05
C LYS B 23 -30.62 10.49 33.86
N ALA B 24 -30.40 10.11 32.62
CA ALA B 24 -29.63 8.92 32.27
C ALA B 24 -28.34 9.32 31.57
N SER B 25 -27.26 8.58 31.87
CA SER B 25 -25.98 8.85 31.22
C SER B 25 -25.21 7.54 31.11
N GLY B 26 -24.22 7.54 30.22
CA GLY B 26 -23.37 6.39 30.02
C GLY B 26 -23.92 5.32 29.09
N TYR B 27 -25.08 5.54 28.48
CA TYR B 27 -25.64 4.58 27.55
C TYR B 27 -26.58 5.31 26.60
N THR B 28 -26.90 4.64 25.49
CA THR B 28 -27.81 5.23 24.51
C THR B 28 -29.19 5.38 25.11
N PHE B 29 -29.67 6.63 25.20
CA PHE B 29 -30.88 6.92 25.96
C PHE B 29 -32.10 6.22 25.38
N THR B 30 -32.26 6.27 24.06
CA THR B 30 -33.46 5.76 23.40
C THR B 30 -33.41 4.25 23.13
N GLY B 31 -32.54 3.51 23.82
CA GLY B 31 -32.38 2.11 23.50
C GLY B 31 -32.97 1.12 24.49
N PHE B 32 -33.39 1.59 25.67
CA PHE B 32 -33.84 0.69 26.72
C PHE B 32 -35.10 1.23 27.37
N TYR B 33 -35.97 0.31 27.80
CA TYR B 33 -37.18 0.67 28.53
C TYR B 33 -36.80 1.24 29.90
N LEU B 34 -37.40 2.38 30.25
CA LEU B 34 -37.20 2.93 31.59
C LEU B 34 -38.40 2.60 32.46
N HIS B 35 -38.13 2.22 33.71
CA HIS B 35 -39.15 1.80 34.64
C HIS B 35 -39.24 2.75 35.82
N TRP B 36 -40.46 2.93 36.32
CA TRP B 36 -40.72 3.73 37.51
C TRP B 36 -41.37 2.83 38.55
N VAL B 37 -40.77 2.80 39.75
CA VAL B 37 -41.23 1.98 40.86
C VAL B 37 -41.15 2.84 42.12
N ARG B 38 -41.85 2.43 43.18
CA ARG B 38 -41.76 3.12 44.46
C ARG B 38 -41.73 2.12 45.60
N GLN B 39 -41.17 2.57 46.73
CA GLN B 39 -41.07 1.76 47.93
C GLN B 39 -41.50 2.56 49.14
N ALA B 40 -42.33 1.95 49.99
CA ALA B 40 -42.78 2.51 51.25
C ALA B 40 -42.26 1.67 52.41
N PRO B 41 -42.08 2.26 53.58
CA PRO B 41 -41.53 1.49 54.71
C PRO B 41 -42.46 0.34 55.10
N GLY B 42 -41.85 -0.81 55.40
CA GLY B 42 -42.58 -1.98 55.83
C GLY B 42 -43.27 -2.75 54.72
N GLN B 43 -43.15 -2.32 53.47
CA GLN B 43 -43.83 -2.95 52.35
C GLN B 43 -42.82 -3.31 51.27
N GLY B 44 -43.21 -4.25 50.41
CA GLY B 44 -42.41 -4.57 49.25
C GLY B 44 -42.49 -3.50 48.18
N LEU B 45 -41.54 -3.55 47.25
CA LEU B 45 -41.51 -2.57 46.17
C LEU B 45 -42.76 -2.70 45.30
N GLU B 46 -43.40 -1.58 45.02
CA GLU B 46 -44.62 -1.53 44.21
C GLU B 46 -44.27 -0.93 42.86
N TRP B 47 -44.29 -1.76 41.81
CA TRP B 47 -43.95 -1.32 40.47
C TRP B 47 -45.09 -0.48 39.90
N MET B 48 -44.72 0.58 39.18
CA MET B 48 -45.69 1.53 38.66
C MET B 48 -45.85 1.42 37.14
N GLY B 49 -44.78 1.58 36.38
CA GLY B 49 -44.96 1.60 34.93
C GLY B 49 -43.63 1.64 34.19
N TRP B 50 -43.74 1.59 32.87
CA TRP B 50 -42.58 1.69 32.00
C TRP B 50 -42.85 2.60 30.82
N ILE B 51 -41.78 3.19 30.31
CA ILE B 51 -41.81 4.18 29.23
C ILE B 51 -40.69 3.86 28.25
N ASN B 52 -41.00 3.96 26.96
CA ASN B 52 -40.01 3.79 25.91
C ASN B 52 -39.52 5.16 25.46
N PRO B 53 -38.27 5.53 25.71
CA PRO B 53 -37.79 6.86 25.31
C PRO B 53 -37.74 7.10 23.81
N HIS B 54 -37.76 6.04 22.99
CA HIS B 54 -37.75 6.21 21.55
C HIS B 54 -39.07 6.72 21.00
N SER B 55 -40.15 6.61 21.77
CA SER B 55 -41.47 7.01 21.31
C SER B 55 -42.25 7.54 22.52
N GLY B 56 -43.56 7.63 22.38
CA GLY B 56 -44.41 8.04 23.48
C GLY B 56 -45.15 6.90 24.17
N ASP B 57 -44.86 5.66 23.81
CA ASP B 57 -45.60 4.53 24.35
C ASP B 57 -45.27 4.33 25.82
N THR B 58 -46.33 4.17 26.63
CA THR B 58 -46.18 3.94 28.06
C THR B 58 -47.09 2.79 28.47
N ASP B 59 -46.78 2.18 29.61
CA ASP B 59 -47.65 1.16 30.19
C ASP B 59 -47.65 1.32 31.70
N PHE B 60 -48.82 1.09 32.30
CA PHE B 60 -49.05 1.32 33.73
C PHE B 60 -49.46 0.03 34.40
N ALA B 61 -49.59 0.10 35.73
CA ALA B 61 -50.01 -1.04 36.53
C ALA B 61 -51.53 -1.15 36.54
N GLN B 62 -52.05 -2.01 37.41
CA GLN B 62 -53.50 -2.26 37.46
C GLN B 62 -54.26 -1.19 38.22
N LYS B 63 -53.58 -0.35 39.01
CA LYS B 63 -54.26 0.66 39.80
C LYS B 63 -53.67 2.05 39.62
N PHE B 64 -52.80 2.25 38.63
CA PHE B 64 -52.19 3.54 38.36
C PHE B 64 -52.61 4.11 37.00
N GLN B 65 -53.89 3.96 36.67
CA GLN B 65 -54.44 4.49 35.43
C GLN B 65 -54.98 5.89 35.68
N GLY B 66 -54.42 6.87 34.98
CA GLY B 66 -54.89 8.25 35.02
C GLY B 66 -54.26 9.14 36.06
N LYS B 67 -53.90 8.59 37.22
CA LYS B 67 -53.37 9.39 38.32
C LYS B 67 -51.88 9.71 38.18
N VAL B 68 -51.17 9.07 37.26
CA VAL B 68 -49.74 9.30 37.07
C VAL B 68 -49.45 9.36 35.57
N THR B 69 -48.56 10.27 35.19
CA THR B 69 -48.14 10.40 33.80
C THR B 69 -46.62 10.51 33.75
N MET B 70 -46.04 10.22 32.58
CA MET B 70 -44.63 10.41 32.37
C MET B 70 -44.37 10.84 30.93
N THR B 71 -43.31 11.62 30.74
CA THR B 71 -42.91 12.12 29.44
C THR B 71 -41.39 12.05 29.33
N ARG B 72 -40.89 12.20 28.10
CA ARG B 72 -39.47 12.10 27.84
C ARG B 72 -39.00 13.29 27.00
N ASP B 73 -37.74 13.68 27.22
CA ASP B 73 -37.07 14.69 26.40
C ASP B 73 -35.79 14.05 25.87
N THR B 74 -35.78 13.79 24.56
CA THR B 74 -34.63 13.13 23.93
C THR B 74 -33.47 14.10 23.75
N SER B 75 -33.76 15.38 23.47
CA SER B 75 -32.70 16.36 23.27
C SER B 75 -31.86 16.55 24.51
N SER B 76 -32.46 16.40 25.70
CA SER B 76 -31.73 16.50 26.96
C SER B 76 -31.63 15.15 27.67
N ASN B 77 -31.97 14.07 26.96
CA ASN B 77 -31.88 12.70 27.46
C ASN B 77 -32.34 12.56 28.90
N THR B 78 -33.61 12.87 29.14
CA THR B 78 -34.16 12.80 30.49
C THR B 78 -35.62 12.41 30.42
N VAL B 79 -36.17 11.98 31.56
CA VAL B 79 -37.59 11.67 31.66
C VAL B 79 -38.16 12.36 32.88
N TYR B 80 -39.45 12.68 32.82
CA TYR B 80 -40.18 13.30 33.91
C TYR B 80 -41.42 12.48 34.22
N MET B 81 -41.75 12.42 35.51
CA MET B 81 -42.97 11.77 35.98
C MET B 81 -43.76 12.77 36.82
N ASP B 82 -45.03 12.96 36.46
CA ASP B 82 -45.94 13.86 37.15
C ASP B 82 -47.01 13.02 37.85
N VAL B 83 -47.12 13.18 39.15
CA VAL B 83 -48.11 12.47 39.94
C VAL B 83 -49.02 13.49 40.63
N ASN B 84 -50.32 13.29 40.51
CA ASN B 84 -51.31 14.17 41.13
C ASN B 84 -52.17 13.36 42.08
N ARG B 85 -53.07 14.05 42.77
CA ARG B 85 -53.98 13.45 43.75
C ARG B 85 -53.18 12.75 44.85
N LEU B 86 -52.36 13.53 45.55
CA LEU B 86 -51.55 12.98 46.64
C LEU B 86 -52.44 12.53 47.79
N THR B 87 -52.07 11.41 48.39
CA THR B 87 -52.80 10.85 49.53
C THR B 87 -51.78 10.36 50.55
N SER B 88 -52.23 10.24 51.80
CA SER B 88 -51.34 9.85 52.89
C SER B 88 -50.68 8.50 52.62
N ASP B 89 -51.37 7.60 51.91
CA ASP B 89 -50.83 6.28 51.63
C ASP B 89 -49.83 6.27 50.48
N ASP B 90 -49.65 7.39 49.78
CA ASP B 90 -48.73 7.47 48.65
C ASP B 90 -47.40 8.13 49.01
N THR B 91 -47.11 8.26 50.30
CA THR B 91 -45.83 8.80 50.74
C THR B 91 -44.78 7.70 50.68
N ALA B 92 -43.86 7.81 49.73
CA ALA B 92 -42.88 6.75 49.49
C ALA B 92 -41.69 7.34 48.74
N VAL B 93 -40.67 6.50 48.54
CA VAL B 93 -39.45 6.88 47.83
C VAL B 93 -39.51 6.27 46.43
N TYR B 94 -39.22 7.09 45.42
CA TYR B 94 -39.41 6.72 44.02
C TYR B 94 -38.07 6.32 43.40
N TYR B 95 -38.04 5.15 42.77
CA TYR B 95 -36.86 4.63 42.10
C TYR B 95 -37.06 4.59 40.59
N CYS B 96 -35.98 4.92 39.88
CA CYS B 96 -35.91 4.92 38.43
C CYS B 96 -35.00 3.78 38.00
N VAL B 97 -35.42 3.02 36.99
CA VAL B 97 -34.77 1.78 36.61
C VAL B 97 -34.50 1.77 35.11
N LYS B 98 -33.34 1.25 34.71
CA LYS B 98 -33.02 1.05 33.30
C LYS B 98 -33.12 -0.45 33.03
N ASN B 99 -34.28 -0.89 32.55
CA ASN B 99 -34.53 -2.30 32.30
C ASN B 99 -33.75 -2.81 31.10
N ASP B 100 -33.31 -4.06 31.19
CA ASP B 100 -32.70 -4.77 30.08
C ASP B 100 -33.40 -6.11 29.94
N ILE B 101 -33.69 -6.51 28.69
CA ILE B 101 -34.54 -7.69 28.49
C ILE B 101 -33.80 -8.99 28.75
N VAL B 102 -32.47 -8.97 28.77
CA VAL B 102 -31.68 -10.18 28.95
C VAL B 102 -30.83 -10.12 30.21
N LEU B 103 -30.47 -8.94 30.70
CA LEU B 103 -29.63 -8.80 31.88
C LEU B 103 -30.43 -8.46 33.13
N GLY B 104 -31.76 -8.51 33.06
CA GLY B 104 -32.57 -8.23 34.22
C GLY B 104 -32.87 -6.76 34.42
N MET B 105 -33.16 -6.41 35.67
CA MET B 105 -33.60 -5.06 36.00
C MET B 105 -32.49 -4.02 35.78
N GLY B 106 -31.24 -4.44 35.74
CA GLY B 106 -30.16 -3.52 35.42
C GLY B 106 -29.82 -2.59 36.58
N VAL B 107 -29.57 -1.33 36.27
CA VAL B 107 -29.13 -0.33 37.24
C VAL B 107 -30.34 0.38 37.82
N TRP B 108 -30.17 0.92 39.02
CA TRP B 108 -31.23 1.59 39.76
C TRP B 108 -30.83 3.04 40.02
N GLY B 109 -31.64 3.74 40.81
CA GLY B 109 -31.38 5.11 41.15
C GLY B 109 -31.81 5.46 42.57
N VAL C 2 -26.37 2.96 -30.09
CA VAL C 2 -27.13 1.94 -30.80
C VAL C 2 -27.84 2.55 -32.01
N GLN C 3 -27.37 2.18 -33.19
CA GLN C 3 -27.91 2.72 -34.44
C GLN C 3 -27.82 1.67 -35.53
N LEU C 4 -28.83 1.66 -36.40
CA LEU C 4 -28.88 0.76 -37.55
C LEU C 4 -29.09 1.58 -38.81
N VAL C 5 -28.16 1.49 -39.75
CA VAL C 5 -28.27 2.15 -41.04
C VAL C 5 -28.49 1.10 -42.10
N GLN C 6 -29.02 1.52 -43.25
CA GLN C 6 -29.36 0.59 -44.32
C GLN C 6 -28.92 1.16 -45.65
N SER C 7 -28.97 0.29 -46.67
CA SER C 7 -28.72 0.70 -48.05
C SER C 7 -29.70 -0.05 -48.94
N GLY C 8 -30.79 0.63 -49.31
CA GLY C 8 -31.86 0.01 -50.08
C GLY C 8 -32.43 0.87 -51.19
N ALA C 9 -31.61 1.72 -51.80
CA ALA C 9 -32.08 2.69 -52.78
C ALA C 9 -32.11 2.15 -54.21
N GLU C 10 -31.78 0.87 -54.41
CA GLU C 10 -31.75 0.32 -55.75
C GLU C 10 -33.15 -0.06 -56.23
N VAL C 11 -33.31 -0.14 -57.55
CA VAL C 11 -34.57 -0.52 -58.18
C VAL C 11 -34.28 -1.60 -59.21
N LYS C 12 -35.16 -2.59 -59.30
CA LYS C 12 -34.96 -3.73 -60.18
C LYS C 12 -36.25 -4.04 -60.93
N LYS C 13 -36.10 -4.66 -62.09
CA LYS C 13 -37.22 -5.13 -62.88
C LYS C 13 -37.79 -6.41 -62.28
N PRO C 14 -39.05 -6.72 -62.56
CA PRO C 14 -39.64 -7.97 -62.04
C PRO C 14 -38.87 -9.19 -62.51
N GLY C 15 -38.74 -10.18 -61.62
CA GLY C 15 -38.00 -11.38 -61.90
C GLY C 15 -36.52 -11.32 -61.56
N ALA C 16 -36.01 -10.15 -61.18
CA ALA C 16 -34.60 -9.98 -60.86
C ALA C 16 -34.39 -10.19 -59.36
N SER C 17 -33.20 -9.85 -58.86
CA SER C 17 -32.86 -9.99 -57.46
C SER C 17 -32.47 -8.65 -56.87
N VAL C 18 -32.77 -8.47 -55.59
CA VAL C 18 -32.49 -7.24 -54.86
C VAL C 18 -31.70 -7.57 -53.60
N LYS C 19 -30.62 -6.84 -53.38
CA LYS C 19 -29.77 -6.97 -52.21
C LYS C 19 -29.93 -5.73 -51.34
N VAL C 20 -30.16 -5.94 -50.04
CA VAL C 20 -30.26 -4.85 -49.08
C VAL C 20 -29.32 -5.13 -47.92
N SER C 21 -28.62 -4.10 -47.45
CA SER C 21 -27.63 -4.26 -46.41
C SER C 21 -28.02 -3.43 -45.20
N CYS C 22 -27.84 -4.03 -44.01
CA CYS C 22 -28.11 -3.37 -42.74
C CYS C 22 -26.84 -3.42 -41.90
N LYS C 23 -26.36 -2.25 -41.50
CA LYS C 23 -25.13 -2.09 -40.73
C LYS C 23 -25.49 -1.62 -39.33
N ALA C 24 -24.91 -2.27 -38.33
CA ALA C 24 -25.21 -1.98 -36.93
C ALA C 24 -24.00 -1.38 -36.25
N SER C 25 -24.24 -0.43 -35.34
CA SER C 25 -23.17 0.20 -34.59
C SER C 25 -23.68 0.60 -33.22
N GLY C 26 -22.75 0.81 -32.29
CA GLY C 26 -23.09 1.24 -30.96
C GLY C 26 -23.46 0.14 -29.99
N TYR C 27 -23.42 -1.12 -30.40
CA TYR C 27 -23.74 -2.22 -29.52
C TYR C 27 -23.04 -3.47 -30.03
N THR C 28 -22.96 -4.48 -29.16
CA THR C 28 -22.33 -5.74 -29.52
C THR C 28 -23.14 -6.43 -30.61
N PHE C 29 -22.52 -6.63 -31.77
CA PHE C 29 -23.27 -7.07 -32.95
C PHE C 29 -23.90 -8.44 -32.75
N THR C 30 -23.13 -9.39 -32.22
CA THR C 30 -23.57 -10.77 -32.10
C THR C 30 -24.41 -11.04 -30.86
N GLY C 31 -24.99 -10.01 -30.24
CA GLY C 31 -25.70 -10.21 -28.99
C GLY C 31 -27.21 -10.13 -29.06
N PHE C 32 -27.77 -9.70 -30.19
CA PHE C 32 -29.20 -9.48 -30.28
C PHE C 32 -29.74 -10.00 -31.61
N TYR C 33 -30.98 -10.49 -31.58
CA TYR C 33 -31.66 -10.94 -32.79
C TYR C 33 -31.94 -9.75 -33.70
N LEU C 34 -31.62 -9.88 -34.98
CA LEU C 34 -31.96 -8.85 -35.95
C LEU C 34 -33.20 -9.27 -36.72
N HIS C 35 -34.10 -8.32 -36.94
CA HIS C 35 -35.37 -8.58 -37.60
C HIS C 35 -35.46 -7.81 -38.91
N TRP C 36 -36.13 -8.43 -39.88
CA TRP C 36 -36.41 -7.83 -41.17
C TRP C 36 -37.91 -7.77 -41.36
N VAL C 37 -38.41 -6.56 -41.64
CA VAL C 37 -39.83 -6.30 -41.83
C VAL C 37 -39.98 -5.38 -43.04
N ARG C 38 -41.17 -5.30 -43.60
CA ARG C 38 -41.43 -4.37 -44.69
C ARG C 38 -42.80 -3.72 -44.53
N GLN C 39 -42.95 -2.55 -45.15
CA GLN C 39 -44.19 -1.79 -45.11
C GLN C 39 -44.55 -1.29 -46.50
N ALA C 40 -45.81 -1.47 -46.88
CA ALA C 40 -46.37 -0.99 -48.13
C ALA C 40 -47.44 0.05 -47.85
N PRO C 41 -47.67 0.99 -48.77
CA PRO C 41 -48.67 2.04 -48.51
C PRO C 41 -50.06 1.45 -48.33
N GLY C 42 -50.79 2.01 -47.36
CA GLY C 42 -52.15 1.59 -47.08
C GLY C 42 -52.29 0.30 -46.31
N GLN C 43 -51.18 -0.35 -45.94
CA GLN C 43 -51.21 -1.62 -45.25
C GLN C 43 -50.40 -1.55 -43.97
N GLY C 44 -50.68 -2.48 -43.05
CA GLY C 44 -49.88 -2.60 -41.85
C GLY C 44 -48.53 -3.23 -42.14
N LEU C 45 -47.62 -3.08 -41.19
CA LEU C 45 -46.28 -3.64 -41.34
C LEU C 45 -46.35 -5.16 -41.41
N GLU C 46 -45.66 -5.73 -42.39
CA GLU C 46 -45.63 -7.17 -42.61
C GLU C 46 -44.26 -7.69 -42.21
N TRP C 47 -44.22 -8.43 -41.10
CA TRP C 47 -42.97 -8.96 -40.58
C TRP C 47 -42.49 -10.12 -41.45
N MET C 48 -41.18 -10.18 -41.67
CA MET C 48 -40.60 -11.19 -42.56
C MET C 48 -39.83 -12.25 -41.82
N GLY C 49 -38.83 -11.89 -41.03
CA GLY C 49 -38.01 -12.92 -40.41
C GLY C 49 -37.01 -12.35 -39.43
N TRP C 50 -36.29 -13.26 -38.78
CA TRP C 50 -35.23 -12.88 -37.86
C TRP C 50 -33.99 -13.75 -38.07
N ILE C 51 -32.84 -13.18 -37.72
CA ILE C 51 -31.53 -13.79 -37.90
C ILE C 51 -30.71 -13.56 -36.65
N ASN C 52 -29.98 -14.59 -36.22
CA ASN C 52 -29.06 -14.48 -35.10
C ASN C 52 -27.64 -14.26 -35.63
N PRO C 53 -27.04 -13.09 -35.40
CA PRO C 53 -25.70 -12.84 -35.94
C PRO C 53 -24.60 -13.72 -35.34
N HIS C 54 -24.85 -14.35 -34.19
CA HIS C 54 -23.85 -15.22 -33.58
C HIS C 54 -23.70 -16.55 -34.30
N SER C 55 -24.67 -16.92 -35.14
CA SER C 55 -24.66 -18.19 -35.84
C SER C 55 -25.33 -17.99 -37.19
N GLY C 56 -25.72 -19.09 -37.83
CA GLY C 56 -26.45 -19.02 -39.08
C GLY C 56 -27.93 -19.27 -38.96
N ASP C 57 -28.46 -19.40 -37.74
CA ASP C 57 -29.86 -19.73 -37.57
C ASP C 57 -30.75 -18.58 -38.00
N THR C 58 -31.78 -18.90 -38.79
CA THR C 58 -32.74 -17.93 -39.27
C THR C 58 -34.15 -18.49 -39.09
N ASP C 59 -35.13 -17.59 -39.05
CA ASP C 59 -36.52 -18.01 -39.04
C ASP C 59 -37.33 -17.05 -39.91
N PHE C 60 -38.32 -17.60 -40.60
CA PHE C 60 -39.11 -16.88 -41.60
C PHE C 60 -40.58 -16.90 -41.19
N ALA C 61 -41.38 -16.17 -41.98
CA ALA C 61 -42.82 -16.09 -41.75
C ALA C 61 -43.51 -17.29 -42.41
N GLN C 62 -44.85 -17.23 -42.48
CA GLN C 62 -45.62 -18.33 -43.02
C GLN C 62 -45.65 -18.37 -44.55
N LYS C 63 -45.28 -17.27 -45.21
CA LYS C 63 -45.34 -17.20 -46.66
C LYS C 63 -44.03 -16.72 -47.28
N PHE C 64 -42.94 -16.66 -46.52
CA PHE C 64 -41.64 -16.22 -47.01
C PHE C 64 -40.62 -17.35 -46.96
N GLN C 65 -41.03 -18.57 -47.30
CA GLN C 65 -40.13 -19.71 -47.33
C GLN C 65 -39.53 -19.84 -48.72
N GLY C 66 -38.21 -19.76 -48.81
CA GLY C 66 -37.48 -19.98 -50.06
C GLY C 66 -37.24 -18.75 -50.91
N LYS C 67 -38.17 -17.79 -50.90
CA LYS C 67 -38.07 -16.63 -51.78
C LYS C 67 -37.18 -15.53 -51.22
N VAL C 68 -36.77 -15.62 -49.95
CA VAL C 68 -35.92 -14.60 -49.33
C VAL C 68 -34.87 -15.29 -48.49
N THR C 69 -33.64 -14.76 -48.52
CA THR C 69 -32.55 -15.28 -47.71
C THR C 69 -31.84 -14.13 -47.04
N MET C 70 -31.10 -14.43 -45.97
CA MET C 70 -30.26 -13.44 -45.31
C MET C 70 -29.00 -14.11 -44.79
N THR C 71 -27.92 -13.32 -44.74
CA THR C 71 -26.63 -13.77 -44.25
C THR C 71 -26.01 -12.66 -43.41
N ARG C 72 -24.96 -13.03 -42.67
CA ARG C 72 -24.29 -12.10 -41.78
C ARG C 72 -22.78 -12.14 -42.00
N ASP C 73 -22.13 -11.00 -41.78
CA ASP C 73 -20.68 -10.88 -41.77
C ASP C 73 -20.28 -10.28 -40.43
N THR C 74 -19.67 -11.11 -39.57
CA THR C 74 -19.29 -10.67 -38.24
C THR C 74 -18.03 -9.80 -38.27
N SER C 75 -17.11 -10.07 -39.20
CA SER C 75 -15.89 -9.28 -39.29
C SER C 75 -16.16 -7.83 -39.64
N SER C 76 -17.23 -7.58 -40.40
CA SER C 76 -17.62 -6.21 -40.76
C SER C 76 -18.94 -5.82 -40.09
N ASN C 77 -19.40 -6.62 -39.13
CA ASN C 77 -20.61 -6.38 -38.34
C ASN C 77 -21.76 -5.85 -39.19
N THR C 78 -22.19 -6.66 -40.15
CA THR C 78 -23.28 -6.25 -41.03
C THR C 78 -24.10 -7.48 -41.42
N VAL C 79 -25.30 -7.23 -41.94
CA VAL C 79 -26.14 -8.30 -42.46
C VAL C 79 -26.64 -7.92 -43.84
N TYR C 80 -26.89 -8.93 -44.66
CA TYR C 80 -27.42 -8.76 -46.01
C TYR C 80 -28.68 -9.60 -46.17
N MET C 81 -29.63 -9.06 -46.93
CA MET C 81 -30.84 -9.78 -47.29
C MET C 81 -30.98 -9.78 -48.80
N ASP C 82 -31.14 -10.98 -49.38
CA ASP C 82 -31.31 -11.16 -50.81
C ASP C 82 -32.74 -11.64 -51.07
N VAL C 83 -33.46 -10.89 -51.90
CA VAL C 83 -34.83 -11.25 -52.25
C VAL C 83 -34.90 -11.43 -53.77
N ASN C 84 -35.49 -12.53 -54.20
CA ASN C 84 -35.65 -12.84 -55.61
C ASN C 84 -37.13 -12.98 -55.93
N ARG C 85 -37.43 -13.19 -57.21
CA ARG C 85 -38.80 -13.35 -57.70
C ARG C 85 -39.64 -12.10 -57.36
N LEU C 86 -39.19 -10.97 -57.86
CA LEU C 86 -39.90 -9.71 -57.62
C LEU C 86 -41.26 -9.72 -58.30
N THR C 87 -42.25 -9.17 -57.61
CA THR C 87 -43.61 -9.07 -58.13
C THR C 87 -44.15 -7.70 -57.79
N SER C 88 -45.18 -7.27 -58.54
CA SER C 88 -45.74 -5.95 -58.37
C SER C 88 -46.25 -5.72 -56.95
N ASP C 89 -46.71 -6.78 -56.29
CA ASP C 89 -47.23 -6.65 -54.93
C ASP C 89 -46.15 -6.60 -53.86
N ASP C 90 -44.88 -6.79 -54.24
CA ASP C 90 -43.78 -6.78 -53.30
C ASP C 90 -43.01 -5.45 -53.30
N THR C 91 -43.58 -4.41 -53.90
CA THR C 91 -42.97 -3.09 -53.88
C THR C 91 -43.26 -2.42 -52.55
N ALA C 92 -42.23 -2.28 -51.70
CA ALA C 92 -42.42 -1.77 -50.36
C ALA C 92 -41.10 -1.26 -49.83
N VAL C 93 -41.14 -0.67 -48.63
CA VAL C 93 -39.96 -0.13 -47.97
C VAL C 93 -39.56 -1.10 -46.87
N TYR C 94 -38.27 -1.42 -46.80
CA TYR C 94 -37.75 -2.47 -45.92
C TYR C 94 -37.11 -1.86 -44.68
N TYR C 95 -37.52 -2.33 -43.51
CA TYR C 95 -37.00 -1.89 -42.24
C TYR C 95 -36.20 -2.98 -41.56
N CYS C 96 -35.11 -2.56 -40.92
CA CYS C 96 -34.20 -3.40 -40.16
C CYS C 96 -34.36 -3.07 -38.68
N VAL C 97 -34.44 -4.09 -37.84
CA VAL C 97 -34.81 -3.94 -36.44
C VAL C 97 -33.79 -4.66 -35.56
N LYS C 98 -33.45 -4.06 -34.43
CA LYS C 98 -32.61 -4.71 -33.41
C LYS C 98 -33.52 -5.09 -32.25
N ASN C 99 -33.99 -6.34 -32.26
CA ASN C 99 -34.92 -6.82 -31.24
C ASN C 99 -34.22 -7.01 -29.90
N ASP C 100 -34.97 -6.72 -28.83
CA ASP C 100 -34.54 -7.00 -27.47
C ASP C 100 -35.66 -7.76 -26.77
N ILE C 101 -35.31 -8.80 -26.01
CA ILE C 101 -36.33 -9.69 -25.49
C ILE C 101 -37.07 -9.08 -24.31
N VAL C 102 -36.54 -8.04 -23.68
CA VAL C 102 -37.17 -7.42 -22.53
C VAL C 102 -37.56 -5.97 -22.78
N LEU C 103 -36.88 -5.27 -23.70
CA LEU C 103 -37.17 -3.88 -23.99
C LEU C 103 -38.01 -3.69 -25.24
N GLY C 104 -38.54 -4.76 -25.81
CA GLY C 104 -39.38 -4.65 -26.99
C GLY C 104 -38.59 -4.62 -28.29
N MET C 105 -39.23 -4.04 -29.30
CA MET C 105 -38.67 -4.04 -30.65
C MET C 105 -37.39 -3.23 -30.75
N GLY C 106 -37.15 -2.31 -29.82
CA GLY C 106 -35.89 -1.59 -29.81
C GLY C 106 -35.81 -0.52 -30.88
N VAL C 107 -34.64 -0.40 -31.51
CA VAL C 107 -34.38 0.64 -32.50
C VAL C 107 -34.73 0.12 -33.89
N TRP C 108 -35.02 1.06 -34.79
CA TRP C 108 -35.41 0.76 -36.15
C TRP C 108 -34.41 1.37 -37.13
N GLY C 109 -34.74 1.28 -38.42
CA GLY C 109 -33.90 1.83 -39.46
C GLY C 109 -34.69 2.41 -40.62
N VAL D 2 9.63 -38.92 -0.09
CA VAL D 2 9.06 -40.05 0.63
C VAL D 2 9.92 -41.30 0.45
N GLN D 3 10.56 -41.72 1.53
CA GLN D 3 11.48 -42.85 1.49
C GLN D 3 11.46 -43.56 2.83
N LEU D 4 11.56 -44.89 2.78
CA LEU D 4 11.62 -45.73 3.97
C LEU D 4 12.86 -46.61 3.90
N VAL D 5 13.74 -46.47 4.89
CA VAL D 5 14.93 -47.30 5.00
C VAL D 5 14.76 -48.24 6.18
N GLN D 6 15.53 -49.32 6.18
CA GLN D 6 15.40 -50.35 7.20
C GLN D 6 16.78 -50.79 7.69
N SER D 7 16.78 -51.54 8.79
CA SER D 7 18.00 -52.17 9.30
C SER D 7 17.62 -53.55 9.79
N GLY D 8 17.87 -54.57 8.96
CA GLY D 8 17.48 -55.93 9.27
C GLY D 8 18.52 -56.98 8.92
N ALA D 9 19.80 -56.65 9.01
CA ALA D 9 20.87 -57.53 8.56
C ALA D 9 21.34 -58.50 9.65
N GLU D 10 20.73 -58.48 10.82
CA GLU D 10 21.17 -59.36 11.91
C GLU D 10 20.63 -60.78 11.73
N VAL D 11 21.31 -61.73 12.37
CA VAL D 11 20.93 -63.14 12.33
C VAL D 11 20.93 -63.66 13.77
N LYS D 12 19.93 -64.49 14.09
CA LYS D 12 19.77 -65.00 15.45
C LYS D 12 19.49 -66.49 15.41
N LYS D 13 19.84 -67.17 16.51
CA LYS D 13 19.53 -68.57 16.69
C LYS D 13 18.05 -68.75 17.04
N PRO D 14 17.51 -69.95 16.79
CA PRO D 14 16.10 -70.19 17.14
C PRO D 14 15.85 -70.00 18.63
N GLY D 15 14.69 -69.45 18.95
CA GLY D 15 14.32 -69.16 20.33
C GLY D 15 14.76 -67.80 20.83
N ALA D 16 15.53 -67.05 20.05
CA ALA D 16 16.01 -65.74 20.46
C ALA D 16 15.05 -64.66 19.97
N SER D 17 15.48 -63.40 20.05
CA SER D 17 14.66 -62.27 19.64
C SER D 17 15.39 -61.47 18.56
N VAL D 18 14.61 -60.89 17.65
CA VAL D 18 15.13 -60.11 16.54
C VAL D 18 14.45 -58.73 16.54
N LYS D 19 15.27 -57.68 16.44
CA LYS D 19 14.81 -56.31 16.36
C LYS D 19 15.06 -55.77 14.96
N VAL D 20 14.05 -55.15 14.35
CA VAL D 20 14.17 -54.53 13.05
C VAL D 20 13.65 -53.11 13.13
N SER D 21 14.36 -52.18 12.50
CA SER D 21 14.03 -50.77 12.57
C SER D 21 13.71 -50.24 11.18
N CYS D 22 12.65 -49.42 11.12
CA CYS D 22 12.22 -48.76 9.89
C CYS D 22 12.19 -47.26 10.13
N LYS D 23 12.95 -46.53 9.32
CA LYS D 23 13.09 -45.09 9.43
C LYS D 23 12.43 -44.44 8.21
N ALA D 24 11.60 -43.44 8.47
CA ALA D 24 10.84 -42.77 7.42
C ALA D 24 11.32 -41.34 7.23
N SER D 25 11.33 -40.88 6.00
CA SER D 25 11.74 -39.51 5.70
C SER D 25 10.98 -39.02 4.48
N GLY D 26 10.94 -37.69 4.32
CA GLY D 26 10.29 -37.08 3.18
C GLY D 26 8.80 -36.87 3.30
N TYR D 27 8.21 -37.21 4.45
CA TYR D 27 6.77 -37.02 4.64
C TYR D 27 6.50 -36.92 6.13
N THR D 28 5.32 -36.41 6.47
CA THR D 28 4.92 -36.27 7.87
C THR D 28 4.78 -37.64 8.50
N PHE D 29 5.60 -37.91 9.52
CA PHE D 29 5.71 -39.27 10.06
C PHE D 29 4.39 -39.76 10.64
N THR D 30 3.71 -38.92 11.42
CA THR D 30 2.52 -39.31 12.16
C THR D 30 1.24 -39.22 11.32
N GLY D 31 1.35 -39.18 9.99
CA GLY D 31 0.18 -38.98 9.17
C GLY D 31 -0.33 -40.19 8.42
N PHE D 32 0.43 -41.28 8.39
CA PHE D 32 0.04 -42.43 7.58
C PHE D 32 0.28 -43.72 8.35
N TYR D 33 -0.57 -44.71 8.08
CA TYR D 33 -0.43 -46.04 8.68
C TYR D 33 0.83 -46.70 8.14
N LEU D 34 1.64 -47.27 9.02
CA LEU D 34 2.80 -48.04 8.60
C LEU D 34 2.49 -49.53 8.68
N HIS D 35 2.91 -50.27 7.65
CA HIS D 35 2.61 -51.69 7.55
C HIS D 35 3.90 -52.50 7.60
N TRP D 36 3.79 -53.69 8.21
CA TRP D 36 4.87 -54.65 8.28
C TRP D 36 4.43 -55.93 7.59
N VAL D 37 5.23 -56.37 6.62
CA VAL D 37 4.95 -57.57 5.83
C VAL D 37 6.26 -58.35 5.70
N ARG D 38 6.18 -59.63 5.35
CA ARG D 38 7.37 -60.42 5.09
C ARG D 38 7.17 -61.31 3.87
N GLN D 39 8.29 -61.71 3.26
CA GLN D 39 8.29 -62.57 2.09
C GLN D 39 9.33 -63.66 2.26
N ALA D 40 8.92 -64.90 1.95
CA ALA D 40 9.80 -66.07 1.96
C ALA D 40 9.91 -66.63 0.55
N PRO D 41 11.02 -67.29 0.21
CA PRO D 41 11.19 -67.80 -1.15
C PRO D 41 10.12 -68.83 -1.51
N GLY D 42 9.61 -68.72 -2.74
CA GLY D 42 8.61 -69.64 -3.24
C GLY D 42 7.21 -69.39 -2.76
N GLN D 43 6.98 -68.37 -1.94
CA GLN D 43 5.68 -68.09 -1.37
C GLN D 43 5.28 -66.65 -1.67
N GLY D 44 3.97 -66.39 -1.59
CA GLY D 44 3.48 -65.03 -1.71
C GLY D 44 3.76 -64.22 -0.46
N LEU D 45 3.66 -62.91 -0.60
CA LEU D 45 3.89 -62.02 0.54
C LEU D 45 2.87 -62.26 1.63
N GLU D 46 3.34 -62.39 2.86
CA GLU D 46 2.50 -62.64 4.02
C GLU D 46 2.45 -61.37 4.86
N TRP D 47 1.28 -60.72 4.87
CA TRP D 47 1.11 -59.48 5.60
C TRP D 47 1.03 -59.76 7.10
N MET D 48 1.64 -58.89 7.89
CA MET D 48 1.73 -59.09 9.33
C MET D 48 0.86 -58.13 10.12
N GLY D 49 1.03 -56.83 9.95
CA GLY D 49 0.26 -55.91 10.78
C GLY D 49 0.47 -54.47 10.37
N TRP D 50 -0.26 -53.59 11.06
CA TRP D 50 -0.13 -52.15 10.85
C TRP D 50 -0.10 -51.41 12.18
N ILE D 51 0.54 -50.24 12.15
CA ILE D 51 0.76 -49.40 13.32
C ILE D 51 0.49 -47.95 12.93
N ASN D 52 -0.19 -47.23 13.83
CA ASN D 52 -0.42 -45.80 13.63
C ASN D 52 0.62 -45.02 14.43
N PRO D 53 1.53 -44.30 13.77
CA PRO D 53 2.56 -43.56 14.51
C PRO D 53 2.03 -42.43 15.37
N HIS D 54 0.81 -41.95 15.14
CA HIS D 54 0.24 -40.88 15.95
C HIS D 54 -0.17 -41.35 17.34
N SER D 55 -0.31 -42.65 17.54
CA SER D 55 -0.76 -43.20 18.81
C SER D 55 -0.07 -44.55 19.01
N GLY D 56 -0.60 -45.36 19.92
CA GLY D 56 -0.09 -46.70 20.14
C GLY D 56 -0.92 -47.79 19.54
N ASP D 57 -1.96 -47.45 18.78
CA ASP D 57 -2.86 -48.46 18.24
C ASP D 57 -2.17 -49.32 17.20
N THR D 58 -2.33 -50.64 17.32
CA THR D 58 -1.75 -51.59 16.38
C THR D 58 -2.81 -52.61 16.01
N ASP D 59 -2.60 -53.27 14.88
CA ASP D 59 -3.45 -54.39 14.48
C ASP D 59 -2.61 -55.46 13.83
N PHE D 60 -2.96 -56.72 14.10
CA PHE D 60 -2.18 -57.88 13.68
C PHE D 60 -3.02 -58.77 12.77
N ALA D 61 -2.37 -59.81 12.25
CA ALA D 61 -3.03 -60.78 11.38
C ALA D 61 -3.73 -61.84 12.23
N GLN D 62 -4.18 -62.92 11.58
CA GLN D 62 -4.94 -63.96 12.27
C GLN D 62 -4.05 -64.93 13.02
N LYS D 63 -2.74 -64.95 12.75
CA LYS D 63 -1.84 -65.90 13.39
C LYS D 63 -0.61 -65.23 13.99
N PHE D 64 -0.59 -63.91 14.10
CA PHE D 64 0.52 -63.16 14.66
C PHE D 64 0.13 -62.43 15.94
N GLN D 65 -0.66 -63.09 16.79
CA GLN D 65 -1.07 -62.52 18.06
C GLN D 65 -0.08 -62.94 19.14
N GLY D 66 0.57 -61.95 19.76
CA GLY D 66 1.46 -62.19 20.88
C GLY D 66 2.92 -62.42 20.55
N LYS D 67 3.20 -63.04 19.41
CA LYS D 67 4.56 -63.40 19.06
C LYS D 67 5.35 -62.26 18.42
N VAL D 68 4.69 -61.16 18.05
CA VAL D 68 5.34 -60.02 17.42
C VAL D 68 4.79 -58.73 18.02
N THR D 69 5.66 -57.75 18.25
CA THR D 69 5.25 -56.45 18.76
C THR D 69 5.93 -55.36 17.93
N MET D 70 5.37 -54.16 17.99
CA MET D 70 5.99 -53.01 17.36
C MET D 70 5.73 -51.76 18.20
N THR D 71 6.67 -50.83 18.13
CA THR D 71 6.58 -49.55 18.84
C THR D 71 7.08 -48.45 17.94
N ARG D 72 6.81 -47.20 18.34
CA ARG D 72 7.17 -46.04 17.54
C ARG D 72 7.88 -45.01 18.43
N ASP D 73 8.79 -44.26 17.80
CA ASP D 73 9.46 -43.11 18.43
C ASP D 73 9.21 -41.91 17.52
N THR D 74 8.37 -40.99 18.00
CA THR D 74 8.02 -39.81 17.21
C THR D 74 9.15 -38.78 17.21
N SER D 75 9.89 -38.67 18.32
CA SER D 75 10.97 -37.70 18.38
C SER D 75 12.08 -37.99 17.38
N SER D 76 12.29 -39.28 17.06
CA SER D 76 13.28 -39.67 16.06
C SER D 76 12.62 -40.24 14.81
N ASN D 77 11.30 -40.07 14.69
CA ASN D 77 10.50 -40.50 13.53
C ASN D 77 10.92 -41.87 13.00
N THR D 78 10.77 -42.88 13.85
CA THR D 78 11.15 -44.23 13.46
C THR D 78 10.22 -45.22 14.14
N VAL D 79 10.22 -46.46 13.64
CA VAL D 79 9.46 -47.54 14.26
C VAL D 79 10.36 -48.76 14.42
N TYR D 80 10.05 -49.55 15.44
CA TYR D 80 10.78 -50.79 15.72
C TYR D 80 9.78 -51.94 15.79
N MET D 81 10.22 -53.10 15.32
CA MET D 81 9.46 -54.34 15.43
C MET D 81 10.33 -55.39 16.11
N ASP D 82 9.79 -55.98 17.17
CA ASP D 82 10.46 -57.03 17.93
C ASP D 82 9.71 -58.34 17.71
N VAL D 83 10.43 -59.35 17.23
CA VAL D 83 9.86 -60.67 16.99
C VAL D 83 10.63 -61.69 17.84
N ASN D 84 9.89 -62.51 18.56
CA ASN D 84 10.46 -63.55 19.40
C ASN D 84 9.96 -64.91 18.94
N ARG D 85 10.48 -65.97 19.58
CA ARG D 85 10.11 -67.35 19.26
C ARG D 85 10.42 -67.66 17.80
N LEU D 86 11.70 -67.52 17.45
CA LEU D 86 12.12 -67.79 16.07
C LEU D 86 11.98 -69.28 15.76
N THR D 87 11.56 -69.57 14.54
CA THR D 87 11.39 -70.93 14.06
C THR D 87 11.91 -71.02 12.64
N SER D 88 12.24 -72.24 12.21
CA SER D 88 12.83 -72.44 10.89
C SER D 88 11.92 -71.92 9.78
N ASP D 89 10.61 -71.97 9.99
CA ASP D 89 9.66 -71.53 8.98
C ASP D 89 9.49 -70.01 8.93
N ASP D 90 10.09 -69.28 9.88
CA ASP D 90 9.97 -67.83 9.93
C ASP D 90 11.20 -67.12 9.36
N THR D 91 12.04 -67.83 8.62
CA THR D 91 13.19 -67.21 7.97
C THR D 91 12.73 -66.54 6.69
N ALA D 92 12.72 -65.22 6.66
CA ALA D 92 12.18 -64.47 5.54
C ALA D 92 12.76 -63.06 5.55
N VAL D 93 12.41 -62.30 4.51
CA VAL D 93 12.85 -60.91 4.37
C VAL D 93 11.68 -60.00 4.73
N TYR D 94 11.95 -58.99 5.55
CA TYR D 94 10.90 -58.15 6.13
C TYR D 94 10.83 -56.82 5.39
N TYR D 95 9.62 -56.46 4.94
CA TYR D 95 9.37 -55.21 4.24
C TYR D 95 8.53 -54.26 5.09
N CYS D 96 8.87 -52.98 4.99
CA CYS D 96 8.19 -51.89 5.66
C CYS D 96 7.46 -51.06 4.61
N VAL D 97 6.22 -50.70 4.89
CA VAL D 97 5.34 -50.09 3.91
C VAL D 97 4.71 -48.83 4.49
N LYS D 98 4.59 -47.78 3.67
CA LYS D 98 3.86 -46.58 4.04
C LYS D 98 2.53 -46.58 3.30
N ASN D 99 1.48 -47.07 3.97
CA ASN D 99 0.18 -47.21 3.35
C ASN D 99 -0.50 -45.86 3.17
N ASP D 100 -1.24 -45.73 2.07
CA ASP D 100 -2.09 -44.58 1.80
C ASP D 100 -3.48 -45.09 1.46
N ILE D 101 -4.50 -44.43 2.01
CA ILE D 101 -5.86 -44.98 1.89
C ILE D 101 -6.44 -44.77 0.50
N VAL D 102 -5.89 -43.87 -0.30
CA VAL D 102 -6.41 -43.57 -1.62
C VAL D 102 -5.41 -43.89 -2.73
N LEU D 103 -4.11 -43.88 -2.45
CA LEU D 103 -3.09 -44.14 -3.45
C LEU D 103 -2.54 -45.55 -3.38
N GLY D 104 -3.15 -46.43 -2.57
CA GLY D 104 -2.70 -47.79 -2.48
C GLY D 104 -1.58 -48.00 -1.48
N MET D 105 -0.82 -49.08 -1.71
CA MET D 105 0.21 -49.48 -0.76
C MET D 105 1.35 -48.46 -0.67
N GLY D 106 1.51 -47.61 -1.67
CA GLY D 106 2.51 -46.57 -1.58
C GLY D 106 3.93 -47.07 -1.79
N VAL D 107 4.86 -46.55 -0.99
CA VAL D 107 6.28 -46.86 -1.12
C VAL D 107 6.63 -48.05 -0.23
N TRP D 108 7.70 -48.74 -0.59
CA TRP D 108 8.15 -49.93 0.10
C TRP D 108 9.56 -49.72 0.63
N GLY D 109 10.15 -50.78 1.17
CA GLY D 109 11.50 -50.72 1.70
C GLY D 109 12.28 -51.99 1.48
N LEU E 4 -45.98 -13.15 44.01
CA LEU E 4 -44.77 -13.79 44.51
C LEU E 4 -44.57 -13.46 45.99
N THR E 5 -44.27 -14.48 46.79
CA THR E 5 -44.09 -14.31 48.22
C THR E 5 -42.91 -15.15 48.69
N GLN E 6 -42.39 -14.79 49.86
CA GLN E 6 -41.28 -15.44 50.52
C GLN E 6 -41.67 -15.81 51.94
N PRO E 7 -41.19 -16.93 52.48
CA PRO E 7 -41.50 -17.28 53.87
C PRO E 7 -41.17 -16.14 54.81
N PRO E 8 -42.11 -15.74 55.66
CA PRO E 8 -41.94 -14.49 56.42
C PRO E 8 -40.76 -14.51 57.38
N SER E 9 -40.25 -15.67 57.77
CA SER E 9 -39.14 -15.73 58.71
C SER E 9 -38.21 -16.88 58.37
N VAL E 10 -36.91 -16.60 58.41
CA VAL E 10 -35.88 -17.62 58.26
C VAL E 10 -34.62 -17.10 58.91
N SER E 11 -33.87 -18.00 59.55
CA SER E 11 -32.72 -17.59 60.34
C SER E 11 -31.59 -18.60 60.14
N GLY E 12 -30.38 -18.15 60.47
CA GLY E 12 -29.21 -19.00 60.36
C GLY E 12 -27.96 -18.41 60.99
N ALA E 13 -27.25 -19.21 61.77
CA ALA E 13 -26.01 -18.76 62.39
C ALA E 13 -24.91 -18.64 61.34
N PRO E 14 -23.88 -17.84 61.62
CA PRO E 14 -22.75 -17.75 60.68
C PRO E 14 -22.11 -19.10 60.45
N GLY E 15 -21.75 -19.36 59.19
CA GLY E 15 -21.22 -20.65 58.78
C GLY E 15 -22.28 -21.67 58.39
N GLN E 16 -23.55 -21.36 58.60
CA GLN E 16 -24.65 -22.26 58.24
C GLN E 16 -25.29 -21.81 56.94
N ARG E 17 -25.85 -22.78 56.20
CA ARG E 17 -26.55 -22.50 54.97
C ARG E 17 -27.98 -22.05 55.27
N VAL E 18 -28.48 -21.13 54.46
CA VAL E 18 -29.84 -20.61 54.57
C VAL E 18 -30.50 -20.69 53.19
N THR E 19 -31.74 -21.16 53.17
CA THR E 19 -32.50 -21.38 51.95
C THR E 19 -33.68 -20.42 51.90
N ILE E 20 -33.86 -19.78 50.74
CA ILE E 20 -34.96 -18.85 50.51
C ILE E 20 -35.69 -19.31 49.26
N SER E 21 -37.03 -19.35 49.32
CA SER E 21 -37.83 -19.88 48.23
C SER E 21 -38.90 -18.88 47.82
N CYS E 22 -39.19 -18.85 46.52
CA CYS E 22 -40.27 -18.03 46.00
C CYS E 22 -41.44 -18.91 45.58
N THR E 23 -42.65 -18.46 45.91
CA THR E 23 -43.86 -19.12 45.45
C THR E 23 -44.17 -18.68 44.03
N GLY E 24 -45.16 -19.33 43.42
CA GLY E 24 -45.54 -18.97 42.08
C GLY E 24 -46.62 -19.88 41.55
N SER E 25 -46.98 -19.64 40.28
CA SER E 25 -48.00 -20.43 39.60
C SER E 25 -47.57 -20.57 38.14
N SER E 26 -48.44 -21.19 37.33
CA SER E 26 -48.14 -21.40 35.93
C SER E 26 -48.04 -20.10 35.14
N SER E 27 -48.64 -19.02 35.65
CA SER E 27 -48.66 -17.76 34.91
C SER E 27 -47.30 -17.06 34.93
N ASN E 28 -46.62 -17.08 36.07
CA ASN E 28 -45.40 -16.30 36.26
C ASN E 28 -44.13 -17.14 36.18
N ILE E 29 -44.03 -18.22 36.95
CA ILE E 29 -42.84 -19.04 36.97
C ILE E 29 -42.98 -20.18 35.96
N GLY E 30 -44.21 -20.65 35.78
CA GLY E 30 -44.46 -21.73 34.86
C GLY E 30 -44.46 -21.34 33.40
N ALA E 31 -44.34 -20.05 33.09
CA ALA E 31 -44.30 -19.57 31.71
C ALA E 31 -42.89 -19.53 31.13
N GLY E 32 -41.88 -19.92 31.91
CA GLY E 32 -40.52 -19.95 31.40
C GLY E 32 -39.78 -18.63 31.45
N TYR E 33 -40.23 -17.69 32.27
CA TYR E 33 -39.55 -16.40 32.39
C TYR E 33 -38.56 -16.42 33.54
N ASN E 34 -37.64 -15.46 33.51
CA ASN E 34 -36.56 -15.40 34.49
C ASN E 34 -37.10 -15.01 35.87
N VAL E 35 -36.30 -15.33 36.89
CA VAL E 35 -36.58 -14.93 38.26
C VAL E 35 -35.32 -14.28 38.83
N TYR E 36 -35.51 -13.23 39.62
CA TYR E 36 -34.41 -12.47 40.19
C TYR E 36 -34.64 -12.28 41.68
N TRP E 37 -33.54 -12.08 42.40
CA TRP E 37 -33.55 -11.78 43.82
C TRP E 37 -32.97 -10.40 44.05
N PHE E 38 -33.44 -9.73 45.09
CA PHE E 38 -32.89 -8.41 45.41
C PHE E 38 -32.47 -8.37 46.88
N GLN E 39 -31.20 -8.04 47.10
CA GLN E 39 -30.65 -7.85 48.44
C GLN E 39 -30.66 -6.36 48.75
N GLN E 40 -31.28 -5.98 49.86
CA GLN E 40 -31.56 -4.58 50.06
C GLN E 40 -31.61 -4.25 51.54
N LEU E 41 -31.46 -2.97 51.83
CA LEU E 41 -31.84 -2.22 53.03
C LEU E 41 -33.07 -1.39 52.73
N PRO E 42 -34.05 -1.38 53.62
CA PRO E 42 -35.32 -0.69 53.35
C PRO E 42 -35.14 0.78 52.98
N PRO E 43 -34.23 1.53 53.63
CA PRO E 43 -34.16 2.97 53.30
C PRO E 43 -33.32 3.32 52.08
N THR E 44 -32.31 2.51 51.72
CA THR E 44 -31.32 2.99 50.74
C THR E 44 -31.66 2.59 49.30
N ALA E 45 -31.65 1.28 49.01
CA ALA E 45 -31.79 0.81 47.64
C ALA E 45 -31.77 -0.72 47.57
N PRO E 46 -32.22 -1.31 46.47
CA PRO E 46 -31.99 -2.74 46.25
C PRO E 46 -30.75 -2.98 45.40
N LYS E 47 -30.26 -4.23 45.45
CA LYS E 47 -29.14 -4.67 44.64
C LYS E 47 -29.49 -6.00 44.00
N LEU E 48 -29.17 -6.13 42.72
CA LEU E 48 -29.56 -7.30 41.94
C LEU E 48 -28.73 -8.52 42.31
N LEU E 49 -29.38 -9.68 42.36
CA LEU E 49 -28.70 -10.96 42.45
C LEU E 49 -29.17 -11.83 41.31
N ASN E 50 -28.46 -12.94 41.09
CA ASN E 50 -28.70 -13.83 39.96
C ASN E 50 -28.45 -13.09 38.65
N TYR E 51 -28.74 -13.72 37.52
CA TYR E 51 -28.49 -13.11 36.22
C TYR E 51 -29.45 -13.75 35.21
N GLY E 52 -29.31 -13.37 33.95
CA GLY E 52 -30.07 -14.00 32.90
C GLY E 52 -29.78 -15.48 32.85
N ASP E 53 -28.50 -15.82 32.74
CA ASP E 53 -28.02 -17.18 32.93
C ASP E 53 -27.79 -17.41 34.42
N ASN E 54 -27.10 -18.49 34.77
CA ASN E 54 -26.78 -18.79 36.16
C ASN E 54 -25.51 -18.10 36.63
N ASN E 55 -25.11 -17.00 36.01
CA ASN E 55 -23.92 -16.24 36.37
C ASN E 55 -24.24 -15.15 37.38
N ARG E 56 -23.30 -14.23 37.58
CA ARG E 56 -23.42 -13.14 38.51
C ARG E 56 -23.10 -11.83 37.80
N PRO E 57 -23.61 -10.69 38.29
CA PRO E 57 -23.28 -9.44 37.60
C PRO E 57 -21.90 -8.91 37.94
N SER E 58 -20.92 -9.81 38.04
CA SER E 58 -19.51 -9.48 38.27
C SER E 58 -19.32 -8.41 39.33
N GLY E 59 -20.15 -8.40 40.37
CA GLY E 59 -19.88 -7.59 41.53
C GLY E 59 -20.30 -8.29 42.81
N VAL E 60 -20.67 -9.56 42.71
CA VAL E 60 -21.31 -10.29 43.79
C VAL E 60 -20.41 -11.45 44.18
N PRO E 61 -20.14 -11.66 45.47
CA PRO E 61 -19.28 -12.78 45.87
C PRO E 61 -19.95 -14.12 45.64
N ASP E 62 -19.14 -15.17 45.69
CA ASP E 62 -19.58 -16.53 45.40
C ASP E 62 -20.48 -17.11 46.48
N ARG E 63 -20.86 -16.34 47.50
CA ARG E 63 -21.62 -16.87 48.62
C ARG E 63 -23.07 -17.20 48.27
N PHE E 64 -23.57 -16.73 47.14
CA PHE E 64 -24.97 -16.90 46.76
C PHE E 64 -25.09 -17.88 45.61
N SER E 65 -26.07 -18.77 45.67
CA SER E 65 -26.38 -19.69 44.59
C SER E 65 -27.87 -19.64 44.30
N ALA E 66 -28.22 -19.61 43.02
CA ALA E 66 -29.61 -19.47 42.61
C ALA E 66 -29.99 -20.62 41.69
N SER E 67 -31.25 -21.04 41.79
CA SER E 67 -31.75 -22.10 40.92
C SER E 67 -33.24 -21.89 40.68
N LYS E 68 -33.71 -22.42 39.55
CA LYS E 68 -35.11 -22.34 39.18
C LYS E 68 -35.61 -23.71 38.77
N SER E 69 -36.86 -24.00 39.11
CA SER E 69 -37.49 -25.28 38.81
C SER E 69 -38.77 -25.03 37.99
N GLY E 70 -39.56 -26.08 37.82
CA GLY E 70 -40.77 -25.97 37.03
C GLY E 70 -41.76 -24.98 37.59
N THR E 71 -41.86 -24.89 38.92
CA THR E 71 -42.87 -24.04 39.54
C THR E 71 -42.34 -23.19 40.69
N SER E 72 -41.07 -23.31 41.08
CA SER E 72 -40.54 -22.54 42.19
C SER E 72 -39.06 -22.30 41.97
N ALA E 73 -38.55 -21.25 42.63
CA ALA E 73 -37.15 -20.88 42.52
C ALA E 73 -36.58 -20.66 43.91
N SER E 74 -35.26 -20.80 44.04
CA SER E 74 -34.62 -20.76 45.33
C SER E 74 -33.26 -20.07 45.26
N LEU E 75 -32.88 -19.47 46.38
CA LEU E 75 -31.57 -18.86 46.58
C LEU E 75 -31.00 -19.38 47.89
N ALA E 76 -29.79 -19.93 47.83
CA ALA E 76 -29.13 -20.49 49.00
C ALA E 76 -27.83 -19.72 49.28
N ILE E 77 -27.61 -19.41 50.55
CA ILE E 77 -26.37 -18.79 51.02
C ILE E 77 -25.68 -19.78 51.94
N THR E 78 -24.49 -20.23 51.54
CA THR E 78 -23.74 -21.22 52.30
C THR E 78 -22.69 -20.58 53.23
N GLY E 79 -21.74 -19.85 52.63
CA GLY E 79 -20.73 -19.15 53.40
C GLY E 79 -21.19 -17.86 54.05
N LEU E 80 -22.20 -17.91 54.91
CA LEU E 80 -22.74 -16.69 55.49
C LEU E 80 -21.69 -15.96 56.32
N GLN E 81 -21.65 -14.64 56.18
CA GLN E 81 -20.75 -13.78 56.92
C GLN E 81 -21.59 -12.76 57.69
N ALA E 82 -20.90 -11.81 58.34
CA ALA E 82 -21.57 -10.75 59.08
C ALA E 82 -21.98 -9.58 58.20
N GLU E 83 -21.57 -9.57 56.93
CA GLU E 83 -21.89 -8.49 56.00
C GLU E 83 -23.28 -8.63 55.38
N ASP E 84 -24.13 -9.51 55.93
CA ASP E 84 -25.42 -9.78 55.31
C ASP E 84 -26.43 -8.70 55.67
N GLU E 85 -27.01 -8.08 54.65
CA GLU E 85 -28.11 -7.14 54.82
C GLU E 85 -29.40 -7.94 54.69
N ALA E 86 -30.04 -8.21 55.82
CA ALA E 86 -31.10 -9.21 55.89
C ALA E 86 -32.44 -8.69 55.40
N GLU E 87 -32.57 -8.43 54.10
CA GLU E 87 -33.86 -8.18 53.50
C GLU E 87 -33.86 -8.68 52.06
N TYR E 88 -34.82 -9.54 51.72
CA TYR E 88 -34.81 -10.23 50.44
C TYR E 88 -36.19 -10.23 49.82
N TYR E 89 -36.24 -9.92 48.53
CA TYR E 89 -37.47 -9.91 47.76
C TYR E 89 -37.25 -10.63 46.43
N CYS E 90 -38.28 -11.36 46.01
CA CYS E 90 -38.29 -12.00 44.71
C CYS E 90 -38.70 -10.99 43.63
N GLN E 91 -38.51 -11.38 42.37
CA GLN E 91 -38.92 -10.54 41.26
C GLN E 91 -39.08 -11.40 40.02
N SER E 92 -40.15 -11.17 39.27
CA SER E 92 -40.42 -11.95 38.07
C SER E 92 -41.39 -11.18 37.18
N TYR E 93 -41.84 -11.82 36.10
CA TYR E 93 -42.78 -11.25 35.16
C TYR E 93 -44.03 -12.11 35.14
N ASP E 94 -45.19 -11.47 35.08
CA ASP E 94 -46.48 -12.14 35.10
C ASP E 94 -47.19 -11.96 33.76
N SER E 95 -47.94 -12.97 33.35
CA SER E 95 -48.71 -12.91 32.11
C SER E 95 -50.18 -12.58 32.33
N SER E 96 -50.75 -12.96 33.48
CA SER E 96 -52.14 -12.59 33.76
C SER E 96 -52.29 -11.07 33.84
N LEU E 97 -51.36 -10.41 34.52
CA LEU E 97 -51.22 -8.96 34.48
C LEU E 97 -49.82 -8.66 33.97
N ASN E 98 -49.72 -7.68 33.07
CA ASN E 98 -48.52 -7.48 32.25
C ASN E 98 -47.51 -6.55 32.93
N ALA E 99 -47.52 -6.55 34.26
CA ALA E 99 -46.59 -5.73 35.03
C ALA E 99 -45.55 -6.62 35.70
N TYR E 100 -44.32 -6.11 35.75
CA TYR E 100 -43.24 -6.81 36.45
C TYR E 100 -43.52 -6.79 37.94
N VAL E 101 -43.48 -7.96 38.58
CA VAL E 101 -43.98 -8.12 39.93
C VAL E 101 -42.83 -8.48 40.85
N PHE E 102 -42.65 -7.70 41.91
CA PHE E 102 -41.73 -8.02 42.98
C PHE E 102 -42.44 -8.83 44.06
N GLY E 103 -41.67 -9.30 45.04
CA GLY E 103 -42.19 -10.16 46.09
C GLY E 103 -42.20 -9.49 47.45
N THR E 104 -42.88 -10.14 48.38
CA THR E 104 -42.97 -9.70 49.76
C THR E 104 -42.24 -10.69 50.66
N GLY E 105 -41.42 -10.18 51.57
CA GLY E 105 -40.64 -11.05 52.42
C GLY E 105 -40.02 -10.32 53.58
N THR E 106 -39.49 -11.10 54.52
CA THR E 106 -38.85 -10.59 55.72
C THR E 106 -37.86 -11.64 56.22
N LYS E 107 -36.69 -11.19 56.67
CA LYS E 107 -35.68 -12.10 57.20
C LYS E 107 -35.05 -11.51 58.45
N VAL E 108 -34.80 -12.36 59.43
CA VAL E 108 -34.09 -12.01 60.65
C VAL E 108 -32.94 -12.99 60.83
N THR E 109 -31.73 -12.49 61.04
CA THR E 109 -30.55 -13.33 61.06
C THR E 109 -30.54 -14.26 62.28
N VAL E 110 -30.78 -13.71 63.46
CA VAL E 110 -30.73 -14.45 64.72
C VAL E 110 -29.38 -15.16 64.88
N LEU F 4 -54.05 -9.40 -34.86
CA LEU F 4 -54.30 -8.20 -34.06
C LEU F 4 -54.87 -7.09 -34.92
N THR F 5 -55.94 -6.45 -34.43
CA THR F 5 -56.60 -5.39 -35.18
C THR F 5 -56.98 -4.26 -34.23
N GLN F 6 -57.22 -3.09 -34.81
CA GLN F 6 -57.62 -1.88 -34.12
C GLN F 6 -58.89 -1.32 -34.76
N PRO F 7 -59.78 -0.73 -33.99
CA PRO F 7 -60.99 -0.11 -34.57
C PRO F 7 -60.62 0.85 -35.69
N PRO F 8 -61.24 0.69 -36.86
CA PRO F 8 -60.76 1.42 -38.05
C PRO F 8 -60.88 2.94 -37.94
N SER F 9 -61.70 3.46 -37.04
CA SER F 9 -61.85 4.90 -36.92
C SER F 9 -62.05 5.29 -35.47
N VAL F 10 -61.36 6.35 -35.06
CA VAL F 10 -61.56 6.95 -33.74
C VAL F 10 -61.07 8.39 -33.82
N SER F 11 -61.78 9.28 -33.13
CA SER F 11 -61.50 10.71 -33.24
C SER F 11 -61.62 11.36 -31.87
N GLY F 12 -61.01 12.54 -31.75
CA GLY F 12 -61.06 13.30 -30.51
C GLY F 12 -60.52 14.70 -30.64
N ALA F 13 -61.24 15.68 -30.10
CA ALA F 13 -60.81 17.06 -30.13
C ALA F 13 -59.65 17.27 -29.15
N PRO F 14 -58.85 18.31 -29.35
CA PRO F 14 -57.76 18.59 -28.41
C PRO F 14 -58.30 18.80 -27.00
N GLY F 15 -57.57 18.26 -26.02
CA GLY F 15 -58.00 18.29 -24.64
C GLY F 15 -58.90 17.15 -24.23
N GLN F 16 -59.33 16.32 -25.17
CA GLN F 16 -60.18 15.17 -24.89
C GLN F 16 -59.35 13.89 -24.88
N ARG F 17 -59.82 12.92 -24.10
CA ARG F 17 -59.17 11.62 -24.04
C ARG F 17 -59.62 10.75 -25.21
N VAL F 18 -58.69 9.93 -25.72
CA VAL F 18 -58.96 9.01 -26.80
C VAL F 18 -58.46 7.63 -26.39
N THR F 19 -59.27 6.61 -26.65
CA THR F 19 -59.00 5.23 -26.26
C THR F 19 -58.79 4.38 -27.51
N ILE F 20 -57.73 3.58 -27.49
CA ILE F 20 -57.39 2.67 -28.58
C ILE F 20 -57.27 1.27 -27.99
N SER F 21 -57.87 0.28 -28.65
CA SER F 21 -57.91 -1.07 -28.11
C SER F 21 -57.40 -2.06 -29.16
N CYS F 22 -56.73 -3.11 -28.68
CA CYS F 22 -56.29 -4.19 -29.53
C CYS F 22 -57.13 -5.44 -29.28
N THR F 23 -57.50 -6.11 -30.36
CA THR F 23 -58.17 -7.40 -30.24
C THR F 23 -57.14 -8.50 -30.02
N GLY F 24 -57.63 -9.70 -29.72
CA GLY F 24 -56.73 -10.82 -29.51
C GLY F 24 -57.48 -12.07 -29.13
N SER F 25 -56.70 -13.11 -28.85
CA SER F 25 -57.24 -14.41 -28.45
C SER F 25 -56.30 -15.01 -27.42
N SER F 26 -56.60 -16.24 -27.01
CA SER F 26 -55.78 -16.91 -26.00
C SER F 26 -54.38 -17.22 -26.51
N SER F 27 -54.17 -17.26 -27.82
CA SER F 27 -52.88 -17.62 -28.37
C SER F 27 -51.85 -16.51 -28.22
N ASN F 28 -52.27 -15.25 -28.42
CA ASN F 28 -51.35 -14.12 -28.48
C ASN F 28 -51.36 -13.27 -27.22
N ILE F 29 -52.53 -12.82 -26.78
CA ILE F 29 -52.62 -11.96 -25.61
C ILE F 29 -52.87 -12.81 -24.37
N GLY F 30 -53.59 -13.91 -24.54
CA GLY F 30 -53.88 -14.80 -23.43
C GLY F 30 -52.73 -15.67 -22.99
N ALA F 31 -51.61 -15.65 -23.70
CA ALA F 31 -50.44 -16.45 -23.35
C ALA F 31 -49.49 -15.72 -22.40
N GLY F 32 -49.81 -14.49 -22.02
CA GLY F 32 -48.98 -13.77 -21.08
C GLY F 32 -47.80 -13.04 -21.68
N TYR F 33 -47.81 -12.78 -22.99
CA TYR F 33 -46.72 -12.06 -23.63
C TYR F 33 -47.02 -10.58 -23.70
N ASN F 34 -45.97 -9.79 -23.93
CA ASN F 34 -46.07 -8.35 -23.93
C ASN F 34 -46.85 -7.85 -25.14
N VAL F 35 -47.35 -6.63 -25.03
CA VAL F 35 -48.02 -5.94 -26.13
C VAL F 35 -47.39 -4.56 -26.26
N TYR F 36 -47.22 -4.10 -27.51
CA TYR F 36 -46.60 -2.83 -27.78
C TYR F 36 -47.44 -2.04 -28.78
N TRP F 37 -47.30 -0.73 -28.73
CA TRP F 37 -47.95 0.19 -29.66
C TRP F 37 -46.88 0.91 -30.47
N PHE F 38 -47.23 1.26 -31.70
CA PHE F 38 -46.30 2.02 -32.54
C PHE F 38 -46.98 3.27 -33.08
N GLN F 39 -46.36 4.42 -32.80
CA GLN F 39 -46.81 5.71 -33.33
C GLN F 39 -45.98 6.03 -34.56
N GLN F 40 -46.63 6.29 -35.68
CA GLN F 40 -45.90 6.33 -36.93
C GLN F 40 -46.58 7.25 -37.93
N LEU F 41 -45.80 7.67 -38.92
CA LEU F 41 -46.16 8.21 -40.22
C LEU F 41 -45.90 7.15 -41.28
N PRO F 42 -46.83 6.96 -42.21
CA PRO F 42 -46.71 5.86 -43.18
C PRO F 42 -45.40 5.91 -43.97
N PRO F 43 -44.91 7.09 -44.39
CA PRO F 43 -43.68 7.07 -45.22
C PRO F 43 -42.37 6.98 -44.45
N THR F 44 -42.30 7.46 -43.21
CA THR F 44 -40.99 7.65 -42.58
C THR F 44 -40.54 6.45 -41.75
N ALA F 45 -41.26 6.15 -40.67
CA ALA F 45 -40.82 5.13 -39.71
C ALA F 45 -41.82 4.96 -38.57
N PRO F 46 -41.76 3.86 -37.83
CA PRO F 46 -42.52 3.76 -36.58
C PRO F 46 -41.67 4.17 -35.38
N LYS F 47 -42.37 4.46 -34.27
CA LYS F 47 -41.73 4.77 -33.00
C LYS F 47 -42.41 3.97 -31.90
N LEU F 48 -41.60 3.40 -31.01
CA LEU F 48 -42.10 2.50 -29.98
C LEU F 48 -42.83 3.27 -28.88
N LEU F 49 -43.92 2.69 -28.39
CA LEU F 49 -44.59 3.16 -27.18
C LEU F 49 -44.69 1.98 -26.22
N ASN F 50 -45.04 2.30 -24.97
CA ASN F 50 -45.07 1.31 -23.90
C ASN F 50 -43.67 0.75 -23.66
N TYR F 51 -43.55 -0.25 -22.79
CA TYR F 51 -42.25 -0.83 -22.47
C TYR F 51 -42.48 -2.25 -21.98
N GLY F 52 -41.40 -2.90 -21.55
CA GLY F 52 -41.52 -4.22 -20.95
C GLY F 52 -42.39 -4.16 -19.73
N ASP F 53 -42.04 -3.27 -18.80
CA ASP F 53 -42.90 -2.92 -17.69
C ASP F 53 -43.85 -1.82 -18.14
N ASN F 54 -44.53 -1.17 -17.19
CA ASN F 54 -45.44 -0.07 -17.51
C ASN F 54 -44.72 1.28 -17.62
N ASN F 55 -43.43 1.28 -17.91
CA ASN F 55 -42.63 2.50 -18.04
C ASN F 55 -42.63 2.99 -19.49
N ARG F 56 -41.72 3.93 -19.77
CA ARG F 56 -41.57 4.53 -21.09
C ARG F 56 -40.12 4.45 -21.52
N PRO F 57 -39.83 4.48 -22.82
CA PRO F 57 -38.42 4.41 -23.22
C PRO F 57 -37.70 5.74 -23.09
N SER F 58 -37.98 6.46 -22.01
CA SER F 58 -37.32 7.72 -21.67
C SER F 58 -37.14 8.65 -22.87
N GLY F 59 -38.09 8.66 -23.80
CA GLY F 59 -38.13 9.68 -24.82
C GLY F 59 -39.54 10.09 -25.16
N VAL F 60 -40.50 9.62 -24.37
CA VAL F 60 -41.92 9.75 -24.70
C VAL F 60 -42.58 10.58 -23.62
N PRO F 61 -43.39 11.57 -23.97
CA PRO F 61 -44.05 12.39 -22.95
C PRO F 61 -45.11 11.60 -22.20
N ASP F 62 -45.54 12.17 -21.07
CA ASP F 62 -46.49 11.52 -20.17
C ASP F 62 -47.90 11.44 -20.73
N ARG F 63 -48.13 11.87 -21.98
CA ARG F 63 -49.47 11.94 -22.52
C ARG F 63 -50.08 10.57 -22.82
N PHE F 64 -49.28 9.51 -22.84
CA PHE F 64 -49.75 8.19 -23.22
C PHE F 64 -49.77 7.27 -22.01
N SER F 65 -50.83 6.47 -21.88
CA SER F 65 -50.95 5.48 -20.84
C SER F 65 -51.34 4.15 -21.45
N ALA F 66 -50.69 3.07 -21.03
CA ALA F 66 -50.92 1.75 -21.60
C ALA F 66 -51.32 0.77 -20.51
N SER F 67 -52.18 -0.17 -20.87
CA SER F 67 -52.59 -1.20 -19.93
C SER F 67 -52.90 -2.49 -20.69
N LYS F 68 -52.79 -3.61 -19.99
CA LYS F 68 -53.08 -4.92 -20.55
C LYS F 68 -53.99 -5.69 -19.60
N SER F 69 -54.90 -6.47 -20.18
CA SER F 69 -55.86 -7.26 -19.43
C SER F 69 -55.71 -8.73 -19.81
N GLY F 70 -56.66 -9.55 -19.37
CA GLY F 70 -56.60 -10.97 -19.65
C GLY F 70 -56.67 -11.29 -21.13
N THR F 71 -57.42 -10.51 -21.90
CA THR F 71 -57.62 -10.82 -23.31
C THR F 71 -57.51 -9.62 -24.23
N SER F 72 -57.32 -8.41 -23.71
CA SER F 72 -57.23 -7.23 -24.55
C SER F 72 -56.33 -6.19 -23.90
N ALA F 73 -55.79 -5.29 -24.71
CA ALA F 73 -54.90 -4.24 -24.24
C ALA F 73 -55.35 -2.91 -24.81
N SER F 74 -54.98 -1.82 -24.13
CA SER F 74 -55.47 -0.51 -24.48
C SER F 74 -54.41 0.55 -24.27
N LEU F 75 -54.51 1.61 -25.07
CA LEU F 75 -53.67 2.80 -24.96
C LEU F 75 -54.58 4.02 -24.96
N ALA F 76 -54.44 4.86 -23.94
CA ALA F 76 -55.25 6.06 -23.80
C ALA F 76 -54.36 7.29 -23.85
N ILE F 77 -54.82 8.31 -24.59
CA ILE F 77 -54.17 9.61 -24.65
C ILE F 77 -55.12 10.64 -24.06
N THR F 78 -54.72 11.26 -22.95
CA THR F 78 -55.55 12.23 -22.25
C THR F 78 -55.22 13.67 -22.65
N GLY F 79 -53.98 14.10 -22.43
CA GLY F 79 -53.55 15.42 -22.81
C GLY F 79 -53.23 15.61 -24.28
N LEU F 80 -54.19 15.37 -25.16
CA LEU F 80 -53.92 15.42 -26.59
C LEU F 80 -53.49 16.83 -27.01
N GLN F 81 -52.47 16.89 -27.86
CA GLN F 81 -51.95 18.13 -28.41
C GLN F 81 -52.05 18.07 -29.94
N ALA F 82 -51.51 19.08 -30.60
CA ALA F 82 -51.49 19.13 -32.05
C ALA F 82 -50.32 18.38 -32.65
N GLU F 83 -49.39 17.90 -31.84
CA GLU F 83 -48.23 17.16 -32.31
C GLU F 83 -48.52 15.69 -32.59
N ASP F 84 -49.79 15.30 -32.65
CA ASP F 84 -50.14 13.89 -32.78
C ASP F 84 -50.02 13.44 -34.22
N GLU F 85 -49.21 12.40 -34.45
CA GLU F 85 -49.11 11.75 -35.76
C GLU F 85 -50.11 10.59 -35.74
N ALA F 86 -51.23 10.80 -36.42
CA ALA F 86 -52.40 9.92 -36.25
C ALA F 86 -52.29 8.64 -37.05
N GLU F 87 -51.39 7.75 -36.66
CA GLU F 87 -51.38 6.39 -37.18
C GLU F 87 -50.87 5.43 -36.10
N TYR F 88 -51.65 4.40 -35.78
CA TYR F 88 -51.34 3.54 -34.64
C TYR F 88 -51.53 2.08 -35.02
N TYR F 89 -50.56 1.26 -34.64
CA TYR F 89 -50.60 -0.18 -34.87
C TYR F 89 -50.22 -0.91 -33.58
N CYS F 90 -50.89 -2.04 -33.36
CA CYS F 90 -50.55 -2.92 -32.26
C CYS F 90 -49.38 -3.82 -32.65
N GLN F 91 -48.81 -4.50 -31.66
CA GLN F 91 -47.73 -5.44 -31.92
C GLN F 91 -47.64 -6.43 -30.76
N SER F 92 -47.47 -7.70 -31.08
CA SER F 92 -47.41 -8.74 -30.05
C SER F 92 -46.73 -9.97 -30.65
N TYR F 93 -46.71 -11.06 -29.87
CA TYR F 93 -46.14 -12.33 -30.28
C TYR F 93 -47.23 -13.39 -30.26
N ASP F 94 -47.22 -14.26 -31.27
CA ASP F 94 -48.22 -15.30 -31.42
C ASP F 94 -47.59 -16.67 -31.25
N SER F 95 -48.35 -17.61 -30.68
CA SER F 95 -47.87 -18.98 -30.50
C SER F 95 -48.37 -19.94 -31.57
N SER F 96 -49.55 -19.69 -32.14
CA SER F 96 -50.03 -20.55 -33.23
C SER F 96 -49.10 -20.48 -34.43
N LEU F 97 -48.67 -19.27 -34.77
CA LEU F 97 -47.58 -19.04 -35.73
C LEU F 97 -46.49 -18.27 -35.00
N ASN F 98 -45.25 -18.67 -35.21
CA ASN F 98 -44.13 -18.24 -34.37
C ASN F 98 -43.49 -16.95 -34.87
N ALA F 99 -44.28 -16.11 -35.53
CA ALA F 99 -43.81 -14.85 -36.04
C ALA F 99 -44.39 -13.69 -35.23
N TYR F 100 -43.57 -12.67 -35.01
CA TYR F 100 -44.03 -11.46 -34.33
C TYR F 100 -45.03 -10.74 -35.22
N VAL F 101 -46.20 -10.42 -34.67
CA VAL F 101 -47.33 -9.96 -35.47
C VAL F 101 -47.65 -8.52 -35.10
N PHE F 102 -47.68 -7.64 -36.10
CA PHE F 102 -48.16 -6.29 -35.95
C PHE F 102 -49.66 -6.24 -36.25
N GLY F 103 -50.26 -5.07 -36.02
CA GLY F 103 -51.68 -4.88 -36.17
C GLY F 103 -52.04 -3.98 -37.34
N THR F 104 -53.34 -3.98 -37.66
CA THR F 104 -53.89 -3.13 -38.71
C THR F 104 -54.81 -2.09 -38.07
N GLY F 105 -54.68 -0.85 -38.50
CA GLY F 105 -55.47 0.21 -37.91
C GLY F 105 -55.41 1.50 -38.70
N THR F 106 -56.29 2.43 -38.34
CA THR F 106 -56.40 3.73 -38.98
C THR F 106 -57.01 4.70 -37.99
N LYS F 107 -56.51 5.93 -37.97
CA LYS F 107 -57.04 6.96 -37.08
C LYS F 107 -57.12 8.29 -37.81
N VAL F 108 -58.20 9.02 -37.56
CA VAL F 108 -58.40 10.37 -38.06
C VAL F 108 -58.72 11.27 -36.88
N THR F 109 -57.99 12.38 -36.77
CA THR F 109 -58.11 13.23 -35.58
C THR F 109 -59.48 13.91 -35.52
N VAL F 110 -59.90 14.53 -36.62
CA VAL F 110 -61.14 15.30 -36.68
C VAL F 110 -61.19 16.38 -35.60
N LEU G 4 -7.13 -64.57 -2.35
CA LEU G 4 -6.88 -64.16 -3.73
C LEU G 4 -5.83 -65.03 -4.38
N THR G 5 -6.11 -65.49 -5.61
CA THR G 5 -5.20 -66.36 -6.32
C THR G 5 -5.15 -65.95 -7.79
N GLN G 6 -4.09 -66.39 -8.46
CA GLN G 6 -3.83 -66.16 -9.87
C GLN G 6 -3.57 -67.48 -10.57
N PRO G 7 -3.97 -67.64 -11.82
CA PRO G 7 -3.69 -68.87 -12.55
C PRO G 7 -2.21 -69.21 -12.51
N PRO G 8 -1.86 -70.44 -12.11
CA PRO G 8 -0.45 -70.74 -11.83
C PRO G 8 0.48 -70.61 -13.02
N SER G 9 -0.03 -70.63 -14.25
CA SER G 9 0.83 -70.54 -15.41
C SER G 9 0.15 -69.76 -16.52
N VAL G 10 0.90 -68.86 -17.15
CA VAL G 10 0.44 -68.13 -18.32
C VAL G 10 1.67 -67.66 -19.08
N SER G 11 1.60 -67.69 -20.41
CA SER G 11 2.75 -67.41 -21.25
C SER G 11 2.34 -66.58 -22.45
N GLY G 12 3.31 -65.93 -23.06
CA GLY G 12 3.07 -65.11 -24.24
C GLY G 12 4.34 -64.64 -24.92
N ALA G 13 4.39 -64.77 -26.24
CA ALA G 13 5.53 -64.32 -27.01
C ALA G 13 5.55 -62.79 -27.07
N PRO G 14 6.72 -62.20 -27.33
CA PRO G 14 6.77 -60.74 -27.47
C PRO G 14 5.87 -60.25 -28.58
N GLY G 15 5.19 -59.13 -28.33
CA GLY G 15 4.21 -58.59 -29.24
C GLY G 15 2.81 -59.14 -29.06
N GLN G 16 2.63 -60.15 -28.20
CA GLN G 16 1.33 -60.74 -27.94
C GLN G 16 0.78 -60.21 -26.62
N ARG G 17 -0.55 -60.18 -26.53
CA ARG G 17 -1.22 -59.76 -25.31
C ARG G 17 -1.30 -60.93 -24.33
N VAL G 18 -1.19 -60.60 -23.05
CA VAL G 18 -1.28 -61.59 -21.97
C VAL G 18 -2.27 -61.07 -20.94
N THR G 19 -3.15 -61.96 -20.47
CA THR G 19 -4.23 -61.64 -19.55
C THR G 19 -3.98 -62.33 -18.22
N ILE G 20 -4.11 -61.58 -17.12
CA ILE G 20 -3.95 -62.08 -15.77
C ILE G 20 -5.21 -61.75 -15.00
N SER G 21 -5.74 -62.72 -14.26
CA SER G 21 -7.01 -62.55 -13.56
C SER G 21 -6.86 -62.90 -12.09
N CYS G 22 -7.60 -62.19 -11.25
CA CYS G 22 -7.65 -62.48 -9.82
C CYS G 22 -9.01 -63.09 -9.47
N THR G 23 -8.97 -64.12 -8.63
CA THR G 23 -10.19 -64.69 -8.09
C THR G 23 -10.67 -63.86 -6.91
N GLY G 24 -11.88 -64.17 -6.43
CA GLY G 24 -12.41 -63.44 -5.30
C GLY G 24 -13.81 -63.90 -4.96
N SER G 25 -14.39 -63.23 -3.96
CA SER G 25 -15.73 -63.51 -3.50
C SER G 25 -16.39 -62.19 -3.11
N SER G 26 -17.61 -62.29 -2.58
CA SER G 26 -18.35 -61.09 -2.19
C SER G 26 -17.69 -60.35 -1.04
N SER G 27 -16.84 -61.02 -0.26
CA SER G 27 -16.24 -60.39 0.91
C SER G 27 -15.15 -59.40 0.53
N ASN G 28 -14.33 -59.73 -0.47
CA ASN G 28 -13.14 -58.95 -0.80
C ASN G 28 -13.33 -58.08 -2.05
N ILE G 29 -13.75 -58.67 -3.16
CA ILE G 29 -13.90 -57.93 -4.40
C ILE G 29 -15.34 -57.43 -4.53
N GLY G 30 -16.28 -58.20 -4.00
CA GLY G 30 -17.67 -57.81 -4.05
C GLY G 30 -18.08 -56.73 -3.09
N ALA G 31 -17.19 -56.30 -2.20
CA ALA G 31 -17.48 -55.25 -1.23
C ALA G 31 -17.17 -53.86 -1.77
N GLY G 32 -16.68 -53.75 -3.00
CA GLY G 32 -16.41 -52.44 -3.57
C GLY G 32 -15.08 -51.83 -3.21
N TYR G 33 -14.11 -52.64 -2.77
CA TYR G 33 -12.80 -52.13 -2.42
C TYR G 33 -11.85 -52.27 -3.60
N ASN G 34 -10.75 -51.52 -3.53
CA ASN G 34 -9.79 -51.46 -4.63
C ASN G 34 -9.03 -52.78 -4.76
N VAL G 35 -8.45 -52.98 -5.94
CA VAL G 35 -7.58 -54.11 -6.22
C VAL G 35 -6.30 -53.58 -6.84
N TYR G 36 -5.17 -54.18 -6.46
CA TYR G 36 -3.87 -53.75 -6.94
C TYR G 36 -3.07 -54.95 -7.42
N TRP G 37 -2.13 -54.68 -8.32
CA TRP G 37 -1.21 -55.68 -8.83
C TRP G 37 0.21 -55.30 -8.44
N PHE G 38 1.06 -56.30 -8.25
CA PHE G 38 2.45 -56.03 -7.92
C PHE G 38 3.37 -56.78 -8.88
N GLN G 39 4.24 -56.02 -9.54
CA GLN G 39 5.26 -56.57 -10.42
C GLN G 39 6.57 -56.66 -9.65
N GLN G 40 7.16 -57.85 -9.59
CA GLN G 40 8.24 -58.06 -8.64
C GLN G 40 9.19 -59.12 -9.15
N LEU G 41 10.39 -59.10 -8.58
CA LEU G 41 11.41 -60.14 -8.49
C LEU G 41 11.42 -60.70 -7.07
N PRO G 42 11.47 -62.02 -6.94
CA PRO G 42 11.36 -62.63 -5.60
C PRO G 42 12.38 -62.12 -4.61
N PRO G 43 13.65 -61.88 -5.00
CA PRO G 43 14.63 -61.45 -3.99
C PRO G 43 14.64 -59.97 -3.66
N THR G 44 14.24 -59.08 -4.58
CA THR G 44 14.52 -57.65 -4.39
C THR G 44 13.38 -56.90 -3.72
N ALA G 45 12.22 -56.82 -4.39
CA ALA G 45 11.12 -55.98 -3.92
C ALA G 45 9.92 -56.05 -4.85
N PRO G 46 8.73 -55.64 -4.40
CA PRO G 46 7.61 -55.46 -5.32
C PRO G 46 7.50 -54.02 -5.80
N LYS G 47 6.75 -53.83 -6.89
CA LYS G 47 6.46 -52.51 -7.43
C LYS G 47 4.97 -52.44 -7.74
N LEU G 48 4.38 -51.31 -7.38
CA LEU G 48 2.93 -51.13 -7.48
C LEU G 48 2.50 -50.93 -8.93
N LEU G 49 1.37 -51.53 -9.30
CA LEU G 49 0.69 -51.24 -10.55
C LEU G 49 -0.74 -50.83 -10.24
N ASN G 50 -1.41 -50.29 -11.25
CA ASN G 50 -2.76 -49.73 -11.09
C ASN G 50 -2.72 -48.56 -10.12
N TYR G 51 -3.88 -48.01 -9.78
CA TYR G 51 -3.95 -46.87 -8.89
C TYR G 51 -5.32 -46.88 -8.21
N GLY G 52 -5.59 -45.83 -7.43
CA GLY G 52 -6.90 -45.68 -6.84
C GLY G 52 -7.96 -45.58 -7.92
N ASP G 53 -7.76 -44.64 -8.84
CA ASP G 53 -8.54 -44.57 -10.07
C ASP G 53 -7.89 -45.50 -11.10
N ASN G 54 -8.28 -45.37 -12.37
CA ASN G 54 -7.70 -46.16 -13.44
C ASN G 54 -6.42 -45.55 -14.01
N ASN G 55 -5.72 -44.72 -13.23
CA ASN G 55 -4.48 -44.09 -13.66
C ASN G 55 -3.27 -44.93 -13.29
N ARG G 56 -2.09 -44.33 -13.37
CA ARG G 56 -0.82 -44.97 -13.08
C ARG G 56 -0.03 -44.12 -12.11
N PRO G 57 0.89 -44.71 -11.34
CA PRO G 57 1.64 -43.87 -10.40
C PRO G 57 2.77 -43.11 -11.07
N SER G 58 2.52 -42.57 -12.26
CA SER G 58 3.44 -41.73 -13.01
C SER G 58 4.87 -42.25 -13.00
N GLY G 59 5.06 -43.57 -13.00
CA GLY G 59 6.36 -44.14 -13.25
C GLY G 59 6.29 -45.41 -14.07
N VAL G 60 5.10 -45.71 -14.58
CA VAL G 60 4.81 -47.00 -15.21
C VAL G 60 4.48 -46.76 -16.68
N PRO G 61 5.05 -47.51 -17.61
CA PRO G 61 4.73 -47.31 -19.02
C PRO G 61 3.31 -47.73 -19.34
N ASP G 62 2.84 -47.30 -20.52
CA ASP G 62 1.47 -47.53 -20.96
C ASP G 62 1.19 -48.99 -21.32
N ARG G 63 2.14 -49.90 -21.12
CA ARG G 63 1.98 -51.28 -21.56
C ARG G 63 0.98 -52.07 -20.73
N PHE G 64 0.57 -51.55 -19.56
CA PHE G 64 -0.30 -52.28 -18.64
C PHE G 64 -1.67 -51.63 -18.61
N SER G 65 -2.72 -52.45 -18.61
CA SER G 65 -4.09 -51.97 -18.47
C SER G 65 -4.78 -52.80 -17.40
N ALA G 66 -5.53 -52.13 -16.53
CA ALA G 66 -6.18 -52.80 -15.40
C ALA G 66 -7.68 -52.51 -15.43
N SER G 67 -8.46 -53.49 -14.99
CA SER G 67 -9.90 -53.33 -14.93
C SER G 67 -10.45 -54.17 -13.78
N LYS G 68 -11.60 -53.75 -13.27
CA LYS G 68 -12.28 -54.45 -12.19
C LYS G 68 -13.75 -54.63 -12.55
N SER G 69 -14.29 -55.77 -12.15
CA SER G 69 -15.69 -56.12 -12.42
C SER G 69 -16.41 -56.39 -11.10
N GLY G 70 -17.62 -56.93 -11.21
CA GLY G 70 -18.41 -57.19 -10.01
C GLY G 70 -17.76 -58.20 -9.07
N THR G 71 -17.07 -59.19 -9.63
CA THR G 71 -16.51 -60.26 -8.81
C THR G 71 -15.08 -60.63 -9.16
N SER G 72 -14.48 -60.04 -10.19
CA SER G 72 -13.12 -60.39 -10.58
C SER G 72 -12.45 -59.17 -11.21
N ALA G 73 -11.12 -59.18 -11.18
CA ALA G 73 -10.32 -58.10 -11.73
C ALA G 73 -9.24 -58.68 -12.63
N SER G 74 -8.76 -57.86 -13.56
CA SER G 74 -7.83 -58.35 -14.58
C SER G 74 -6.81 -57.28 -14.92
N LEU G 75 -5.63 -57.76 -15.33
CA LEU G 75 -4.54 -56.92 -15.84
C LEU G 75 -4.06 -57.51 -17.15
N ALA G 76 -4.04 -56.68 -18.20
CA ALA G 76 -3.63 -57.10 -19.53
C ALA G 76 -2.39 -56.34 -19.96
N ILE G 77 -1.43 -57.06 -20.53
CA ILE G 77 -0.23 -56.46 -21.12
C ILE G 77 -0.26 -56.74 -22.62
N THR G 78 -0.33 -55.66 -23.42
CA THR G 78 -0.42 -55.78 -24.87
C THR G 78 0.94 -55.65 -25.56
N GLY G 79 1.59 -54.51 -25.35
CA GLY G 79 2.92 -54.28 -25.91
C GLY G 79 4.06 -54.93 -25.16
N LEU G 80 4.03 -56.26 -25.02
CA LEU G 80 5.05 -56.93 -24.22
C LEU G 80 6.43 -56.73 -24.81
N GLN G 81 7.41 -56.46 -23.93
CA GLN G 81 8.80 -56.30 -24.29
C GLN G 81 9.63 -57.33 -23.54
N ALA G 82 10.96 -57.22 -23.68
CA ALA G 82 11.87 -58.11 -22.99
C ALA G 82 12.18 -57.66 -21.57
N GLU G 83 11.73 -56.46 -21.18
CA GLU G 83 11.98 -55.93 -19.84
C GLU G 83 11.02 -56.47 -18.80
N ASP G 84 10.27 -57.53 -19.10
CA ASP G 84 9.24 -58.01 -18.20
C ASP G 84 9.85 -58.87 -17.10
N GLU G 85 9.59 -58.49 -15.85
CA GLU G 85 9.97 -59.29 -14.69
C GLU G 85 8.77 -60.16 -14.35
N ALA G 86 8.86 -61.45 -14.72
CA ALA G 86 7.70 -62.32 -14.73
C ALA G 86 7.32 -62.86 -13.36
N GLU G 87 6.84 -62.00 -12.48
CA GLU G 87 6.22 -62.45 -11.24
C GLU G 87 5.12 -61.47 -10.84
N TYR G 88 3.91 -61.97 -10.64
CA TYR G 88 2.75 -61.12 -10.44
C TYR G 88 1.89 -61.63 -9.29
N TYR G 89 1.48 -60.72 -8.42
CA TYR G 89 0.61 -61.02 -7.28
C TYR G 89 -0.51 -60.00 -7.21
N CYS G 90 -1.69 -60.49 -6.84
CA CYS G 90 -2.83 -59.62 -6.58
C CYS G 90 -2.75 -59.04 -5.17
N GLN G 91 -3.58 -58.04 -4.90
CA GLN G 91 -3.64 -57.47 -3.56
C GLN G 91 -4.99 -56.77 -3.40
N SER G 92 -5.60 -56.96 -2.23
CA SER G 92 -6.90 -56.36 -1.96
C SER G 92 -7.13 -56.33 -0.46
N TYR G 93 -8.33 -55.94 -0.05
CA TYR G 93 -8.74 -55.86 1.34
C TYR G 93 -9.91 -56.79 1.56
N ASP G 94 -9.90 -57.50 2.69
CA ASP G 94 -10.93 -58.47 3.03
C ASP G 94 -11.73 -58.00 4.24
N SER G 95 -13.02 -58.33 4.26
CA SER G 95 -13.88 -57.98 5.37
C SER G 95 -14.10 -59.13 6.35
N SER G 96 -14.06 -60.37 5.89
CA SER G 96 -14.19 -61.51 6.80
C SER G 96 -13.04 -61.52 7.80
N LEU G 97 -11.82 -61.29 7.32
CA LEU G 97 -10.66 -61.03 8.16
C LEU G 97 -10.13 -59.66 7.77
N ASN G 98 -9.77 -58.86 8.78
CA ASN G 98 -9.53 -57.43 8.59
C ASN G 98 -8.09 -57.12 8.23
N ALA G 99 -7.43 -58.06 7.57
CA ALA G 99 -6.05 -57.90 7.14
C ALA G 99 -5.99 -57.74 5.63
N TYR G 100 -5.09 -56.86 5.19
CA TYR G 100 -4.85 -56.68 3.76
C TYR G 100 -4.21 -57.94 3.20
N VAL G 101 -4.78 -58.47 2.13
CA VAL G 101 -4.44 -59.80 1.64
C VAL G 101 -3.81 -59.69 0.26
N PHE G 102 -2.62 -60.25 0.11
CA PHE G 102 -1.97 -60.40 -1.18
C PHE G 102 -2.35 -61.75 -1.80
N GLY G 103 -1.92 -61.95 -3.04
CA GLY G 103 -2.28 -63.13 -3.79
C GLY G 103 -1.09 -64.05 -4.05
N THR G 104 -1.42 -65.25 -4.51
CA THR G 104 -0.44 -66.26 -4.88
C THR G 104 -0.47 -66.48 -6.39
N GLY G 105 0.71 -66.51 -7.00
CA GLY G 105 0.76 -66.66 -8.45
C GLY G 105 2.15 -66.99 -8.94
N THR G 106 2.21 -67.36 -10.22
CA THR G 106 3.45 -67.72 -10.88
C THR G 106 3.28 -67.48 -12.38
N LYS G 107 4.32 -66.95 -13.02
CA LYS G 107 4.28 -66.71 -14.46
C LYS G 107 5.60 -67.11 -15.09
N VAL G 108 5.52 -67.72 -16.27
CA VAL G 108 6.68 -68.06 -17.09
C VAL G 108 6.46 -67.48 -18.48
N THR G 109 7.45 -66.74 -18.98
CA THR G 109 7.27 -66.01 -20.23
C THR G 109 7.15 -66.96 -21.42
N VAL G 110 8.07 -67.92 -21.53
CA VAL G 110 8.14 -68.85 -22.66
C VAL G 110 8.21 -68.10 -23.99
N GLN H 17 -37.72 -19.33 -33.13
CA GLN H 17 -38.70 -19.65 -32.11
C GLN H 17 -38.47 -18.81 -30.85
N LYS H 18 -39.12 -19.20 -29.76
CA LYS H 18 -39.00 -18.48 -28.50
C LYS H 18 -39.37 -19.43 -27.37
N ILE H 19 -39.10 -18.98 -26.14
CA ILE H 19 -39.44 -19.78 -24.96
C ILE H 19 -40.94 -20.04 -24.94
N PRO H 20 -41.40 -21.24 -24.57
CA PRO H 20 -42.85 -21.48 -24.49
C PRO H 20 -43.52 -20.55 -23.51
N GLY H 21 -44.85 -20.61 -23.49
CA GLY H 21 -45.66 -19.72 -22.67
C GLY H 21 -45.24 -19.71 -21.21
N ASN H 22 -45.24 -18.51 -20.62
CA ASN H 22 -44.79 -18.35 -19.24
C ASN H 22 -45.63 -19.21 -18.31
N ASP H 23 -44.95 -19.92 -17.40
CA ASP H 23 -45.62 -20.88 -16.54
C ASP H 23 -46.57 -20.17 -15.58
N ASN H 24 -47.71 -20.82 -15.31
CA ASN H 24 -48.74 -20.19 -14.50
C ASN H 24 -48.38 -20.13 -13.02
N SER H 25 -47.45 -20.95 -12.55
CA SER H 25 -47.18 -21.07 -11.11
C SER H 25 -45.69 -21.06 -10.83
N THR H 26 -44.94 -20.22 -11.56
CA THR H 26 -43.51 -20.11 -11.34
C THR H 26 -43.04 -18.72 -11.77
N ALA H 27 -42.24 -18.09 -10.93
CA ALA H 27 -41.58 -16.83 -11.25
C ALA H 27 -40.08 -17.04 -11.34
N THR H 28 -39.41 -16.13 -12.04
CA THR H 28 -37.99 -16.24 -12.31
C THR H 28 -37.29 -14.90 -12.05
N LEU H 29 -37.53 -14.34 -10.86
CA LEU H 29 -36.90 -13.08 -10.49
C LEU H 29 -35.38 -13.19 -10.62
N CYS H 30 -34.78 -12.17 -11.24
CA CYS H 30 -33.37 -12.17 -11.55
C CYS H 30 -32.73 -10.84 -11.20
N LEU H 31 -31.45 -10.88 -10.85
CA LEU H 31 -30.68 -9.70 -10.45
C LEU H 31 -29.48 -9.52 -11.38
N GLY H 32 -29.16 -8.26 -11.67
CA GLY H 32 -28.04 -7.98 -12.54
C GLY H 32 -27.60 -6.54 -12.46
N HIS H 33 -26.68 -6.18 -13.35
CA HIS H 33 -26.09 -4.86 -13.35
C HIS H 33 -25.84 -4.43 -14.79
N HIS H 34 -25.66 -3.12 -14.97
CA HIS H 34 -25.55 -2.53 -16.30
C HIS H 34 -24.22 -2.90 -16.94
N ALA H 35 -24.13 -2.64 -18.25
CA ALA H 35 -22.93 -2.89 -19.02
C ALA H 35 -22.93 -1.97 -20.23
N VAL H 36 -21.74 -1.71 -20.76
CA VAL H 36 -21.59 -0.82 -21.92
C VAL H 36 -20.79 -1.54 -23.00
N PRO H 37 -20.97 -1.20 -24.28
CA PRO H 37 -20.19 -1.86 -25.34
C PRO H 37 -18.76 -1.36 -25.40
N ASN H 38 -18.55 -0.07 -25.18
CA ASN H 38 -17.22 0.54 -25.24
C ASN H 38 -16.53 0.51 -23.88
N GLY H 39 -16.42 -0.68 -23.29
CA GLY H 39 -15.78 -0.84 -22.00
C GLY H 39 -14.33 -0.40 -21.99
N THR H 40 -13.97 0.41 -20.99
CA THR H 40 -12.61 0.92 -20.89
C THR H 40 -11.74 -0.05 -20.10
N ILE H 41 -10.51 -0.24 -20.54
CA ILE H 41 -9.60 -1.18 -19.91
C ILE H 41 -8.84 -0.47 -18.78
N VAL H 42 -8.58 -1.20 -17.71
CA VAL H 42 -7.94 -0.66 -16.52
C VAL H 42 -7.15 -1.77 -15.84
N LYS H 43 -6.16 -1.38 -15.04
CA LYS H 43 -5.23 -2.30 -14.41
C LYS H 43 -5.43 -2.29 -12.90
N THR H 44 -5.35 -3.48 -12.29
CA THR H 44 -5.48 -3.62 -10.84
C THR H 44 -4.25 -4.32 -10.26
N ILE H 45 -4.31 -4.66 -8.97
CA ILE H 45 -3.18 -5.31 -8.33
C ILE H 45 -3.17 -6.82 -8.57
N THR H 46 -4.29 -7.40 -9.00
CA THR H 46 -4.37 -8.83 -9.27
C THR H 46 -4.39 -9.13 -10.76
N ASN H 47 -5.18 -8.40 -11.54
CA ASN H 47 -5.26 -8.58 -12.98
C ASN H 47 -4.70 -7.35 -13.68
N ASP H 48 -3.89 -7.58 -14.71
CA ASP H 48 -3.28 -6.48 -15.43
C ASP H 48 -4.27 -5.76 -16.35
N ARG H 49 -5.26 -6.49 -16.89
CA ARG H 49 -6.20 -5.91 -17.82
C ARG H 49 -7.60 -6.40 -17.48
N ILE H 50 -8.48 -5.48 -17.07
CA ILE H 50 -9.90 -5.78 -16.89
C ILE H 50 -10.71 -4.67 -17.54
N GLU H 51 -11.98 -4.97 -17.78
CA GLU H 51 -12.89 -4.03 -18.43
C GLU H 51 -13.83 -3.43 -17.40
N VAL H 52 -14.02 -2.11 -17.45
CA VAL H 52 -14.93 -1.39 -16.58
C VAL H 52 -15.85 -0.55 -17.44
N THR H 53 -17.05 -0.30 -16.92
CA THR H 53 -18.06 0.45 -17.68
C THR H 53 -17.65 1.90 -17.84
N ASN H 54 -17.10 2.51 -16.79
CA ASN H 54 -16.74 3.92 -16.83
C ASN H 54 -15.42 4.11 -16.08
N ALA H 55 -14.58 4.98 -16.61
CA ALA H 55 -13.29 5.26 -16.01
C ALA H 55 -12.86 6.67 -16.38
N THR H 56 -12.15 7.32 -15.46
CA THR H 56 -11.71 8.70 -15.64
C THR H 56 -10.19 8.76 -15.68
N GLU H 57 -9.67 9.56 -16.60
CA GLU H 57 -8.23 9.77 -16.71
C GLU H 57 -7.76 10.61 -15.53
N LEU H 58 -6.97 10.00 -14.64
CA LEU H 58 -6.51 10.71 -13.45
C LEU H 58 -5.41 11.71 -13.79
N VAL H 59 -4.62 11.46 -14.82
CA VAL H 59 -3.45 12.26 -15.13
C VAL H 59 -3.81 13.29 -16.18
N GLN H 60 -3.56 14.56 -15.89
CA GLN H 60 -3.83 15.66 -16.81
C GLN H 60 -2.65 15.77 -17.77
N ASN H 61 -2.83 15.27 -18.99
CA ASN H 61 -1.76 15.24 -19.98
C ASN H 61 -1.85 16.37 -20.99
N SER H 62 -2.73 17.34 -20.77
CA SER H 62 -2.89 18.46 -21.69
C SER H 62 -2.85 19.77 -20.91
N SER H 63 -2.32 20.81 -21.54
CA SER H 63 -2.21 22.13 -20.95
C SER H 63 -3.03 23.13 -21.77
N ILE H 64 -3.56 24.15 -21.08
CA ILE H 64 -4.37 25.16 -21.74
C ILE H 64 -3.54 25.93 -22.76
N GLY H 65 -2.30 26.24 -22.41
CA GLY H 65 -1.40 26.91 -23.32
C GLY H 65 -1.18 28.38 -23.06
N GLU H 66 -1.90 28.98 -22.10
CA GLU H 66 -1.73 30.38 -21.77
C GLU H 66 -1.70 30.54 -20.26
N ILE H 67 -1.02 31.59 -19.80
CA ILE H 67 -0.85 31.87 -18.38
C ILE H 67 -1.75 33.04 -18.01
N CYS H 68 -2.61 32.84 -17.01
CA CYS H 68 -3.47 33.90 -16.51
C CYS H 68 -3.29 34.05 -15.01
N ASP H 69 -3.54 35.26 -14.51
CA ASP H 69 -3.12 35.69 -13.19
C ASP H 69 -4.30 36.22 -12.39
N SER H 70 -5.40 35.46 -12.34
CA SER H 70 -6.54 35.90 -11.53
C SER H 70 -6.25 35.76 -10.04
N PRO H 71 -5.99 34.55 -9.48
CA PRO H 71 -5.73 34.48 -8.04
C PRO H 71 -4.30 34.82 -7.65
N HIS H 72 -3.34 34.46 -8.50
CA HIS H 72 -1.92 34.71 -8.23
C HIS H 72 -1.43 35.85 -9.12
N GLN H 73 -0.92 36.91 -8.49
CA GLN H 73 -0.37 38.02 -9.26
C GLN H 73 0.92 37.59 -9.93
N ILE H 74 1.03 37.86 -11.23
CA ILE H 74 2.13 37.36 -12.06
C ILE H 74 2.80 38.54 -12.76
N LEU H 75 4.12 38.60 -12.66
CA LEU H 75 4.92 39.59 -13.35
C LEU H 75 5.67 38.94 -14.51
N ASP H 76 5.80 39.67 -15.62
CA ASP H 76 6.32 39.13 -16.87
C ASP H 76 7.57 39.90 -17.28
N GLY H 77 8.72 39.23 -17.22
CA GLY H 77 9.98 39.79 -17.68
C GLY H 77 10.18 39.63 -19.17
N GLU H 78 9.50 40.47 -19.97
CA GLU H 78 9.44 40.26 -21.42
C GLU H 78 10.83 40.26 -22.05
N ASN H 79 11.67 41.24 -21.72
CA ASN H 79 12.98 41.34 -22.33
C ASN H 79 14.14 41.25 -21.35
N CYS H 80 13.88 41.08 -20.06
CA CYS H 80 14.93 41.01 -19.06
C CYS H 80 14.69 39.85 -18.12
N THR H 81 15.77 39.42 -17.46
CA THR H 81 15.70 38.41 -16.42
C THR H 81 15.34 39.10 -15.09
N LEU H 82 15.22 38.28 -14.04
CA LEU H 82 14.94 38.85 -12.72
C LEU H 82 16.12 39.70 -12.23
N ILE H 83 17.35 39.25 -12.46
CA ILE H 83 18.51 40.00 -12.01
C ILE H 83 18.63 41.31 -12.78
N ASP H 84 18.32 41.30 -14.07
CA ASP H 84 18.36 42.54 -14.84
C ASP H 84 17.36 43.55 -14.31
N ALA H 85 16.16 43.10 -13.94
CA ALA H 85 15.18 44.00 -13.36
C ALA H 85 15.64 44.51 -12.00
N LEU H 86 16.22 43.63 -11.18
CA LEU H 86 16.67 44.03 -9.86
C LEU H 86 17.79 45.06 -9.93
N LEU H 87 18.77 44.85 -10.82
CA LEU H 87 19.86 45.80 -10.93
C LEU H 87 19.41 47.13 -11.51
N GLY H 88 18.43 47.11 -12.40
CA GLY H 88 17.93 48.34 -13.00
C GLY H 88 18.49 48.56 -14.39
N ASP H 89 17.68 48.27 -15.40
CA ASP H 89 18.04 48.46 -16.79
C ASP H 89 16.87 49.12 -17.52
N PRO H 90 17.14 49.88 -18.59
CA PRO H 90 16.04 50.59 -19.27
C PRO H 90 14.94 49.67 -19.77
N GLN H 91 15.31 48.52 -20.35
CA GLN H 91 14.33 47.64 -20.97
C GLN H 91 13.32 47.08 -19.97
N CYS H 92 13.59 47.17 -18.68
CA CYS H 92 12.66 46.75 -17.64
C CYS H 92 12.49 47.83 -16.60
N ASP H 93 12.64 49.09 -17.01
CA ASP H 93 12.49 50.20 -16.07
C ASP H 93 11.08 50.34 -15.53
N GLY H 94 10.10 49.67 -16.12
CA GLY H 94 8.77 49.61 -15.57
C GLY H 94 8.60 48.63 -14.45
N PHE H 95 9.69 47.99 -14.00
CA PHE H 95 9.64 46.99 -12.94
C PHE H 95 9.98 47.56 -11.57
N GLN H 96 10.23 48.87 -11.48
CA GLN H 96 10.64 49.46 -10.21
C GLN H 96 9.51 49.39 -9.19
N ASN H 97 9.86 48.98 -7.96
CA ASN H 97 8.94 48.93 -6.83
C ASN H 97 7.74 48.02 -7.08
N LYS H 98 7.86 47.07 -7.99
CA LYS H 98 6.77 46.15 -8.28
C LYS H 98 6.76 44.99 -7.29
N LYS H 99 5.62 44.30 -7.23
CA LYS H 99 5.46 43.12 -6.40
C LYS H 99 4.84 42.01 -7.23
N TRP H 100 5.06 40.78 -6.80
CA TRP H 100 4.56 39.64 -7.54
C TRP H 100 4.41 38.44 -6.62
N ASP H 101 3.63 37.46 -7.07
CA ASP H 101 3.64 36.13 -6.49
C ASP H 101 4.30 35.09 -7.39
N LEU H 102 4.60 35.45 -8.64
CA LEU H 102 5.30 34.57 -9.56
C LEU H 102 5.92 35.42 -10.66
N PHE H 103 7.21 35.22 -10.91
CA PHE H 103 7.93 35.94 -11.95
C PHE H 103 8.30 34.96 -13.05
N VAL H 104 7.81 35.21 -14.27
CA VAL H 104 8.03 34.32 -15.41
C VAL H 104 9.02 35.00 -16.34
N GLU H 105 10.20 34.40 -16.48
CA GLU H 105 11.20 34.88 -17.41
C GLU H 105 10.98 34.30 -18.81
N ARG H 106 11.54 35.00 -19.80
CA ARG H 106 11.41 34.61 -21.19
C ARG H 106 12.75 34.13 -21.72
N SER H 107 12.72 33.11 -22.57
CA SER H 107 13.94 32.56 -23.14
C SER H 107 14.62 33.54 -24.09
N LYS H 108 13.91 34.56 -24.56
CA LYS H 108 14.48 35.56 -25.46
C LYS H 108 15.13 36.72 -24.71
N ALA H 109 15.13 36.69 -23.38
CA ALA H 109 15.72 37.77 -22.60
C ALA H 109 17.23 37.82 -22.80
N TYR H 110 17.79 39.02 -22.62
CA TYR H 110 19.21 39.22 -22.79
C TYR H 110 19.64 40.46 -22.01
N SER H 111 20.80 40.37 -21.35
CA SER H 111 21.36 41.54 -20.69
C SER H 111 21.87 42.54 -21.73
N ASN H 112 21.72 43.82 -21.40
CA ASN H 112 22.08 44.89 -22.33
C ASN H 112 23.14 45.82 -21.78
N CYS H 113 22.98 46.30 -20.55
CA CYS H 113 23.80 47.41 -20.07
C CYS H 113 25.23 46.97 -19.77
N TYR H 114 25.40 45.83 -19.09
CA TYR H 114 26.76 45.43 -18.73
C TYR H 114 26.81 43.92 -18.57
N PRO H 115 27.91 43.27 -18.95
CA PRO H 115 28.02 41.80 -18.83
C PRO H 115 28.40 41.35 -17.43
N TYR H 116 27.46 41.48 -16.50
CA TYR H 116 27.70 41.06 -15.13
C TYR H 116 27.78 39.55 -15.02
N ASP H 117 28.62 39.08 -14.12
CA ASP H 117 28.64 37.67 -13.72
C ASP H 117 28.52 37.61 -12.21
N VAL H 118 27.58 36.80 -11.72
CA VAL H 118 27.26 36.73 -10.31
C VAL H 118 27.86 35.44 -9.74
N PRO H 119 28.87 35.51 -8.90
CA PRO H 119 29.31 34.30 -8.18
C PRO H 119 28.17 33.75 -7.35
N ASP H 120 27.98 32.43 -7.43
CA ASP H 120 26.83 31.76 -6.82
C ASP H 120 25.53 32.41 -7.29
N TYR H 121 25.37 32.49 -8.61
CA TYR H 121 24.20 33.14 -9.20
C TYR H 121 22.91 32.41 -8.83
N ALA H 122 22.94 31.08 -8.85
CA ALA H 122 21.75 30.28 -8.58
C ALA H 122 21.26 30.42 -7.15
N SER H 123 22.07 30.95 -6.24
CA SER H 123 21.63 31.22 -4.87
C SER H 123 21.06 32.61 -4.72
N LEU H 124 21.67 33.62 -5.35
CA LEU H 124 21.11 34.96 -5.30
C LEU H 124 19.76 35.02 -6.00
N ARG H 125 19.63 34.32 -7.13
CA ARG H 125 18.35 34.30 -7.84
C ARG H 125 17.26 33.70 -6.97
N SER H 126 17.57 32.60 -6.27
CA SER H 126 16.58 31.97 -5.40
C SER H 126 16.28 32.83 -4.18
N LEU H 127 17.28 33.53 -3.65
CA LEU H 127 17.04 34.41 -2.50
C LEU H 127 16.15 35.58 -2.87
N VAL H 128 16.39 36.20 -4.03
CA VAL H 128 15.57 37.34 -4.45
C VAL H 128 14.16 36.86 -4.82
N ALA H 129 14.06 35.74 -5.54
CA ALA H 129 12.76 35.27 -6.01
C ALA H 129 11.87 34.77 -4.88
N SER H 130 12.41 34.52 -3.69
CA SER H 130 11.61 34.03 -2.58
C SER H 130 10.94 35.15 -1.79
N SER H 131 11.34 36.40 -2.00
CA SER H 131 10.73 37.52 -1.28
C SER H 131 9.58 38.15 -2.07
N GLY H 132 9.75 38.28 -3.38
CA GLY H 132 8.70 38.87 -4.21
C GLY H 132 8.41 40.32 -3.88
N THR H 133 9.45 41.12 -3.68
CA THR H 133 9.28 42.53 -3.37
C THR H 133 10.49 43.29 -3.88
N LEU H 134 10.25 44.35 -4.65
CA LEU H 134 11.30 45.22 -5.16
C LEU H 134 11.18 46.62 -4.56
N GLU H 135 10.79 46.70 -3.29
CA GLU H 135 10.60 47.99 -2.61
C GLU H 135 11.98 48.56 -2.25
N PHE H 136 12.62 49.18 -3.23
CA PHE H 136 13.90 49.83 -3.00
C PHE H 136 13.69 51.14 -2.27
N LYS H 137 14.42 51.32 -1.17
CA LYS H 137 14.32 52.52 -0.35
C LYS H 137 15.67 53.21 -0.32
N ASN H 138 15.75 54.40 -0.90
CA ASN H 138 17.01 55.14 -0.94
C ASN H 138 17.43 55.52 0.47
N GLU H 139 18.73 55.41 0.75
CA GLU H 139 19.30 55.82 2.02
C GLU H 139 20.45 56.78 1.76
N SER H 140 20.57 57.79 2.62
CA SER H 140 21.58 58.85 2.46
C SER H 140 22.91 58.35 3.01
N PHE H 141 23.70 57.73 2.13
CA PHE H 141 25.01 57.25 2.51
C PHE H 141 26.00 58.41 2.63
N ASN H 142 27.19 58.08 3.12
CA ASN H 142 28.21 59.07 3.47
C ASN H 142 29.40 59.00 2.51
N TRP H 143 29.12 58.83 1.21
CA TRP H 143 30.19 58.86 0.22
C TRP H 143 30.76 60.27 0.11
N THR H 144 32.00 60.47 0.56
CA THR H 144 32.62 61.78 0.54
C THR H 144 34.03 61.66 -0.01
N GLY H 145 34.45 62.67 -0.79
CA GLY H 145 35.75 62.68 -1.41
C GLY H 145 35.86 61.92 -2.71
N VAL H 146 34.76 61.33 -3.19
CA VAL H 146 34.75 60.61 -4.46
C VAL H 146 33.56 61.08 -5.27
N THR H 147 33.68 60.94 -6.59
CA THR H 147 32.58 61.28 -7.49
C THR H 147 31.65 60.09 -7.66
N GLN H 148 30.38 60.39 -7.90
CA GLN H 148 29.35 59.38 -8.06
C GLN H 148 28.84 59.37 -9.49
N ASN H 149 27.92 58.45 -9.77
CA ASN H 149 27.22 58.37 -11.05
C ASN H 149 28.19 58.20 -12.21
N GLY H 150 28.89 57.07 -12.21
CA GLY H 150 29.70 56.70 -13.34
C GLY H 150 28.84 56.42 -14.56
N THR H 151 29.40 56.68 -15.73
CA THR H 151 28.68 56.61 -16.99
C THR H 151 29.32 55.57 -17.91
N SER H 152 28.47 54.75 -18.52
CA SER H 152 28.91 53.73 -19.47
C SER H 152 28.15 53.89 -20.77
N SER H 153 28.83 53.58 -21.88
CA SER H 153 28.27 53.77 -23.21
C SER H 153 27.45 52.58 -23.69
N ALA H 154 27.76 51.37 -23.23
CA ALA H 154 26.99 50.19 -23.61
C ALA H 154 25.60 50.18 -22.99
N CYS H 155 25.37 50.99 -21.97
CA CYS H 155 24.08 51.14 -21.32
C CYS H 155 23.47 52.44 -21.80
N ILE H 156 22.37 52.36 -22.55
CA ILE H 156 21.75 53.53 -23.16
C ILE H 156 20.33 53.68 -22.61
N ARG H 157 20.05 54.85 -22.04
CA ARG H 157 18.73 55.20 -21.58
C ARG H 157 18.40 56.59 -22.08
N GLY H 158 17.28 56.72 -22.81
CA GLY H 158 16.95 58.00 -23.41
C GLY H 158 17.97 58.45 -24.44
N SER H 159 18.47 57.53 -25.26
CA SER H 159 19.44 57.80 -26.31
C SER H 159 20.70 58.49 -25.77
N SER H 160 21.07 58.18 -24.53
CA SER H 160 22.26 58.75 -23.91
C SER H 160 22.95 57.68 -23.08
N SER H 161 24.26 57.85 -22.89
CA SER H 161 25.03 56.92 -22.09
C SER H 161 24.55 56.95 -20.64
N SER H 162 24.55 55.78 -20.01
CA SER H 162 23.92 55.66 -18.69
C SER H 162 24.55 54.48 -17.95
N PHE H 163 23.86 54.01 -16.91
CA PHE H 163 24.34 52.89 -16.10
C PHE H 163 23.13 52.32 -15.36
N PHE H 164 23.39 51.34 -14.49
CA PHE H 164 22.33 50.75 -13.68
C PHE H 164 21.75 51.79 -12.74
N SER H 165 20.44 51.68 -12.47
CA SER H 165 19.78 52.64 -11.59
C SER H 165 20.01 52.33 -10.12
N ARG H 166 19.96 51.06 -9.74
CA ARG H 166 20.07 50.71 -8.32
C ARG H 166 21.50 50.77 -7.81
N LEU H 167 22.48 50.43 -8.64
CA LEU H 167 23.88 50.41 -8.24
C LEU H 167 24.57 51.71 -8.64
N ASN H 168 25.37 52.24 -7.72
CA ASN H 168 26.07 53.51 -7.91
C ASN H 168 27.55 53.21 -8.15
N TRP H 169 28.02 53.51 -9.36
CA TRP H 169 29.39 53.26 -9.75
C TRP H 169 30.24 54.47 -9.35
N LEU H 170 31.13 54.28 -8.39
CA LEU H 170 31.98 55.36 -7.91
C LEU H 170 33.29 55.39 -8.69
N THR H 171 33.88 56.58 -8.76
CA THR H 171 35.10 56.79 -9.52
C THR H 171 35.95 57.81 -8.77
N HIS H 172 37.20 57.95 -9.23
CA HIS H 172 38.11 58.89 -8.60
C HIS H 172 37.63 60.32 -8.78
N LEU H 173 37.86 61.14 -7.75
CA LEU H 173 37.59 62.57 -7.80
C LEU H 173 38.88 63.34 -7.62
N ASN H 174 39.18 64.22 -8.57
CA ASN H 174 40.41 65.02 -8.57
C ASN H 174 41.65 64.12 -8.47
N TYR H 175 41.66 63.07 -9.29
CA TYR H 175 42.82 62.18 -9.42
C TYR H 175 43.20 61.54 -8.08
N THR H 176 42.19 61.18 -7.29
CA THR H 176 42.43 60.47 -6.04
C THR H 176 41.19 59.67 -5.67
N TYR H 177 41.39 58.69 -4.80
CA TYR H 177 40.30 57.82 -4.33
C TYR H 177 40.56 57.51 -2.86
N PRO H 178 40.06 58.35 -1.95
CA PRO H 178 40.28 58.09 -0.53
C PRO H 178 39.60 56.80 -0.08
N ALA H 179 40.21 56.16 0.92
CA ALA H 179 39.65 54.93 1.48
C ALA H 179 38.32 55.23 2.16
N LEU H 180 37.40 54.27 2.06
CA LEU H 180 36.05 54.43 2.58
C LEU H 180 35.89 53.68 3.90
N ASN H 181 35.06 54.25 4.78
CA ASN H 181 34.62 53.59 6.01
C ASN H 181 33.23 54.15 6.33
N VAL H 182 32.20 53.46 5.85
CA VAL H 182 30.83 53.92 6.05
C VAL H 182 30.07 52.85 6.83
N THR H 183 29.01 53.29 7.49
CA THR H 183 28.20 52.42 8.33
C THR H 183 26.73 52.76 8.13
N MET H 184 25.88 51.76 8.33
CA MET H 184 24.43 51.96 8.24
C MET H 184 23.73 50.98 9.17
N PRO H 185 23.34 51.43 10.36
CA PRO H 185 22.68 50.53 11.31
C PRO H 185 21.27 50.18 10.88
N ASN H 186 20.79 49.06 11.41
CA ASN H 186 19.44 48.56 11.15
C ASN H 186 18.66 48.62 12.46
N ASN H 187 17.83 49.65 12.60
CA ASN H 187 17.12 49.87 13.86
C ASN H 187 15.80 49.12 13.91
N GLU H 188 15.00 49.21 12.85
CA GLU H 188 13.66 48.64 12.87
C GLU H 188 13.73 47.11 12.83
N GLN H 189 12.56 46.49 13.00
CA GLN H 189 12.47 45.04 13.16
C GLN H 189 12.22 44.32 11.84
N PHE H 190 13.09 44.55 10.85
CA PHE H 190 13.10 43.72 9.66
C PHE H 190 14.50 43.75 9.06
N ASP H 191 14.81 42.69 8.29
CA ASP H 191 16.12 42.56 7.68
C ASP H 191 16.26 43.55 6.54
N LYS H 192 17.51 43.89 6.22
CA LYS H 192 17.80 44.82 5.13
C LYS H 192 18.87 44.22 4.24
N LEU H 193 18.54 44.01 2.97
CA LEU H 193 19.42 43.37 2.01
C LEU H 193 20.09 44.43 1.15
N TYR H 194 21.42 44.40 1.09
CA TYR H 194 22.21 45.33 0.30
C TYR H 194 22.84 44.59 -0.87
N ILE H 195 22.57 45.06 -2.08
CA ILE H 195 23.16 44.53 -3.30
C ILE H 195 24.26 45.49 -3.75
N TRP H 196 25.47 44.97 -3.89
CA TRP H 196 26.61 45.78 -4.34
C TRP H 196 27.47 44.90 -5.24
N GLY H 197 28.62 45.42 -5.65
CA GLY H 197 29.46 44.67 -6.55
C GLY H 197 30.88 45.19 -6.59
N VAL H 198 31.70 44.50 -7.36
CA VAL H 198 33.10 44.86 -7.57
C VAL H 198 33.39 44.81 -9.07
N HIS H 199 34.13 45.80 -9.56
CA HIS H 199 34.40 45.96 -10.98
C HIS H 199 35.73 45.30 -11.33
N HIS H 200 35.68 44.31 -12.23
CA HIS H 200 36.89 43.68 -12.76
C HIS H 200 37.22 44.37 -14.07
N PRO H 201 38.27 45.20 -14.14
CA PRO H 201 38.55 45.94 -15.37
C PRO H 201 39.12 45.07 -16.48
N GLY H 202 39.51 45.70 -17.59
CA GLY H 202 40.08 44.97 -18.70
C GLY H 202 41.59 44.91 -18.66
N THR H 203 42.24 46.06 -18.52
CA THR H 203 43.69 46.18 -18.51
C THR H 203 44.13 47.04 -17.33
N ASP H 204 45.44 47.18 -17.17
CA ASP H 204 45.98 48.06 -16.14
C ASP H 204 45.66 49.53 -16.45
N LYS H 205 45.68 49.90 -17.74
CA LYS H 205 45.35 51.27 -18.11
C LYS H 205 43.91 51.59 -17.75
N ASP H 206 42.98 50.67 -18.01
CA ASP H 206 41.59 50.88 -17.66
C ASP H 206 41.37 50.96 -16.15
N GLN H 207 42.26 50.37 -15.36
CA GLN H 207 42.18 50.47 -13.91
C GLN H 207 42.72 51.80 -13.41
N ILE H 208 43.85 52.24 -13.96
CA ILE H 208 44.44 53.50 -13.53
C ILE H 208 43.56 54.68 -13.96
N PHE H 209 42.95 54.59 -15.15
CA PHE H 209 42.12 55.68 -15.64
C PHE H 209 40.92 55.94 -14.75
N LEU H 210 40.41 54.91 -14.08
CA LEU H 210 39.24 55.05 -13.22
C LEU H 210 39.61 55.24 -11.75
N TYR H 211 40.66 54.59 -11.27
CA TYR H 211 41.07 54.67 -9.88
C TYR H 211 42.56 54.98 -9.78
N ALA H 212 42.94 55.64 -8.68
CA ALA H 212 44.35 55.87 -8.41
C ALA H 212 45.05 54.65 -7.83
N GLN H 213 44.29 53.61 -7.47
CA GLN H 213 44.83 52.39 -6.91
C GLN H 213 44.69 51.26 -7.92
N SER H 214 45.73 50.44 -8.04
CA SER H 214 45.74 49.39 -9.06
C SER H 214 45.15 48.07 -8.56
N SER H 215 45.26 47.78 -7.27
CA SER H 215 44.85 46.49 -6.71
C SER H 215 44.05 46.68 -5.43
N GLY H 216 43.08 47.59 -5.46
CA GLY H 216 42.31 47.92 -4.28
C GLY H 216 41.47 46.79 -3.71
N ARG H 217 41.70 46.46 -2.45
CA ARG H 217 40.89 45.49 -1.72
C ARG H 217 39.54 46.09 -1.37
N ILE H 218 38.55 45.22 -1.14
CA ILE H 218 37.27 45.67 -0.58
C ILE H 218 36.87 44.72 0.54
N THR H 219 36.09 45.26 1.48
CA THR H 219 35.68 44.48 2.66
C THR H 219 34.35 45.02 3.16
N VAL H 220 33.32 44.19 3.10
CA VAL H 220 32.00 44.53 3.61
C VAL H 220 31.72 43.59 4.78
N SER H 221 31.52 44.15 5.96
CA SER H 221 31.42 43.37 7.19
C SER H 221 30.17 43.71 7.97
N THR H 222 29.51 42.67 8.47
CA THR H 222 28.51 42.78 9.52
C THR H 222 29.16 42.31 10.82
N LYS H 223 28.40 42.39 11.92
CA LYS H 223 28.92 41.88 13.17
C LYS H 223 29.09 40.36 13.13
N ARG H 224 28.22 39.67 12.41
CA ARG H 224 28.29 38.21 12.36
C ARG H 224 29.45 37.73 11.50
N SER H 225 29.64 38.33 10.33
CA SER H 225 30.61 37.81 9.37
C SER H 225 31.10 38.94 8.47
N GLN H 226 32.18 38.66 7.74
CA GLN H 226 32.78 39.62 6.83
C GLN H 226 33.00 38.98 5.46
N GLN H 227 33.08 39.82 4.44
CA GLN H 227 33.42 39.39 3.09
C GLN H 227 34.53 40.30 2.56
N ALA H 228 35.62 39.69 2.11
CA ALA H 228 36.76 40.41 1.54
C ALA H 228 36.95 39.96 0.10
N VAL H 229 37.10 40.92 -0.81
CA VAL H 229 37.21 40.62 -2.23
C VAL H 229 38.38 41.40 -2.83
N ILE H 230 39.11 40.73 -3.71
CA ILE H 230 40.22 41.31 -4.46
C ILE H 230 39.85 41.29 -5.94
N PRO H 231 39.72 42.43 -6.60
CA PRO H 231 39.48 42.42 -8.05
C PRO H 231 40.74 42.04 -8.82
N ASN H 232 40.57 41.20 -9.83
CA ASN H 232 41.67 40.68 -10.62
C ASN H 232 41.58 41.21 -12.04
N ILE H 233 42.62 41.93 -12.48
CA ILE H 233 42.64 42.45 -13.84
C ILE H 233 42.84 41.32 -14.82
N GLY H 234 42.06 41.33 -15.91
CA GLY H 234 42.15 40.29 -16.92
C GLY H 234 41.50 40.69 -18.24
N SER H 235 42.10 40.26 -19.35
CA SER H 235 41.61 40.61 -20.68
C SER H 235 40.61 39.55 -21.12
N ARG H 236 39.38 39.69 -20.64
CA ARG H 236 38.30 38.79 -21.02
C ARG H 236 37.85 39.09 -22.45
N PRO H 237 37.28 38.10 -23.13
CA PRO H 237 36.80 38.34 -24.50
C PRO H 237 35.73 39.41 -24.53
N ARG H 238 35.75 40.22 -25.59
CA ARG H 238 34.82 41.34 -25.68
C ARG H 238 33.42 40.85 -25.99
N ILE H 239 32.45 41.30 -25.20
CA ILE H 239 31.03 41.08 -25.46
C ILE H 239 30.35 42.43 -25.42
N ARG H 240 29.62 42.75 -26.48
CA ARG H 240 29.07 44.10 -26.68
C ARG H 240 30.17 45.16 -26.63
N ASP H 241 31.33 44.80 -27.20
CA ASP H 241 32.45 45.72 -27.39
C ASP H 241 32.99 46.27 -26.06
N ILE H 242 32.84 45.53 -24.98
CA ILE H 242 33.44 45.89 -23.70
C ILE H 242 34.05 44.65 -23.06
N PRO H 243 35.33 44.68 -22.67
CA PRO H 243 35.95 43.48 -22.09
C PRO H 243 35.73 43.33 -20.59
N SER H 244 35.50 44.44 -19.90
CA SER H 244 35.43 44.42 -18.45
C SER H 244 34.17 43.73 -17.95
N ARG H 245 34.20 43.34 -16.67
CA ARG H 245 33.08 42.65 -16.03
C ARG H 245 32.78 43.29 -14.69
N ILE H 246 31.63 42.94 -14.13
CA ILE H 246 31.32 43.28 -12.74
C ILE H 246 30.80 42.01 -12.06
N SER H 247 31.08 41.91 -10.76
CA SER H 247 30.66 40.77 -9.95
C SER H 247 29.73 41.28 -8.86
N ILE H 248 28.54 40.69 -8.77
CA ILE H 248 27.48 41.18 -7.89
C ILE H 248 27.45 40.30 -6.64
N TYR H 249 27.60 40.91 -5.48
CA TYR H 249 27.49 40.25 -4.20
C TYR H 249 26.24 40.74 -3.48
N TRP H 250 26.04 40.26 -2.25
CA TRP H 250 24.90 40.68 -1.45
C TRP H 250 25.19 40.42 0.02
N THR H 251 24.77 41.36 0.87
CA THR H 251 24.90 41.21 2.30
C THR H 251 23.57 41.54 2.97
N ILE H 252 23.11 40.66 3.86
CA ILE H 252 21.84 40.84 4.56
C ILE H 252 22.14 41.22 6.00
N VAL H 253 21.49 42.28 6.49
CA VAL H 253 21.68 42.79 7.83
C VAL H 253 20.46 42.45 8.66
N LYS H 254 20.70 41.74 9.77
CA LYS H 254 19.67 41.40 10.74
C LYS H 254 19.32 42.62 11.59
N PRO H 255 18.15 42.64 12.21
CA PRO H 255 17.83 43.73 13.14
C PRO H 255 18.81 43.77 14.31
N GLY H 256 19.21 44.97 14.69
CA GLY H 256 20.17 45.18 15.75
C GLY H 256 21.62 45.19 15.32
N ASP H 257 21.92 44.67 14.13
CA ASP H 257 23.28 44.69 13.60
C ASP H 257 23.50 45.96 12.78
N ILE H 258 24.76 46.18 12.39
CA ILE H 258 25.12 47.28 11.52
C ILE H 258 25.91 46.74 10.34
N LEU H 259 25.87 47.48 9.23
CA LEU H 259 26.64 47.14 8.04
C LEU H 259 27.76 48.16 7.89
N LEU H 260 28.99 47.65 7.74
CA LEU H 260 30.18 48.49 7.62
C LEU H 260 30.84 48.16 6.29
N ILE H 261 31.09 49.19 5.49
CA ILE H 261 31.70 49.04 4.18
C ILE H 261 33.03 49.78 4.19
N ASN H 262 34.12 49.06 3.92
CA ASN H 262 35.44 49.62 3.75
C ASN H 262 35.96 49.24 2.38
N SER H 263 36.61 50.19 1.70
CA SER H 263 37.06 49.92 0.35
C SER H 263 38.20 50.86 -0.01
N THR H 264 39.02 50.41 -0.95
CA THR H 264 40.14 51.19 -1.47
C THR H 264 40.09 51.28 -3.00
N GLY H 265 39.04 50.78 -3.63
CA GLY H 265 38.90 50.86 -5.06
C GLY H 265 37.98 49.77 -5.58
N ASN H 266 37.56 49.95 -6.84
CA ASN H 266 36.74 48.97 -7.55
C ASN H 266 35.42 48.70 -6.83
N LEU H 267 34.84 49.73 -6.22
CA LEU H 267 33.60 49.56 -5.47
C LEU H 267 32.40 50.07 -6.27
N ILE H 268 31.36 49.26 -6.31
CA ILE H 268 30.07 49.65 -6.90
C ILE H 268 29.05 49.57 -5.77
N ALA H 269 28.72 50.71 -5.19
CA ALA H 269 27.97 50.75 -3.94
C ALA H 269 26.47 50.65 -4.18
N PRO H 270 25.71 50.29 -3.16
CA PRO H 270 24.25 50.43 -3.25
C PRO H 270 23.80 51.86 -3.05
N ARG H 271 22.63 52.16 -3.59
CA ARG H 271 21.96 53.42 -3.29
C ARG H 271 21.02 53.31 -2.10
N GLY H 272 20.66 52.09 -1.71
CA GLY H 272 19.75 51.87 -0.60
C GLY H 272 19.71 50.42 -0.20
N TYR H 273 18.53 49.90 0.14
CA TYR H 273 18.39 48.52 0.54
C TYR H 273 17.08 47.96 0.01
N PHE H 274 17.06 46.65 -0.19
CA PHE H 274 15.84 45.94 -0.56
C PHE H 274 15.21 45.34 0.69
N LYS H 275 13.88 45.31 0.71
CA LYS H 275 13.13 44.81 1.86
C LYS H 275 12.96 43.30 1.72
N ILE H 276 13.98 42.57 2.17
CA ILE H 276 13.92 41.12 2.15
C ILE H 276 12.96 40.62 3.22
N ARG H 277 12.03 39.75 2.82
CA ARG H 277 11.05 39.22 3.76
C ARG H 277 10.59 37.85 3.28
N SER H 278 10.07 37.07 4.21
CA SER H 278 9.48 35.79 3.86
C SER H 278 8.21 35.99 3.06
N GLY H 279 7.95 35.06 2.14
CA GLY H 279 6.78 35.18 1.30
C GLY H 279 6.53 33.91 0.52
N LYS H 280 5.46 33.94 -0.26
CA LYS H 280 5.04 32.81 -1.07
C LYS H 280 5.44 32.94 -2.53
N SER H 281 6.25 33.95 -2.87
CA SER H 281 6.62 34.20 -4.24
C SER H 281 7.56 33.11 -4.76
N SER H 282 7.74 33.09 -6.07
CA SER H 282 8.57 32.10 -6.74
C SER H 282 9.00 32.66 -8.09
N ILE H 283 9.81 31.88 -8.81
CA ILE H 283 10.27 32.25 -10.14
C ILE H 283 10.14 31.04 -11.05
N MET H 284 10.00 31.31 -12.35
CA MET H 284 9.88 30.26 -13.35
C MET H 284 10.36 30.83 -14.68
N ARG H 285 10.66 29.93 -15.62
CA ARG H 285 11.19 30.30 -16.93
C ARG H 285 10.34 29.63 -17.99
N SER H 286 9.64 30.42 -18.80
CA SER H 286 8.70 29.87 -19.77
C SER H 286 8.69 30.76 -21.01
N ASP H 287 7.76 30.47 -21.93
CA ASP H 287 7.61 31.26 -23.14
C ASP H 287 6.15 31.44 -23.54
N ALA H 288 5.20 30.95 -22.75
CA ALA H 288 3.80 31.02 -23.12
C ALA H 288 3.26 32.44 -22.93
N PRO H 289 2.46 32.94 -23.89
CA PRO H 289 1.88 34.27 -23.73
C PRO H 289 0.88 34.32 -22.58
N ILE H 290 0.67 35.54 -22.08
CA ILE H 290 -0.19 35.77 -20.93
C ILE H 290 -1.57 36.21 -21.40
N GLY H 291 -2.61 35.54 -20.89
CA GLY H 291 -3.98 35.89 -21.19
C GLY H 291 -4.78 36.23 -19.94
N LYS H 292 -6.10 36.11 -20.02
CA LYS H 292 -6.99 36.42 -18.90
C LYS H 292 -7.93 35.25 -18.66
N CYS H 293 -7.81 34.64 -17.49
CA CYS H 293 -8.64 33.52 -17.04
C CYS H 293 -8.35 33.30 -15.56
N LYS H 294 -8.96 32.27 -14.98
CA LYS H 294 -8.77 31.91 -13.59
C LYS H 294 -8.16 30.51 -13.51
N SER H 295 -7.00 30.41 -12.88
CA SER H 295 -6.31 29.13 -12.75
C SER H 295 -5.44 29.17 -11.50
N GLU H 296 -5.33 28.02 -10.82
CA GLU H 296 -4.64 27.95 -9.55
C GLU H 296 -3.16 27.61 -9.69
N CYS H 297 -2.77 26.86 -10.70
CA CYS H 297 -1.38 26.45 -10.89
C CYS H 297 -0.84 27.04 -12.19
N ILE H 298 0.45 27.36 -12.17
CA ILE H 298 1.15 27.85 -13.36
C ILE H 298 2.34 26.93 -13.62
N THR H 299 2.51 26.52 -14.88
CA THR H 299 3.53 25.63 -15.38
C THR H 299 4.20 26.32 -16.55
N PRO H 300 5.46 25.97 -16.87
CA PRO H 300 6.10 26.55 -18.06
C PRO H 300 5.31 26.32 -19.35
N ASN H 301 4.49 25.28 -19.43
CA ASN H 301 3.64 25.10 -20.60
C ASN H 301 2.47 26.07 -20.59
N GLY H 302 1.96 26.41 -19.40
CA GLY H 302 0.84 27.32 -19.29
C GLY H 302 0.03 27.03 -18.03
N SER H 303 -1.25 27.33 -18.11
CA SER H 303 -2.14 27.01 -17.01
C SER H 303 -2.50 25.52 -17.04
N ILE H 304 -3.05 25.04 -15.93
CA ILE H 304 -3.46 23.65 -15.83
C ILE H 304 -4.51 23.53 -14.72
N PRO H 305 -5.64 22.87 -14.97
CA PRO H 305 -6.66 22.75 -13.93
C PRO H 305 -6.19 21.90 -12.75
N ASN H 306 -6.73 22.21 -11.59
CA ASN H 306 -6.42 21.48 -10.35
C ASN H 306 -7.36 20.32 -10.10
N ASP H 307 -8.26 20.01 -11.03
CA ASP H 307 -9.31 19.02 -10.80
C ASP H 307 -8.84 17.58 -10.98
N LYS H 308 -7.53 17.33 -10.99
CA LYS H 308 -6.99 15.98 -11.09
C LYS H 308 -5.77 15.87 -10.18
N PRO H 309 -5.51 14.67 -9.64
CA PRO H 309 -4.42 14.54 -8.66
C PRO H 309 -3.03 14.38 -9.25
N PHE H 310 -2.91 14.07 -10.54
CA PHE H 310 -1.60 13.84 -11.15
C PHE H 310 -1.50 14.65 -12.44
N GLN H 311 -0.32 14.62 -13.05
CA GLN H 311 -0.08 15.39 -14.26
C GLN H 311 1.06 14.78 -15.04
N ASN H 312 1.13 15.13 -16.33
CA ASN H 312 2.25 14.77 -17.19
C ASN H 312 2.86 15.96 -17.89
N VAL H 313 2.34 17.17 -17.66
CA VAL H 313 2.76 18.33 -18.46
C VAL H 313 4.22 18.67 -18.20
N ASN H 314 4.60 18.78 -16.92
CA ASN H 314 5.96 19.15 -16.57
C ASN H 314 6.19 18.86 -15.10
N ARG H 315 7.46 18.93 -14.69
CA ARG H 315 7.85 18.70 -13.31
C ARG H 315 8.12 19.98 -12.55
N ILE H 316 8.01 21.14 -13.19
CA ILE H 316 8.21 22.43 -12.54
C ILE H 316 6.86 23.13 -12.47
N THR H 317 6.43 23.49 -11.26
CA THR H 317 5.12 24.07 -11.05
C THR H 317 5.21 25.18 -10.02
N TYR H 318 4.20 26.07 -10.05
CA TYR H 318 3.97 27.03 -8.98
C TYR H 318 2.50 27.01 -8.63
N GLY H 319 2.21 27.13 -7.34
CA GLY H 319 0.85 27.01 -6.84
C GLY H 319 0.55 25.61 -6.34
N ALA H 320 -0.73 25.37 -6.10
CA ALA H 320 -1.20 24.09 -5.59
C ALA H 320 -1.42 23.08 -6.72
N CYS H 321 -0.33 22.82 -7.44
CA CYS H 321 -0.38 21.93 -8.59
C CYS H 321 -0.38 20.46 -8.15
N PRO H 322 -0.91 19.56 -9.00
CA PRO H 322 -0.89 18.14 -8.66
C PRO H 322 0.50 17.54 -8.69
N ARG H 323 0.61 16.27 -8.33
CA ARG H 323 1.88 15.56 -8.35
C ARG H 323 2.30 15.25 -9.78
N TYR H 324 3.60 15.10 -9.98
CA TYR H 324 4.17 14.72 -11.27
C TYR H 324 4.57 13.26 -11.23
N VAL H 325 4.28 12.54 -12.32
CA VAL H 325 4.56 11.11 -12.44
C VAL H 325 5.21 10.87 -13.78
N LYS H 326 5.52 9.60 -14.07
CA LYS H 326 6.08 9.20 -15.35
C LYS H 326 5.12 8.43 -16.23
N GLN H 327 4.08 7.83 -15.65
CA GLN H 327 3.13 7.05 -16.44
C GLN H 327 2.45 7.92 -17.48
N SER H 328 2.38 7.40 -18.71
CA SER H 328 1.71 8.14 -19.79
C SER H 328 0.22 8.31 -19.49
N THR H 329 -0.43 7.27 -18.96
CA THR H 329 -1.84 7.33 -18.64
C THR H 329 -2.12 6.58 -17.35
N LEU H 330 -3.17 6.99 -16.66
CA LEU H 330 -3.64 6.34 -15.45
C LEU H 330 -5.15 6.46 -15.40
N LYS H 331 -5.82 5.36 -15.07
CA LYS H 331 -7.28 5.33 -15.05
C LYS H 331 -7.76 4.83 -13.70
N LEU H 332 -8.65 5.59 -13.07
CA LEU H 332 -9.32 5.19 -11.85
C LEU H 332 -10.70 4.65 -12.22
N ALA H 333 -11.05 3.49 -11.67
CA ALA H 333 -12.29 2.81 -12.01
C ALA H 333 -13.45 3.51 -11.28
N THR H 334 -13.95 4.57 -11.91
CA THR H 334 -15.15 5.23 -11.45
C THR H 334 -16.35 4.45 -11.95
N GLY H 335 -16.40 3.17 -11.61
CA GLY H 335 -17.39 2.25 -12.14
C GLY H 335 -16.96 0.84 -11.84
N MET H 336 -17.83 -0.10 -12.20
CA MET H 336 -17.60 -1.51 -11.90
C MET H 336 -17.27 -2.28 -13.18
N ARG H 337 -17.05 -3.57 -13.02
CA ARG H 337 -16.60 -4.42 -14.12
C ARG H 337 -17.66 -4.49 -15.21
N ASN H 338 -17.19 -4.68 -16.44
CA ASN H 338 -18.03 -4.69 -17.63
C ASN H 338 -18.03 -6.09 -18.23
N VAL H 339 -19.22 -6.66 -18.43
CA VAL H 339 -19.39 -7.92 -19.13
C VAL H 339 -20.36 -7.70 -20.27
N PRO H 340 -19.90 -7.68 -21.52
CA PRO H 340 -20.82 -7.41 -22.64
C PRO H 340 -21.92 -8.47 -22.71
N GLU H 341 -23.12 -8.01 -23.05
CA GLU H 341 -24.28 -8.89 -23.03
C GLU H 341 -24.24 -9.85 -24.21
N LYS H 342 -24.45 -11.14 -23.92
CA LYS H 342 -24.65 -12.18 -24.93
C LYS H 342 -26.05 -12.73 -24.70
N GLN H 343 -27.03 -12.06 -25.30
CA GLN H 343 -28.43 -12.44 -25.13
C GLN H 343 -28.84 -13.58 -26.04
N THR H 344 -28.12 -13.79 -27.14
CA THR H 344 -28.44 -14.87 -28.06
C THR H 344 -27.90 -16.19 -27.53
N ARG H 345 -28.76 -17.21 -27.50
CA ARG H 345 -28.37 -18.55 -27.11
C ARG H 345 -29.04 -19.49 -28.10
N GLY H 346 -28.33 -19.82 -29.19
CA GLY H 346 -28.90 -20.65 -30.23
C GLY H 346 -30.15 -20.04 -30.83
N ILE H 347 -31.31 -20.62 -30.51
CA ILE H 347 -32.59 -20.12 -30.99
C ILE H 347 -33.49 -19.63 -29.87
N PHE H 348 -33.26 -20.04 -28.62
CA PHE H 348 -34.15 -19.68 -27.53
C PHE H 348 -33.80 -18.34 -26.89
N GLY H 349 -32.53 -18.11 -26.57
CA GLY H 349 -32.11 -16.88 -25.91
C GLY H 349 -31.69 -17.11 -24.46
N ALA H 350 -31.17 -16.05 -23.87
CA ALA H 350 -30.65 -16.10 -22.50
C ALA H 350 -31.17 -14.92 -21.69
N ILE H 351 -31.31 -15.15 -20.39
CA ILE H 351 -31.81 -14.14 -19.46
C ILE H 351 -30.93 -13.98 -18.22
N ALA H 352 -29.84 -14.74 -18.12
CA ALA H 352 -29.03 -14.74 -16.90
C ALA H 352 -28.40 -13.37 -16.67
N GLY H 353 -27.88 -13.18 -15.45
CA GLY H 353 -27.32 -11.90 -15.07
C GLY H 353 -26.40 -12.01 -13.89
N PHE H 354 -25.37 -11.17 -13.88
CA PHE H 354 -24.45 -10.96 -12.76
C PHE H 354 -23.47 -12.12 -12.57
N ILE H 355 -23.71 -13.23 -13.24
CA ILE H 355 -22.82 -14.38 -13.17
C ILE H 355 -22.24 -14.74 -14.53
N GLU H 356 -23.07 -14.70 -15.57
CA GLU H 356 -22.63 -15.04 -16.91
C GLU H 356 -22.91 -13.96 -17.94
N ASN H 357 -23.62 -12.89 -17.58
CA ASN H 357 -24.09 -11.94 -18.58
C ASN H 357 -24.38 -10.60 -17.93
N GLY H 358 -23.62 -9.57 -18.30
CA GLY H 358 -23.99 -8.22 -17.94
C GLY H 358 -25.13 -7.71 -18.80
N TRP H 359 -25.89 -6.77 -18.25
CA TRP H 359 -27.12 -6.31 -18.89
C TRP H 359 -26.88 -5.03 -19.69
N GLU H 360 -27.28 -5.06 -20.95
CA GLU H 360 -27.30 -3.87 -21.79
C GLU H 360 -28.68 -3.22 -21.73
N GLY H 361 -28.74 -1.96 -22.17
CA GLY H 361 -29.99 -1.25 -22.22
C GLY H 361 -30.64 -1.01 -20.87
N MET H 362 -29.88 -0.55 -19.88
CA MET H 362 -30.42 -0.21 -18.57
C MET H 362 -29.68 1.03 -18.08
N VAL H 363 -30.32 2.19 -18.24
CA VAL H 363 -29.77 3.46 -17.79
C VAL H 363 -30.48 3.98 -16.55
N ASP H 364 -31.42 3.22 -15.99
CA ASP H 364 -32.11 3.65 -14.78
C ASP H 364 -31.14 3.74 -13.61
N GLY H 365 -30.24 2.78 -13.49
CA GLY H 365 -29.28 2.77 -12.40
C GLY H 365 -28.24 1.70 -12.65
N TRP H 366 -27.36 1.52 -11.66
CA TRP H 366 -26.30 0.54 -11.78
C TRP H 366 -26.83 -0.87 -11.57
N TYR H 367 -27.39 -1.13 -10.38
CA TYR H 367 -27.92 -2.44 -10.06
C TYR H 367 -29.42 -2.48 -10.35
N GLY H 368 -29.91 -3.65 -10.75
CA GLY H 368 -31.30 -3.74 -11.15
C GLY H 368 -31.96 -5.09 -10.98
N PHE H 369 -33.18 -5.21 -11.46
CA PHE H 369 -33.99 -6.41 -11.32
C PHE H 369 -34.70 -6.71 -12.63
N ARG H 370 -35.00 -7.98 -12.83
CA ARG H 370 -35.86 -8.44 -13.92
C ARG H 370 -36.72 -9.56 -13.38
N HIS H 371 -37.78 -9.89 -14.12
CA HIS H 371 -38.69 -10.93 -13.67
C HIS H 371 -39.44 -11.50 -14.86
N GLN H 372 -39.96 -12.71 -14.67
CA GLN H 372 -40.80 -13.36 -15.67
C GLN H 372 -41.95 -14.04 -14.95
N ASN H 373 -43.16 -13.82 -15.45
CA ASN H 373 -44.38 -14.39 -14.87
C ASN H 373 -45.47 -14.30 -15.93
N SER H 374 -46.71 -14.56 -15.52
CA SER H 374 -47.83 -14.58 -16.46
C SER H 374 -48.22 -13.19 -16.95
N GLU H 375 -47.64 -12.13 -16.40
CA GLU H 375 -47.92 -10.77 -16.85
C GLU H 375 -46.83 -10.20 -17.73
N GLY H 376 -45.83 -10.99 -18.09
CA GLY H 376 -44.83 -10.54 -19.04
C GLY H 376 -43.52 -10.15 -18.38
N ARG H 377 -42.44 -10.24 -19.15
CA ARG H 377 -41.12 -9.87 -18.66
C ARG H 377 -41.00 -8.36 -18.50
N GLY H 378 -40.14 -7.95 -17.56
CA GLY H 378 -39.98 -6.54 -17.27
C GLY H 378 -38.61 -6.26 -16.69
N GLN H 379 -38.40 -4.99 -16.32
CA GLN H 379 -37.12 -4.55 -15.79
C GLN H 379 -37.37 -3.41 -14.82
N ALA H 380 -36.52 -3.32 -13.79
CA ALA H 380 -36.61 -2.27 -12.79
C ALA H 380 -35.24 -2.01 -12.20
N ALA H 381 -35.14 -0.98 -11.39
CA ALA H 381 -33.87 -0.60 -10.77
C ALA H 381 -34.06 -0.38 -9.27
N ASP H 382 -32.98 -0.64 -8.53
CA ASP H 382 -32.96 -0.41 -7.08
C ASP H 382 -32.23 0.90 -6.82
N LEU H 383 -32.97 1.90 -6.34
CA LEU H 383 -32.39 3.22 -6.11
C LEU H 383 -31.48 3.24 -4.89
N LYS H 384 -31.80 2.45 -3.86
CA LYS H 384 -31.03 2.48 -2.63
C LYS H 384 -29.61 1.97 -2.83
N SER H 385 -29.47 0.80 -3.45
CA SER H 385 -28.15 0.22 -3.65
C SER H 385 -27.29 1.07 -4.58
N THR H 386 -27.87 1.53 -5.69
CA THR H 386 -27.09 2.36 -6.61
C THR H 386 -26.75 3.70 -5.98
N GLN H 387 -27.63 4.25 -5.13
CA GLN H 387 -27.32 5.51 -4.47
C GLN H 387 -26.19 5.33 -3.46
N ALA H 388 -26.20 4.23 -2.71
CA ALA H 388 -25.09 3.96 -1.80
C ALA H 388 -23.79 3.80 -2.56
N ALA H 389 -23.81 3.06 -3.67
CA ALA H 389 -22.61 2.87 -4.47
C ALA H 389 -22.11 4.20 -5.03
N ILE H 390 -23.02 5.04 -5.53
CA ILE H 390 -22.63 6.32 -6.10
C ILE H 390 -22.06 7.23 -5.02
N ASP H 391 -22.66 7.24 -3.83
CA ASP H 391 -22.15 8.06 -2.75
C ASP H 391 -20.74 7.63 -2.35
N GLN H 392 -20.53 6.31 -2.22
CA GLN H 392 -19.19 5.84 -1.88
C GLN H 392 -18.18 6.17 -2.96
N ILE H 393 -18.56 6.01 -4.23
CA ILE H 393 -17.66 6.33 -5.34
C ILE H 393 -17.32 7.82 -5.35
N ASN H 394 -18.33 8.66 -5.14
CA ASN H 394 -18.10 10.11 -5.15
C ASN H 394 -17.24 10.54 -3.97
N GLY H 395 -17.42 9.94 -2.79
CA GLY H 395 -16.54 10.23 -1.68
C GLY H 395 -15.11 9.82 -1.96
N LYS H 396 -14.93 8.62 -2.53
CA LYS H 396 -13.59 8.17 -2.89
C LYS H 396 -12.93 9.11 -3.89
N LEU H 397 -13.72 9.60 -4.85
CA LEU H 397 -13.16 10.49 -5.87
C LEU H 397 -12.85 11.87 -5.30
N ASN H 398 -13.72 12.41 -4.44
CA ASN H 398 -13.46 13.69 -3.79
C ASN H 398 -12.33 13.63 -2.79
N ARG H 399 -11.94 12.42 -2.34
CA ARG H 399 -10.78 12.31 -1.47
C ARG H 399 -9.52 12.86 -2.13
N LEU H 400 -9.35 12.61 -3.43
CA LEU H 400 -8.14 13.02 -4.15
C LEU H 400 -8.29 14.40 -4.79
N ILE H 401 -9.39 14.63 -5.50
CA ILE H 401 -9.53 15.83 -6.33
C ILE H 401 -9.71 17.05 -5.44
N GLY H 402 -8.91 18.08 -5.69
CA GLY H 402 -9.01 19.34 -4.99
C GLY H 402 -8.28 19.43 -3.68
N LYS H 403 -7.60 18.36 -3.26
CA LYS H 403 -6.89 18.35 -1.98
C LYS H 403 -5.38 18.46 -2.16
N THR H 404 -4.93 19.25 -3.13
CA THR H 404 -3.50 19.42 -3.34
C THR H 404 -2.91 20.33 -2.27
N ASN H 405 -1.58 20.34 -2.20
CA ASN H 405 -0.84 21.09 -1.19
C ASN H 405 0.05 22.12 -1.87
N GLU H 406 0.27 23.24 -1.18
CA GLU H 406 1.04 24.33 -1.75
C GLU H 406 2.51 23.95 -1.88
N LYS H 407 3.11 24.32 -3.01
CA LYS H 407 4.50 24.02 -3.32
C LYS H 407 5.17 25.27 -3.91
N PHE H 408 5.04 26.39 -3.21
CA PHE H 408 5.39 27.69 -3.78
C PHE H 408 6.81 27.74 -4.28
N HIS H 409 7.79 27.39 -3.44
CA HIS H 409 9.19 27.52 -3.79
C HIS H 409 9.87 26.16 -3.74
N GLN H 410 10.63 25.84 -4.79
CA GLN H 410 11.36 24.58 -4.89
C GLN H 410 12.70 24.86 -5.53
N ILE H 411 13.52 23.81 -5.65
CA ILE H 411 14.84 23.92 -6.27
C ILE H 411 14.67 23.94 -7.79
N GLU H 412 15.73 24.35 -8.49
CA GLU H 412 15.70 24.36 -9.95
C GLU H 412 15.81 22.93 -10.49
N LYS H 413 14.89 22.57 -11.37
CA LYS H 413 14.80 21.20 -11.87
C LYS H 413 15.22 21.06 -13.33
N GLU H 414 15.71 22.13 -13.94
CA GLU H 414 16.25 22.06 -15.30
C GLU H 414 17.60 22.77 -15.34
N PHE H 415 18.49 22.27 -16.18
CA PHE H 415 19.84 22.80 -16.28
C PHE H 415 20.27 22.86 -17.73
N SER H 416 21.20 23.77 -18.01
CA SER H 416 21.76 23.95 -19.36
C SER H 416 23.28 24.01 -19.30
N GLU H 417 23.89 23.39 -18.30
CA GLU H 417 25.32 23.45 -18.10
C GLU H 417 25.74 22.30 -17.19
N VAL H 418 26.99 21.88 -17.33
CA VAL H 418 27.62 20.93 -16.42
C VAL H 418 28.28 21.72 -15.31
N GLU H 419 28.00 21.35 -14.06
CA GLU H 419 28.39 22.18 -12.93
C GLU H 419 29.24 21.40 -11.92
N GLY H 420 28.93 20.13 -11.71
CA GLY H 420 29.71 19.33 -10.78
C GLY H 420 28.90 18.37 -9.94
N ARG H 421 29.21 18.32 -8.65
CA ARG H 421 28.59 17.33 -7.76
C ARG H 421 27.28 17.81 -7.16
N ILE H 422 27.13 19.11 -6.89
CA ILE H 422 25.89 19.60 -6.30
C ILE H 422 24.75 19.54 -7.31
N GLN H 423 25.04 19.87 -8.57
CA GLN H 423 24.04 19.74 -9.63
C GLN H 423 23.63 18.29 -9.82
N ASP H 424 24.61 17.38 -9.79
CA ASP H 424 24.31 15.96 -9.90
C ASP H 424 23.46 15.49 -8.72
N LEU H 425 23.75 15.98 -7.52
CA LEU H 425 22.94 15.62 -6.35
C LEU H 425 21.51 16.13 -6.49
N GLU H 426 21.33 17.35 -6.99
CA GLU H 426 19.99 17.87 -7.21
C GLU H 426 19.23 17.05 -8.23
N LYS H 427 19.90 16.68 -9.34
CA LYS H 427 19.26 15.82 -10.33
C LYS H 427 18.90 14.46 -9.73
N TYR H 428 19.79 13.91 -8.90
CA TYR H 428 19.55 12.61 -8.30
C TYR H 428 18.36 12.65 -7.34
N VAL H 429 18.27 13.69 -6.52
CA VAL H 429 17.15 13.77 -5.58
C VAL H 429 15.85 14.01 -6.33
N GLU H 430 15.89 14.80 -7.40
CA GLU H 430 14.71 14.99 -8.23
C GLU H 430 14.25 13.67 -8.84
N ASP H 431 15.18 12.89 -9.38
CA ASP H 431 14.83 11.61 -9.99
C ASP H 431 14.29 10.64 -8.95
N THR H 432 14.91 10.58 -7.77
CA THR H 432 14.43 9.68 -6.73
C THR H 432 13.03 10.06 -6.27
N LYS H 433 12.77 11.36 -6.09
CA LYS H 433 11.44 11.80 -5.69
C LYS H 433 10.41 11.44 -6.76
N ILE H 434 10.75 11.69 -8.03
CA ILE H 434 9.81 11.40 -9.12
C ILE H 434 9.52 9.90 -9.19
N ASP H 435 10.56 9.07 -9.05
CA ASP H 435 10.37 7.63 -9.11
C ASP H 435 9.53 7.14 -7.94
N LEU H 436 9.80 7.64 -6.73
CA LEU H 436 9.02 7.23 -5.57
C LEU H 436 7.56 7.63 -5.73
N TRP H 437 7.30 8.85 -6.21
CA TRP H 437 5.92 9.29 -6.38
C TRP H 437 5.23 8.55 -7.51
N SER H 438 5.96 8.18 -8.56
CA SER H 438 5.36 7.37 -9.62
C SER H 438 4.95 6.00 -9.09
N TYR H 439 5.83 5.36 -8.30
CA TYR H 439 5.47 4.07 -7.72
C TYR H 439 4.29 4.21 -6.77
N ASN H 440 4.28 5.28 -5.96
CA ASN H 440 3.16 5.51 -5.05
C ASN H 440 1.86 5.70 -5.81
N ALA H 441 1.89 6.47 -6.90
CA ALA H 441 0.69 6.69 -7.69
C ALA H 441 0.18 5.40 -8.32
N GLU H 442 1.09 4.60 -8.88
CA GLU H 442 0.68 3.34 -9.49
C GLU H 442 0.08 2.39 -8.45
N LEU H 443 0.73 2.29 -7.28
CA LEU H 443 0.21 1.43 -6.23
C LEU H 443 -1.14 1.93 -5.72
N LEU H 444 -1.30 3.25 -5.57
CA LEU H 444 -2.57 3.81 -5.11
C LEU H 444 -3.68 3.53 -6.10
N VAL H 445 -3.40 3.70 -7.40
CA VAL H 445 -4.41 3.43 -8.42
C VAL H 445 -4.78 1.95 -8.42
N ALA H 446 -3.79 1.07 -8.33
CA ALA H 446 -4.08 -0.36 -8.30
C ALA H 446 -4.92 -0.74 -7.09
N LEU H 447 -4.56 -0.22 -5.92
CA LEU H 447 -5.31 -0.53 -4.70
C LEU H 447 -6.74 -0.02 -4.80
N GLU H 448 -6.93 1.22 -5.25
CA GLU H 448 -8.26 1.79 -5.33
C GLU H 448 -9.11 1.06 -6.36
N ASN H 449 -8.53 0.68 -7.50
CA ASN H 449 -9.28 -0.09 -8.49
C ASN H 449 -9.68 -1.45 -7.93
N GLN H 450 -8.75 -2.15 -7.26
CA GLN H 450 -9.08 -3.45 -6.69
C GLN H 450 -10.20 -3.32 -5.66
N HIS H 451 -10.10 -2.34 -4.77
CA HIS H 451 -11.13 -2.18 -3.75
C HIS H 451 -12.45 -1.74 -4.33
N THR H 452 -12.46 -0.91 -5.37
CA THR H 452 -13.71 -0.50 -6.00
C THR H 452 -14.38 -1.68 -6.71
N ILE H 453 -13.60 -2.46 -7.45
CA ILE H 453 -14.16 -3.60 -8.16
C ILE H 453 -14.69 -4.65 -7.19
N ASP H 454 -14.02 -4.83 -6.05
CA ASP H 454 -14.53 -5.78 -5.06
C ASP H 454 -15.69 -5.22 -4.25
N LEU H 455 -15.74 -3.91 -4.03
CA LEU H 455 -16.86 -3.30 -3.32
C LEU H 455 -18.13 -3.38 -4.14
N THR H 456 -18.05 -3.02 -5.43
CA THR H 456 -19.20 -3.05 -6.30
C THR H 456 -19.58 -4.46 -6.74
N ASP H 457 -18.91 -5.47 -6.20
CA ASP H 457 -19.29 -6.86 -6.38
C ASP H 457 -19.79 -7.49 -5.09
N SER H 458 -19.22 -7.11 -3.94
CA SER H 458 -19.77 -7.52 -2.65
C SER H 458 -21.10 -6.84 -2.39
N GLU H 459 -21.30 -5.65 -2.96
CA GLU H 459 -22.59 -4.99 -2.83
C GLU H 459 -23.67 -5.67 -3.66
N MET H 460 -23.27 -6.50 -4.63
CA MET H 460 -24.22 -7.30 -5.39
C MET H 460 -24.32 -8.73 -4.89
N ASN H 461 -23.28 -9.26 -4.24
CA ASN H 461 -23.47 -10.46 -3.45
C ASN H 461 -24.42 -10.19 -2.30
N LYS H 462 -24.28 -9.03 -1.65
CA LYS H 462 -25.35 -8.47 -0.85
C LYS H 462 -26.49 -8.05 -1.77
N LEU H 463 -27.70 -8.03 -1.22
CA LEU H 463 -28.94 -7.81 -1.97
C LEU H 463 -29.27 -9.04 -2.81
N PHE H 464 -28.32 -9.97 -2.90
CA PHE H 464 -28.63 -11.32 -3.38
C PHE H 464 -28.83 -12.26 -2.22
N GLU H 465 -27.89 -12.26 -1.26
CA GLU H 465 -28.10 -12.94 0.00
C GLU H 465 -29.31 -12.35 0.74
N LYS H 466 -29.49 -11.03 0.67
CA LYS H 466 -30.62 -10.40 1.33
C LYS H 466 -31.95 -10.88 0.73
N THR H 467 -32.03 -10.95 -0.59
CA THR H 467 -33.24 -11.45 -1.23
C THR H 467 -33.44 -12.93 -0.92
N LYS H 468 -32.35 -13.70 -0.84
CA LYS H 468 -32.47 -15.11 -0.46
C LYS H 468 -33.03 -15.24 0.95
N LYS H 469 -32.58 -14.40 1.87
CA LYS H 469 -33.10 -14.42 3.23
C LYS H 469 -34.57 -14.02 3.26
N GLN H 470 -34.94 -13.00 2.48
CA GLN H 470 -36.34 -12.57 2.43
C GLN H 470 -37.24 -13.68 1.92
N LEU H 471 -36.81 -14.37 0.86
CA LEU H 471 -37.62 -15.43 0.29
C LEU H 471 -37.57 -16.72 1.10
N ARG H 472 -36.55 -16.88 1.95
CA ARG H 472 -36.42 -18.06 2.81
C ARG H 472 -36.47 -19.35 2.02
N GLU H 473 -37.52 -20.14 2.26
CA GLU H 473 -37.69 -21.45 1.63
C GLU H 473 -38.49 -21.39 0.34
N ASN H 474 -38.91 -20.21 -0.09
CA ASN H 474 -39.79 -20.08 -1.24
C ASN H 474 -39.05 -19.94 -2.57
N ALA H 475 -37.74 -19.79 -2.55
CA ALA H 475 -36.96 -19.62 -3.77
C ALA H 475 -35.73 -20.52 -3.74
N GLU H 476 -35.31 -20.95 -4.92
CA GLU H 476 -34.13 -21.80 -5.06
C GLU H 476 -33.16 -21.14 -6.04
N ASP H 477 -31.89 -21.08 -5.65
CA ASP H 477 -30.88 -20.44 -6.49
C ASP H 477 -30.60 -21.32 -7.69
N MET H 478 -30.90 -20.79 -8.89
CA MET H 478 -30.66 -21.56 -10.11
C MET H 478 -29.16 -21.75 -10.37
N GLY H 479 -28.34 -20.82 -9.89
CA GLY H 479 -26.90 -20.90 -10.09
C GLY H 479 -26.39 -20.17 -11.30
N ASN H 480 -27.25 -19.81 -12.25
CA ASN H 480 -26.83 -19.03 -13.41
C ASN H 480 -26.76 -17.55 -13.12
N GLY H 481 -27.14 -17.12 -11.91
CA GLY H 481 -27.05 -15.73 -11.54
C GLY H 481 -28.17 -15.21 -10.68
N CYS H 482 -29.23 -15.99 -10.50
CA CYS H 482 -30.40 -15.48 -9.79
C CYS H 482 -31.31 -16.65 -9.40
N PHE H 483 -32.49 -16.30 -8.88
CA PHE H 483 -33.38 -17.23 -8.21
C PHE H 483 -34.42 -17.82 -9.15
N LYS H 484 -35.12 -18.83 -8.65
CA LYS H 484 -36.36 -19.33 -9.23
C LYS H 484 -37.35 -19.45 -8.09
N ILE H 485 -38.44 -18.69 -8.19
CA ILE H 485 -39.45 -18.64 -7.14
C ILE H 485 -40.57 -19.63 -7.47
N TYR H 486 -40.93 -20.47 -6.50
CA TYR H 486 -41.81 -21.60 -6.75
C TYR H 486 -43.27 -21.33 -6.39
N HIS H 487 -43.64 -20.10 -6.08
CA HIS H 487 -45.04 -19.75 -5.88
C HIS H 487 -45.52 -18.87 -7.02
N LYS H 488 -46.86 -18.71 -7.10
CA LYS H 488 -47.49 -17.96 -8.18
C LYS H 488 -47.34 -16.47 -7.90
N CYS H 489 -46.17 -15.95 -8.25
CA CYS H 489 -45.89 -14.53 -8.07
C CYS H 489 -46.53 -13.71 -9.18
N ASP H 490 -46.94 -12.50 -8.83
CA ASP H 490 -47.55 -11.57 -9.78
C ASP H 490 -46.83 -10.24 -9.80
N ASN H 491 -47.39 -9.24 -10.46
CA ASN H 491 -46.75 -7.94 -10.56
C ASN H 491 -46.60 -7.25 -9.20
N ALA H 492 -47.41 -7.64 -8.22
CA ALA H 492 -47.30 -7.05 -6.88
C ALA H 492 -46.26 -7.74 -6.02
N CYS H 493 -46.10 -9.06 -6.17
CA CYS H 493 -45.11 -9.79 -5.38
C CYS H 493 -43.69 -9.35 -5.73
N ILE H 494 -43.41 -9.10 -7.01
CA ILE H 494 -42.09 -8.63 -7.40
C ILE H 494 -41.80 -7.27 -6.78
N GLY H 495 -42.78 -6.36 -6.82
CA GLY H 495 -42.59 -5.07 -6.18
C GLY H 495 -42.40 -5.17 -4.68
N SER H 496 -43.14 -6.08 -4.04
CA SER H 496 -42.97 -6.28 -2.60
C SER H 496 -41.58 -6.80 -2.28
N ILE H 497 -41.07 -7.73 -3.09
CA ILE H 497 -39.71 -8.22 -2.88
C ILE H 497 -38.70 -7.10 -3.06
N ARG H 498 -38.91 -6.26 -4.08
CA ARG H 498 -38.00 -5.14 -4.29
C ARG H 498 -38.02 -4.16 -3.11
N ASN H 499 -39.19 -3.91 -2.55
CA ASN H 499 -39.30 -2.97 -1.44
C ASN H 499 -38.68 -3.48 -0.15
N GLY H 500 -38.77 -4.77 0.11
CA GLY H 500 -38.44 -5.33 1.40
C GLY H 500 -39.62 -5.63 2.28
N THR H 501 -40.84 -5.34 1.83
CA THR H 501 -42.06 -5.63 2.58
C THR H 501 -42.47 -7.09 2.48
N TYR H 502 -41.84 -7.87 1.59
CA TYR H 502 -42.29 -9.23 1.29
C TYR H 502 -42.33 -10.08 2.56
N ASP H 503 -43.45 -10.76 2.75
CA ASP H 503 -43.69 -11.64 3.89
C ASP H 503 -43.79 -13.06 3.37
N HIS H 504 -42.80 -13.90 3.73
CA HIS H 504 -42.72 -15.24 3.15
C HIS H 504 -43.71 -16.21 3.77
N ASN H 505 -44.30 -15.88 4.92
CA ASN H 505 -45.18 -16.83 5.59
C ASN H 505 -46.46 -17.08 4.81
N VAL H 506 -46.89 -16.12 3.98
CA VAL H 506 -48.13 -16.28 3.25
C VAL H 506 -47.98 -17.35 2.16
N TYR H 507 -46.90 -17.28 1.39
CA TYR H 507 -46.69 -18.17 0.26
C TYR H 507 -45.82 -19.38 0.59
N ARG H 508 -45.29 -19.46 1.82
CA ARG H 508 -44.48 -20.60 2.22
C ARG H 508 -45.29 -21.88 2.33
N ASP H 509 -46.62 -21.77 2.42
CA ASP H 509 -47.47 -22.95 2.46
C ASP H 509 -47.52 -23.66 1.12
N GLU H 510 -47.40 -22.94 0.01
CA GLU H 510 -47.43 -23.53 -1.32
C GLU H 510 -46.07 -23.64 -1.98
N ALA H 511 -45.08 -22.85 -1.55
CA ALA H 511 -43.76 -22.94 -2.16
C ALA H 511 -43.15 -24.32 -1.95
N LEU H 512 -43.22 -24.85 -0.72
CA LEU H 512 -42.69 -26.18 -0.47
C LEU H 512 -43.56 -27.26 -1.09
N ASN H 513 -44.86 -26.99 -1.24
CA ASN H 513 -45.72 -27.91 -1.96
C ASN H 513 -45.33 -28.02 -3.43
N ASN H 514 -44.86 -26.92 -4.01
CA ASN H 514 -44.45 -26.96 -5.41
C ASN H 514 -43.02 -27.51 -5.59
N ARG H 515 -42.11 -27.19 -4.66
CA ARG H 515 -40.71 -27.55 -4.85
C ARG H 515 -40.33 -28.90 -4.26
N PHE H 516 -41.06 -29.41 -3.28
CA PHE H 516 -40.72 -30.65 -2.60
C PHE H 516 -41.76 -31.75 -2.82
N GLN H 517 -42.32 -31.81 -4.03
CA GLN H 517 -43.28 -32.86 -4.36
C GLN H 517 -43.02 -33.41 -5.75
N GLN I 17 -8.44 -51.79 11.89
CA GLN I 17 -9.68 -51.94 11.13
C GLN I 17 -9.76 -50.89 10.02
N LYS I 18 -10.95 -50.75 9.44
CA LYS I 18 -11.17 -49.80 8.35
C LYS I 18 -12.65 -49.48 8.30
N ILE I 19 -12.97 -48.46 7.49
CA ILE I 19 -14.37 -48.06 7.31
C ILE I 19 -15.17 -49.23 6.76
N PRO I 20 -16.39 -49.49 7.21
CA PRO I 20 -17.19 -50.57 6.64
C PRO I 20 -17.41 -50.39 5.15
N GLY I 21 -18.00 -51.41 4.54
CA GLY I 21 -18.22 -51.45 3.11
C GLY I 21 -18.91 -50.22 2.57
N ASN I 22 -18.44 -49.72 1.42
CA ASN I 22 -18.98 -48.51 0.84
C ASN I 22 -20.48 -48.65 0.59
N ASP I 23 -21.24 -47.63 0.98
CA ASP I 23 -22.69 -47.70 0.90
C ASP I 23 -23.16 -47.77 -0.54
N ASN I 24 -24.22 -48.54 -0.77
CA ASN I 24 -24.71 -48.78 -2.12
C ASN I 24 -25.41 -47.57 -2.73
N SER I 25 -25.88 -46.64 -1.91
CA SER I 25 -26.72 -45.55 -2.41
C SER I 25 -26.28 -44.21 -1.84
N THR I 26 -24.97 -44.00 -1.70
CA THR I 26 -24.45 -42.74 -1.20
C THR I 26 -23.05 -42.52 -1.74
N ALA I 27 -22.79 -41.31 -2.22
CA ALA I 27 -21.47 -40.88 -2.65
C ALA I 27 -20.96 -39.79 -1.72
N THR I 28 -19.64 -39.62 -1.70
CA THR I 28 -18.99 -38.69 -0.79
C THR I 28 -17.94 -37.87 -1.54
N LEU I 29 -18.37 -37.26 -2.65
CA LEU I 29 -17.47 -36.41 -3.43
C LEU I 29 -16.85 -35.33 -2.55
N CYS I 30 -15.54 -35.15 -2.68
CA CYS I 30 -14.79 -34.25 -1.83
C CYS I 30 -13.82 -33.40 -2.65
N LEU I 31 -13.55 -32.20 -2.17
CA LEU I 31 -12.67 -31.25 -2.84
C LEU I 31 -11.51 -30.88 -1.93
N GLY I 32 -10.34 -30.69 -2.52
CA GLY I 32 -9.18 -30.34 -1.75
C GLY I 32 -8.05 -29.80 -2.61
N HIS I 33 -6.89 -29.62 -1.97
CA HIS I 33 -5.74 -29.03 -2.64
C HIS I 33 -4.47 -29.69 -2.11
N HIS I 34 -3.39 -29.53 -2.88
CA HIS I 34 -2.15 -30.23 -2.58
C HIS I 34 -1.48 -29.64 -1.33
N ALA I 35 -0.47 -30.35 -0.84
CA ALA I 35 0.30 -29.92 0.31
C ALA I 35 1.67 -30.59 0.25
N VAL I 36 2.64 -29.99 0.92
CA VAL I 36 4.01 -30.50 0.92
C VAL I 36 4.49 -30.62 2.36
N PRO I 37 5.42 -31.53 2.66
CA PRO I 37 5.92 -31.65 4.04
C PRO I 37 6.87 -30.53 4.42
N ASN I 38 7.72 -30.11 3.48
CA ASN I 38 8.70 -29.06 3.73
C ASN I 38 8.14 -27.67 3.40
N GLY I 39 7.01 -27.35 4.02
CA GLY I 39 6.37 -26.06 3.81
C GLY I 39 7.25 -24.89 4.19
N THR I 40 7.36 -23.89 3.30
CA THR I 40 8.19 -22.73 3.54
C THR I 40 7.38 -21.66 4.27
N ILE I 41 8.02 -21.00 5.23
CA ILE I 41 7.36 -19.98 6.03
C ILE I 41 7.47 -18.64 5.33
N VAL I 42 6.42 -17.82 5.46
CA VAL I 42 6.34 -16.53 4.79
C VAL I 42 5.48 -15.61 5.63
N LYS I 43 5.66 -14.30 5.44
CA LYS I 43 5.01 -13.28 6.24
C LYS I 43 4.03 -12.49 5.38
N THR I 44 2.87 -12.16 5.97
CA THR I 44 1.86 -11.36 5.29
C THR I 44 1.51 -10.13 6.11
N ILE I 45 0.47 -9.40 5.69
CA ILE I 45 0.09 -8.18 6.39
C ILE I 45 -0.79 -8.46 7.59
N THR I 46 -1.39 -9.65 7.68
CA THR I 46 -2.24 -10.02 8.80
C THR I 46 -1.56 -11.00 9.75
N ASN I 47 -0.91 -12.03 9.22
CA ASN I 47 -0.19 -13.01 10.02
C ASN I 47 1.31 -12.89 9.76
N ASP I 48 2.09 -12.92 10.84
CA ASP I 48 3.54 -12.81 10.70
C ASP I 48 4.18 -14.07 10.16
N ARG I 49 3.62 -15.24 10.46
CA ARG I 49 4.19 -16.51 10.05
C ARG I 49 3.09 -17.43 9.55
N ILE I 50 3.12 -17.76 8.26
CA ILE I 50 2.24 -18.77 7.70
C ILE I 50 3.07 -19.70 6.82
N GLU I 51 2.51 -20.87 6.54
CA GLU I 51 3.18 -21.89 5.73
C GLU I 51 2.59 -21.92 4.33
N VAL I 52 3.46 -21.97 3.33
CA VAL I 52 3.06 -22.06 1.93
C VAL I 52 3.80 -23.23 1.30
N THR I 53 3.17 -23.82 0.28
CA THR I 53 3.74 -24.99 -0.37
C THR I 53 5.01 -24.64 -1.14
N ASN I 54 5.02 -23.50 -1.82
CA ASN I 54 6.16 -23.11 -2.65
C ASN I 54 6.37 -21.61 -2.51
N ALA I 55 7.63 -21.20 -2.46
CA ALA I 55 7.97 -19.79 -2.33
C ALA I 55 9.33 -19.56 -2.95
N THR I 56 9.51 -18.38 -3.52
CA THR I 56 10.74 -18.01 -4.21
C THR I 56 11.42 -16.86 -3.48
N GLU I 57 12.74 -16.94 -3.36
CA GLU I 57 13.53 -15.88 -2.75
C GLU I 57 13.57 -14.69 -3.70
N LEU I 58 12.94 -13.58 -3.32
CA LEU I 58 12.90 -12.41 -4.19
C LEU I 58 14.23 -11.68 -4.22
N VAL I 59 14.99 -11.75 -3.14
CA VAL I 59 16.20 -10.94 -2.98
C VAL I 59 17.41 -11.78 -3.37
N GLN I 60 18.20 -11.27 -4.30
CA GLN I 60 19.40 -11.97 -4.77
C GLN I 60 20.54 -11.64 -3.81
N ASN I 61 20.86 -12.58 -2.92
CA ASN I 61 21.86 -12.38 -1.89
C ASN I 61 23.22 -12.97 -2.24
N SER I 62 23.40 -13.42 -3.48
CA SER I 62 24.66 -14.00 -3.91
C SER I 62 25.11 -13.37 -5.22
N SER I 63 26.42 -13.25 -5.39
CA SER I 63 27.02 -12.68 -6.58
C SER I 63 27.87 -13.72 -7.29
N ILE I 64 27.94 -13.61 -8.61
CA ILE I 64 28.72 -14.55 -9.41
C ILE I 64 30.19 -14.47 -9.05
N GLY I 65 30.70 -13.25 -8.84
CA GLY I 65 32.07 -13.06 -8.44
C GLY I 65 33.02 -12.59 -9.52
N GLU I 66 32.56 -12.49 -10.76
CA GLU I 66 33.39 -12.01 -11.85
C GLU I 66 32.61 -11.04 -12.71
N ILE I 67 33.32 -10.12 -13.36
CA ILE I 67 32.73 -9.08 -14.17
C ILE I 67 32.95 -9.43 -15.65
N CYS I 68 31.86 -9.49 -16.42
CA CYS I 68 31.95 -9.74 -17.84
C CYS I 68 31.22 -8.65 -18.60
N ASP I 69 31.65 -8.42 -19.84
CA ASP I 69 31.32 -7.23 -20.60
C ASP I 69 30.72 -7.59 -21.96
N SER I 70 29.74 -8.49 -21.98
CA SER I 70 29.09 -8.82 -23.24
C SER I 70 28.21 -7.68 -23.75
N PRO I 71 27.15 -7.24 -23.03
CA PRO I 71 26.32 -6.16 -23.56
C PRO I 71 26.91 -4.77 -23.31
N HIS I 72 27.56 -4.59 -22.16
CA HIS I 72 28.12 -3.30 -21.78
C HIS I 72 29.64 -3.37 -21.92
N GLN I 73 30.20 -2.48 -22.74
CA GLN I 73 31.65 -2.42 -22.88
C GLN I 73 32.28 -1.89 -21.60
N ILE I 74 33.30 -2.58 -21.11
CA ILE I 74 33.89 -2.30 -19.81
C ILE I 74 35.40 -2.10 -19.97
N LEU I 75 35.91 -1.01 -19.42
CA LEU I 75 37.34 -0.73 -19.39
C LEU I 75 37.88 -0.93 -17.99
N ASP I 76 39.10 -1.45 -17.90
CA ASP I 76 39.69 -1.87 -16.64
C ASP I 76 40.97 -1.09 -16.37
N GLY I 77 40.94 -0.23 -15.36
CA GLY I 77 42.11 0.51 -14.92
C GLY I 77 42.98 -0.27 -13.97
N GLU I 78 43.76 -1.21 -14.50
CA GLU I 78 44.46 -2.19 -13.67
C GLU I 78 45.40 -1.52 -12.67
N ASN I 79 46.22 -0.56 -13.13
CA ASN I 79 47.19 0.08 -12.26
C ASN I 79 47.00 1.59 -12.12
N CYS I 80 45.98 2.17 -12.75
CA CYS I 80 45.76 3.61 -12.70
C CYS I 80 44.29 3.91 -12.45
N THR I 81 44.04 5.10 -11.93
CA THR I 81 42.69 5.60 -11.77
C THR I 81 42.21 6.22 -13.09
N LEU I 82 40.97 6.71 -13.09
CA LEU I 82 40.45 7.38 -14.28
C LEU I 82 41.21 8.66 -14.57
N ILE I 83 41.53 9.43 -13.52
CA ILE I 83 42.24 10.69 -13.72
C ILE I 83 43.66 10.44 -14.21
N ASP I 84 44.30 9.38 -13.72
CA ASP I 84 45.64 9.05 -14.21
C ASP I 84 45.62 8.70 -15.69
N ALA I 85 44.61 7.96 -16.13
CA ALA I 85 44.49 7.65 -17.56
C ALA I 85 44.20 8.91 -18.36
N LEU I 86 43.33 9.78 -17.85
CA LEU I 86 42.98 11.00 -18.57
C LEU I 86 44.18 11.91 -18.74
N LEU I 87 44.97 12.10 -17.67
CA LEU I 87 46.13 12.97 -17.75
C LEU I 87 47.23 12.38 -18.64
N GLY I 88 47.35 11.06 -18.67
CA GLY I 88 48.35 10.42 -19.49
C GLY I 88 49.58 10.01 -18.69
N ASP I 89 49.67 8.72 -18.38
CA ASP I 89 50.79 8.15 -17.65
C ASP I 89 51.20 6.86 -18.34
N PRO I 90 52.48 6.47 -18.22
CA PRO I 90 52.94 5.26 -18.93
C PRO I 90 52.17 4.00 -18.56
N GLN I 91 51.87 3.82 -17.26
CA GLN I 91 51.24 2.58 -16.80
C GLN I 91 49.85 2.37 -17.38
N CYS I 92 49.25 3.40 -17.96
CA CYS I 92 47.96 3.28 -18.63
C CYS I 92 48.01 3.91 -20.00
N ASP I 93 49.18 3.89 -20.63
CA ASP I 93 49.33 4.47 -21.97
C ASP I 93 48.52 3.72 -23.03
N GLY I 94 48.03 2.53 -22.72
CA GLY I 94 47.12 1.84 -23.61
C GLY I 94 45.69 2.32 -23.54
N PHE I 95 45.43 3.37 -22.77
CA PHE I 95 44.08 3.90 -22.61
C PHE I 95 43.78 5.08 -23.53
N GLN I 96 44.72 5.46 -24.40
CA GLN I 96 44.52 6.62 -25.25
C GLN I 96 43.42 6.38 -26.26
N ASN I 97 42.53 7.36 -26.40
CA ASN I 97 41.44 7.36 -27.38
C ASN I 97 40.48 6.19 -27.18
N LYS I 98 40.43 5.62 -25.99
CA LYS I 98 39.53 4.51 -25.72
C LYS I 98 38.13 5.01 -25.38
N LYS I 99 37.17 4.10 -25.47
CA LYS I 99 35.79 4.38 -25.11
C LYS I 99 35.28 3.27 -24.21
N TRP I 100 34.24 3.58 -23.43
CA TRP I 100 33.70 2.63 -22.49
C TRP I 100 32.26 2.98 -22.16
N ASP I 101 31.56 2.00 -21.61
CA ASP I 101 30.28 2.24 -20.93
C ASP I 101 30.39 2.08 -19.43
N LEU I 102 31.50 1.56 -18.92
CA LEU I 102 31.73 1.46 -17.49
C LEU I 102 33.22 1.33 -17.24
N PHE I 103 33.75 2.15 -16.36
CA PHE I 103 35.17 2.13 -16.00
C PHE I 103 35.30 1.63 -14.57
N VAL I 104 36.01 0.52 -14.39
CA VAL I 104 36.19 -0.10 -13.08
C VAL I 104 37.61 0.15 -12.61
N GLU I 105 37.75 0.91 -11.54
CA GLU I 105 39.05 1.16 -10.94
C GLU I 105 39.40 0.06 -9.94
N ARG I 106 40.70 -0.07 -9.67
CA ARG I 106 41.23 -1.06 -8.76
C ARG I 106 41.75 -0.39 -7.50
N SER I 107 41.54 -1.05 -6.36
CA SER I 107 42.00 -0.52 -5.08
C SER I 107 43.52 -0.48 -4.99
N LYS I 108 44.23 -1.24 -5.84
CA LYS I 108 45.68 -1.26 -5.83
C LYS I 108 46.29 -0.18 -6.72
N ALA I 109 45.47 0.65 -7.35
CA ALA I 109 45.99 1.69 -8.23
C ALA I 109 46.74 2.75 -7.43
N TYR I 110 47.68 3.42 -8.10
CA TYR I 110 48.49 4.44 -7.47
C TYR I 110 49.04 5.37 -8.54
N SER I 111 49.06 6.66 -8.23
CA SER I 111 49.69 7.63 -9.12
C SER I 111 51.20 7.46 -9.08
N ASN I 112 51.84 7.68 -10.23
CA ASN I 112 53.27 7.48 -10.37
C ASN I 112 54.01 8.74 -10.79
N CYS I 113 53.53 9.43 -11.82
CA CYS I 113 54.34 10.47 -12.45
C CYS I 113 54.42 11.72 -11.59
N TYR I 114 53.30 12.18 -11.02
CA TYR I 114 53.35 13.40 -10.25
C TYR I 114 52.23 13.41 -9.23
N PRO I 115 52.46 13.96 -8.03
CA PRO I 115 51.41 13.97 -6.99
C PRO I 115 50.41 15.11 -7.17
N TYR I 116 49.56 14.97 -8.17
CA TYR I 116 48.55 15.97 -8.44
C TYR I 116 47.46 15.94 -7.37
N ASP I 117 46.92 17.12 -7.07
CA ASP I 117 45.73 17.25 -6.25
C ASP I 117 44.72 18.09 -7.01
N VAL I 118 43.49 17.59 -7.13
CA VAL I 118 42.47 18.22 -7.94
C VAL I 118 41.48 18.90 -7.00
N PRO I 119 41.42 20.24 -6.97
CA PRO I 119 40.34 20.91 -6.25
C PRO I 119 38.99 20.49 -6.83
N ASP I 120 38.05 20.16 -5.93
CA ASP I 120 36.76 19.59 -6.32
C ASP I 120 36.97 18.34 -7.19
N TYR I 121 37.76 17.41 -6.67
CA TYR I 121 38.10 16.19 -7.41
C TYR I 121 36.85 15.35 -7.70
N ALA I 122 35.96 15.24 -6.71
CA ALA I 122 34.77 14.41 -6.86
C ALA I 122 33.80 14.93 -7.91
N SER I 123 33.94 16.18 -8.34
CA SER I 123 33.13 16.71 -9.43
C SER I 123 33.77 16.50 -10.78
N LEU I 124 35.09 16.68 -10.90
CA LEU I 124 35.76 16.41 -12.17
C LEU I 124 35.69 14.93 -12.51
N ARG I 125 35.83 14.06 -11.51
CA ARG I 125 35.74 12.63 -11.77
C ARG I 125 34.36 12.26 -12.31
N SER I 126 33.30 12.83 -11.72
CA SER I 126 31.95 12.54 -12.18
C SER I 126 31.68 13.16 -13.55
N LEU I 127 32.26 14.33 -13.82
CA LEU I 127 32.07 14.95 -15.13
C LEU I 127 32.74 14.14 -16.23
N VAL I 128 33.96 13.66 -15.98
CA VAL I 128 34.66 12.87 -16.99
C VAL I 128 34.00 11.51 -17.16
N ALA I 129 33.62 10.87 -16.05
CA ALA I 129 33.06 9.53 -16.10
C ALA I 129 31.68 9.49 -16.75
N SER I 130 31.01 10.63 -16.89
CA SER I 130 29.67 10.65 -17.49
C SER I 130 29.70 10.74 -19.00
N SER I 131 30.84 11.03 -19.60
CA SER I 131 30.94 11.12 -21.06
C SER I 131 31.40 9.80 -21.68
N GLY I 132 32.34 9.12 -21.04
CA GLY I 132 32.83 7.85 -21.57
C GLY I 132 33.52 7.96 -22.91
N THR I 133 34.36 8.98 -23.08
CA THR I 133 35.09 9.18 -24.32
C THR I 133 36.40 9.87 -24.02
N LEU I 134 37.49 9.30 -24.53
CA LEU I 134 38.82 9.88 -24.39
C LEU I 134 39.38 10.29 -25.75
N GLU I 135 38.52 10.79 -26.63
CA GLU I 135 38.92 11.20 -27.98
C GLU I 135 39.64 12.55 -27.89
N PHE I 136 40.92 12.48 -27.54
CA PHE I 136 41.74 13.68 -27.49
C PHE I 136 42.13 14.11 -28.90
N LYS I 137 41.88 15.37 -29.22
CA LYS I 137 42.16 15.93 -30.54
C LYS I 137 43.16 17.07 -30.38
N ASN I 138 44.36 16.86 -30.92
CA ASN I 138 45.39 17.89 -30.81
C ASN I 138 44.99 19.14 -31.59
N GLU I 139 45.27 20.30 -31.00
CA GLU I 139 45.01 21.58 -31.64
C GLU I 139 46.28 22.40 -31.65
N SER I 140 46.51 23.13 -32.74
CA SER I 140 47.74 23.90 -32.92
C SER I 140 47.59 25.24 -32.19
N PHE I 141 48.02 25.24 -30.93
CA PHE I 141 47.97 26.45 -30.12
C PHE I 141 49.10 27.39 -30.53
N ASN I 142 49.06 28.60 -29.96
CA ASN I 142 49.93 29.71 -30.35
C ASN I 142 50.95 30.02 -29.25
N TRP I 143 51.50 28.98 -28.61
CA TRP I 143 52.55 29.20 -27.62
C TRP I 143 53.81 29.70 -28.30
N THR I 144 54.18 30.95 -28.06
CA THR I 144 55.35 31.55 -28.68
C THR I 144 56.16 32.28 -27.64
N GLY I 145 57.49 32.22 -27.77
CA GLY I 145 58.38 32.85 -26.83
C GLY I 145 58.70 32.04 -25.60
N VAL I 146 58.14 30.84 -25.47
CA VAL I 146 58.40 29.97 -24.33
C VAL I 146 58.75 28.58 -24.83
N THR I 147 59.48 27.83 -24.02
CA THR I 147 59.83 26.47 -24.36
C THR I 147 58.73 25.52 -23.88
N GLN I 148 58.58 24.41 -24.60
CA GLN I 148 57.56 23.42 -24.29
C GLN I 148 58.23 22.13 -23.81
N ASN I 149 57.38 21.15 -23.48
CA ASN I 149 57.82 19.81 -23.13
C ASN I 149 58.80 19.81 -21.95
N GLY I 150 58.29 20.26 -20.81
CA GLY I 150 59.05 20.14 -19.58
C GLY I 150 59.25 18.68 -19.19
N THR I 151 60.36 18.41 -18.52
CA THR I 151 60.79 17.06 -18.20
C THR I 151 60.87 16.87 -16.70
N SER I 152 60.32 15.76 -16.20
CA SER I 152 60.38 15.41 -14.80
C SER I 152 60.98 14.02 -14.63
N SER I 153 61.69 13.82 -13.53
CA SER I 153 62.41 12.58 -13.28
C SER I 153 61.54 11.53 -12.58
N ALA I 154 60.56 11.95 -11.79
CA ALA I 154 59.67 11.00 -11.13
C ALA I 154 58.73 10.30 -12.12
N CYS I 155 58.58 10.85 -13.32
CA CYS I 155 57.77 10.26 -14.38
C CYS I 155 58.72 9.61 -15.37
N ILE I 156 58.67 8.29 -15.48
CA ILE I 156 59.60 7.54 -16.31
C ILE I 156 58.80 6.80 -17.38
N ARG I 157 59.15 7.05 -18.64
CA ARG I 157 58.59 6.34 -19.78
C ARG I 157 59.72 5.91 -20.69
N GLY I 158 59.80 4.60 -20.96
CA GLY I 158 60.92 4.08 -21.74
C GLY I 158 62.25 4.27 -21.06
N SER I 159 62.31 4.07 -19.75
CA SER I 159 63.52 4.19 -18.94
C SER I 159 64.17 5.58 -19.09
N SER I 160 63.36 6.60 -19.31
CA SER I 160 63.85 7.97 -19.44
C SER I 160 62.89 8.92 -18.74
N SER I 161 63.43 10.06 -18.33
CA SER I 161 62.61 11.08 -17.68
C SER I 161 61.56 11.61 -18.65
N SER I 162 60.37 11.89 -18.14
CA SER I 162 59.25 12.21 -19.00
C SER I 162 58.24 13.05 -18.22
N PHE I 163 57.01 13.12 -18.72
CA PHE I 163 55.93 13.88 -18.10
C PHE I 163 54.61 13.37 -18.64
N PHE I 164 53.51 14.01 -18.24
CA PHE I 164 52.20 13.63 -18.74
C PHE I 164 52.10 13.88 -20.24
N SER I 165 51.35 13.02 -20.93
CA SER I 165 51.23 13.14 -22.37
C SER I 165 50.21 14.22 -22.78
N ARG I 166 49.08 14.29 -22.07
CA ARG I 166 48.03 15.23 -22.47
C ARG I 166 48.34 16.67 -22.07
N LEU I 167 49.01 16.87 -20.94
CA LEU I 167 49.29 18.21 -20.43
C LEU I 167 50.71 18.61 -20.85
N ASN I 168 50.85 19.87 -21.29
CA ASN I 168 52.12 20.40 -21.76
C ASN I 168 52.64 21.37 -20.70
N TRP I 169 53.77 21.00 -20.09
CA TRP I 169 54.39 21.81 -19.04
C TRP I 169 55.32 22.83 -19.70
N LEU I 170 54.95 24.10 -19.60
CA LEU I 170 55.76 25.17 -20.19
C LEU I 170 56.76 25.70 -19.19
N THR I 171 57.87 26.22 -19.72
CA THR I 171 58.97 26.72 -18.90
C THR I 171 59.56 27.94 -19.58
N HIS I 172 60.43 28.63 -18.85
CA HIS I 172 61.06 29.83 -19.39
C HIS I 172 61.97 29.48 -20.58
N LEU I 173 62.01 30.38 -21.55
CA LEU I 173 62.91 30.27 -22.69
C LEU I 173 63.85 31.46 -22.70
N ASN I 174 65.15 31.19 -22.71
CA ASN I 174 66.18 32.22 -22.68
C ASN I 174 66.00 33.16 -21.49
N TYR I 175 65.79 32.56 -20.32
CA TYR I 175 65.70 33.29 -19.05
C TYR I 175 64.61 34.35 -19.07
N THR I 176 63.48 34.02 -19.70
CA THR I 176 62.33 34.92 -19.69
C THR I 176 61.06 34.12 -19.91
N TYR I 177 59.94 34.72 -19.53
CA TYR I 177 58.62 34.10 -19.67
C TYR I 177 57.63 35.17 -20.05
N PRO I 178 57.45 35.44 -21.35
CA PRO I 178 56.50 36.47 -21.76
C PRO I 178 55.07 36.10 -21.38
N ALA I 179 54.28 37.13 -21.13
CA ALA I 179 52.87 36.94 -20.81
C ALA I 179 52.13 36.35 -22.01
N LEU I 180 51.15 35.50 -21.71
CA LEU I 180 50.42 34.79 -22.74
C LEU I 180 49.03 35.41 -22.94
N ASN I 181 48.57 35.37 -24.20
CA ASN I 181 47.19 35.73 -24.54
C ASN I 181 46.83 34.91 -25.78
N VAL I 182 46.23 33.74 -25.55
CA VAL I 182 45.88 32.85 -26.65
C VAL I 182 44.38 32.64 -26.64
N THR I 183 43.85 32.28 -27.81
CA THR I 183 42.42 32.09 -27.99
C THR I 183 42.18 30.87 -28.86
N MET I 184 41.03 30.23 -28.65
CA MET I 184 40.65 29.07 -29.44
C MET I 184 39.13 29.01 -29.56
N PRO I 185 38.56 29.49 -30.66
CA PRO I 185 37.11 29.49 -30.82
C PRO I 185 36.55 28.09 -31.03
N ASN I 186 35.27 27.95 -30.73
CA ASN I 186 34.54 26.69 -30.90
C ASN I 186 33.48 26.91 -31.98
N ASN I 187 33.78 26.45 -33.19
CA ASN I 187 32.89 26.71 -34.32
C ASN I 187 31.81 25.65 -34.45
N GLU I 188 32.19 24.38 -34.39
CA GLU I 188 31.24 23.29 -34.63
C GLU I 188 30.25 23.17 -33.48
N GLN I 189 29.25 22.31 -33.69
CA GLN I 189 28.11 22.21 -32.78
C GLN I 189 28.31 21.12 -31.72
N PHE I 190 29.41 21.20 -30.98
CA PHE I 190 29.57 20.38 -29.78
C PHE I 190 30.52 21.09 -28.82
N ASP I 191 30.36 20.76 -27.54
CA ASP I 191 31.17 21.38 -26.49
C ASP I 191 32.61 20.87 -26.57
N LYS I 192 33.53 21.68 -26.04
CA LYS I 192 34.95 21.31 -26.02
C LYS I 192 35.50 21.53 -24.63
N LEU I 193 35.98 20.45 -24.02
CA LEU I 193 36.47 20.47 -22.64
C LEU I 193 38.00 20.56 -22.66
N TYR I 194 38.53 21.55 -21.95
CA TYR I 194 39.97 21.75 -21.85
C TYR I 194 40.42 21.45 -20.43
N ILE I 195 41.37 20.52 -20.29
CA ILE I 195 41.98 20.17 -19.01
C ILE I 195 43.35 20.83 -18.94
N TRP I 196 43.57 21.64 -17.91
CA TRP I 196 44.84 22.31 -17.71
C TRP I 196 45.12 22.33 -16.22
N GLY I 197 46.20 23.02 -15.83
CA GLY I 197 46.56 23.03 -14.42
C GLY I 197 47.50 24.16 -14.10
N VAL I 198 47.82 24.25 -12.80
CA VAL I 198 48.76 25.23 -12.28
C VAL I 198 49.74 24.52 -11.36
N HIS I 199 51.02 24.89 -11.46
CA HIS I 199 52.09 24.22 -10.75
C HIS I 199 52.39 24.96 -9.45
N HIS I 200 52.23 24.27 -8.32
CA HIS I 200 52.60 24.82 -7.02
C HIS I 200 54.00 24.32 -6.70
N PRO I 201 55.02 25.17 -6.74
CA PRO I 201 56.39 24.69 -6.52
C PRO I 201 56.69 24.36 -5.07
N GLY I 202 57.95 24.03 -4.79
CA GLY I 202 58.36 23.71 -3.43
C GLY I 202 58.89 24.90 -2.67
N THR I 203 59.86 25.60 -3.26
CA THR I 203 60.50 26.75 -2.63
C THR I 203 60.56 27.90 -3.62
N ASP I 204 61.10 29.04 -3.16
CA ASP I 204 61.30 30.18 -4.04
C ASP I 204 62.36 29.87 -5.09
N LYS I 205 63.40 29.14 -4.71
CA LYS I 205 64.44 28.76 -5.67
C LYS I 205 63.87 27.91 -6.79
N ASP I 206 63.02 26.94 -6.45
CA ASP I 206 62.39 26.10 -7.46
C ASP I 206 61.45 26.88 -8.36
N GLN I 207 60.94 28.01 -7.90
CA GLN I 207 60.09 28.86 -8.73
C GLN I 207 60.93 29.72 -9.67
N ILE I 208 62.02 30.30 -9.15
CA ILE I 208 62.86 31.14 -9.99
C ILE I 208 63.58 30.31 -11.05
N PHE I 209 63.98 29.08 -10.69
CA PHE I 209 64.71 28.23 -11.64
C PHE I 209 63.86 27.88 -12.85
N LEU I 210 62.54 27.80 -12.70
CA LEU I 210 61.66 27.45 -13.79
C LEU I 210 61.05 28.67 -14.49
N TYR I 211 60.73 29.72 -13.74
CA TYR I 211 60.11 30.92 -14.29
C TYR I 211 60.86 32.16 -13.83
N ALA I 212 60.81 33.20 -14.66
CA ALA I 212 61.37 34.49 -14.27
C ALA I 212 60.45 35.28 -13.35
N GLN I 213 59.22 34.81 -13.15
CA GLN I 213 58.25 35.47 -12.29
C GLN I 213 58.02 34.61 -11.05
N SER I 214 57.95 35.27 -9.89
CA SER I 214 57.84 34.54 -8.62
C SER I 214 56.40 34.28 -8.21
N SER I 215 55.46 35.14 -8.59
CA SER I 215 54.07 35.04 -8.13
C SER I 215 53.12 35.25 -9.31
N GLY I 216 53.36 34.56 -10.41
CA GLY I 216 52.57 34.72 -11.61
C GLY I 216 51.11 34.32 -11.49
N ARG I 217 50.22 35.27 -11.77
CA ARG I 217 48.78 35.00 -11.83
C ARG I 217 48.44 34.23 -13.10
N ILE I 218 47.32 33.51 -13.07
CA ILE I 218 46.78 32.91 -14.30
C ILE I 218 45.28 33.20 -14.36
N THR I 219 44.77 33.24 -15.60
CA THR I 219 43.36 33.59 -15.82
C THR I 219 42.90 32.92 -17.11
N VAL I 220 41.95 32.01 -16.99
CA VAL I 220 41.34 31.34 -18.13
C VAL I 220 39.88 31.75 -18.17
N SER I 221 39.47 32.40 -19.26
CA SER I 221 38.15 33.01 -19.35
C SER I 221 37.42 32.56 -20.60
N THR I 222 36.14 32.26 -20.42
CA THR I 222 35.18 32.15 -21.51
C THR I 222 34.33 33.42 -21.51
N LYS I 223 33.42 33.52 -22.47
CA LYS I 223 32.52 34.66 -22.48
C LYS I 223 31.57 34.62 -21.28
N ARG I 224 31.16 33.43 -20.85
CA ARG I 224 30.22 33.30 -19.75
C ARG I 224 30.87 33.64 -18.41
N SER I 225 32.07 33.09 -18.15
CA SER I 225 32.68 33.20 -16.83
C SER I 225 34.20 33.13 -16.97
N GLN I 226 34.88 33.48 -15.87
CA GLN I 226 36.33 33.48 -15.82
C GLN I 226 36.80 32.73 -14.58
N GLN I 227 38.03 32.24 -14.63
CA GLN I 227 38.69 31.62 -13.49
C GLN I 227 40.07 32.23 -13.33
N ALA I 228 40.37 32.74 -12.14
CA ALA I 228 41.66 33.33 -11.83
C ALA I 228 42.29 32.55 -10.69
N VAL I 229 43.56 32.18 -10.85
CA VAL I 229 44.26 31.35 -9.88
C VAL I 229 45.63 31.96 -9.57
N ILE I 230 46.00 31.92 -8.30
CA ILE I 230 47.30 32.37 -7.80
C ILE I 230 48.01 31.15 -7.23
N PRO I 231 49.15 30.74 -7.79
CA PRO I 231 49.92 29.65 -7.17
C PRO I 231 50.63 30.11 -5.91
N ASN I 232 50.59 29.26 -4.88
CA ASN I 232 51.16 29.59 -3.57
C ASN I 232 52.34 28.67 -3.30
N ILE I 233 53.51 29.27 -3.10
CA ILE I 233 54.70 28.49 -2.79
C ILE I 233 54.59 27.91 -1.39
N GLY I 234 54.95 26.64 -1.24
CA GLY I 234 54.89 25.98 0.05
C GLY I 234 55.68 24.70 0.11
N SER I 235 56.30 24.43 1.26
CA SER I 235 57.14 23.24 1.43
C SER I 235 56.27 22.09 1.92
N ARG I 236 55.59 21.45 0.97
CA ARG I 236 54.78 20.29 1.29
C ARG I 236 55.66 19.09 1.57
N PRO I 237 55.16 18.11 2.34
CA PRO I 237 55.96 16.91 2.60
C PRO I 237 56.28 16.16 1.33
N ARG I 238 57.49 15.60 1.28
CA ARG I 238 57.96 14.92 0.08
C ARG I 238 57.23 13.60 -0.11
N ILE I 239 56.68 13.39 -1.30
CA ILE I 239 56.12 12.11 -1.70
C ILE I 239 56.76 11.73 -3.04
N ARG I 240 57.33 10.53 -3.09
CA ARG I 240 58.16 10.10 -4.22
C ARG I 240 59.29 11.09 -4.47
N ASP I 241 59.85 11.61 -3.37
CA ASP I 241 61.06 12.44 -3.39
C ASP I 241 60.85 13.74 -4.17
N ILE I 242 59.62 14.23 -4.25
CA ILE I 242 59.34 15.53 -4.86
C ILE I 242 58.34 16.28 -3.99
N PRO I 243 58.63 17.52 -3.57
CA PRO I 243 57.71 18.25 -2.70
C PRO I 243 56.61 19.00 -3.44
N SER I 244 56.87 19.35 -4.70
CA SER I 244 55.96 20.22 -5.43
C SER I 244 54.67 19.48 -5.80
N ARG I 245 53.65 20.26 -6.14
CA ARG I 245 52.34 19.73 -6.50
C ARG I 245 51.85 20.40 -7.78
N ILE I 246 50.81 19.82 -8.38
CA ILE I 246 50.07 20.48 -9.45
C ILE I 246 48.59 20.38 -9.13
N SER I 247 47.84 21.39 -9.57
CA SER I 247 46.40 21.46 -9.36
C SER I 247 45.71 21.48 -10.72
N ILE I 248 44.79 20.55 -10.93
CA ILE I 248 44.16 20.33 -12.22
C ILE I 248 42.79 21.00 -12.23
N TYR I 249 42.57 21.90 -13.18
CA TYR I 249 41.30 22.56 -13.39
C TYR I 249 40.70 22.09 -14.71
N TRP I 250 39.55 22.65 -15.06
CA TRP I 250 38.90 22.29 -16.32
C TRP I 250 37.96 23.41 -16.73
N THR I 251 37.92 23.70 -18.03
CA THR I 251 37.00 24.69 -18.57
C THR I 251 36.30 24.12 -19.79
N ILE I 252 34.98 24.23 -19.82
CA ILE I 252 34.17 23.71 -20.92
C ILE I 252 33.68 24.87 -21.76
N VAL I 253 33.84 24.77 -23.07
CA VAL I 253 33.46 25.81 -24.01
C VAL I 253 32.24 25.35 -24.78
N LYS I 254 31.18 26.15 -24.71
CA LYS I 254 29.95 25.93 -25.45
C LYS I 254 30.14 26.31 -26.92
N PRO I 255 29.30 25.79 -27.81
CA PRO I 255 29.36 26.23 -29.21
C PRO I 255 29.08 27.72 -29.33
N GLY I 256 29.85 28.38 -30.18
CA GLY I 256 29.73 29.80 -30.39
C GLY I 256 30.58 30.66 -29.48
N ASP I 257 31.06 30.10 -28.37
CA ASP I 257 31.93 30.82 -27.47
C ASP I 257 33.39 30.61 -27.85
N ILE I 258 34.28 31.36 -27.20
CA ILE I 258 35.72 31.20 -27.39
C ILE I 258 36.37 31.03 -26.03
N LEU I 259 37.53 30.38 -26.03
CA LEU I 259 38.33 30.19 -24.83
C LEU I 259 39.57 31.07 -24.92
N LEU I 260 39.80 31.88 -23.89
CA LEU I 260 40.92 32.80 -23.85
C LEU I 260 41.77 32.46 -22.63
N ILE I 261 43.06 32.25 -22.86
CA ILE I 261 43.99 31.89 -21.79
C ILE I 261 45.04 32.99 -21.68
N ASN I 262 45.13 33.60 -20.51
CA ASN I 262 46.15 34.59 -20.18
C ASN I 262 46.93 34.09 -18.96
N SER I 263 48.25 34.26 -19.00
CA SER I 263 49.06 33.74 -17.91
C SER I 263 50.38 34.49 -17.85
N THR I 264 50.96 34.50 -16.66
CA THR I 264 52.26 35.11 -16.41
C THR I 264 53.23 34.13 -15.75
N GLY I 265 52.84 32.87 -15.59
CA GLY I 265 53.70 31.87 -15.00
C GLY I 265 52.90 30.73 -14.42
N ASN I 266 53.62 29.65 -14.12
CA ASN I 266 53.04 28.46 -13.47
C ASN I 266 51.90 27.87 -14.27
N LEU I 267 52.00 27.89 -15.60
CA LEU I 267 50.93 27.39 -16.46
C LEU I 267 51.30 26.01 -17.00
N ILE I 268 50.34 25.10 -16.92
CA ILE I 268 50.44 23.77 -17.53
C ILE I 268 49.30 23.68 -18.53
N ALA I 269 49.60 23.89 -19.80
CA ALA I 269 48.58 24.09 -20.82
C ALA I 269 48.05 22.78 -21.35
N PRO I 270 46.89 22.79 -21.99
CA PRO I 270 46.44 21.61 -22.74
C PRO I 270 47.14 21.53 -24.09
N ARG I 271 47.20 20.30 -24.62
CA ARG I 271 47.62 20.09 -25.99
C ARG I 271 46.45 20.10 -26.96
N GLY I 272 45.22 19.95 -26.46
CA GLY I 272 44.04 19.91 -27.30
C GLY I 272 42.78 20.00 -26.47
N TYR I 273 41.76 19.25 -26.85
CA TYR I 273 40.50 19.25 -26.11
C TYR I 273 39.91 17.85 -26.09
N PHE I 274 39.11 17.58 -25.06
CA PHE I 274 38.36 16.34 -24.97
C PHE I 274 36.94 16.57 -25.47
N LYS I 275 36.37 15.55 -26.10
CA LYS I 275 35.03 15.64 -26.68
C LYS I 275 34.02 15.28 -25.60
N ILE I 276 33.64 16.28 -24.82
CA ILE I 276 32.63 16.08 -23.78
C ILE I 276 31.26 15.95 -24.43
N ARG I 277 30.53 14.91 -24.07
CA ARG I 277 29.20 14.67 -24.63
C ARG I 277 28.37 13.90 -23.63
N SER I 278 27.05 13.98 -23.78
CA SER I 278 26.14 13.20 -22.97
C SER I 278 26.26 11.72 -23.34
N GLY I 279 26.07 10.86 -22.35
CA GLY I 279 26.20 9.44 -22.59
C GLY I 279 25.69 8.65 -21.42
N LYS I 280 25.75 7.32 -21.57
CA LYS I 280 25.29 6.38 -20.56
C LYS I 280 26.43 5.80 -19.74
N SER I 281 27.64 6.32 -19.90
CA SER I 281 28.79 5.76 -19.21
C SER I 281 28.73 6.07 -17.72
N SER I 282 29.59 5.39 -16.96
CA SER I 282 29.63 5.52 -15.52
C SER I 282 31.01 5.06 -15.04
N ILE I 283 31.23 5.16 -13.73
CA ILE I 283 32.48 4.72 -13.11
C ILE I 283 32.14 3.93 -11.86
N MET I 284 33.05 3.05 -11.47
CA MET I 284 32.89 2.24 -10.28
C MET I 284 34.26 1.82 -9.79
N ARG I 285 34.33 1.39 -8.53
CA ARG I 285 35.60 1.01 -7.89
C ARG I 285 35.42 -0.38 -7.29
N SER I 286 36.18 -1.35 -7.80
CA SER I 286 36.02 -2.73 -7.39
C SER I 286 37.37 -3.43 -7.42
N ASP I 287 37.35 -4.75 -7.20
CA ASP I 287 38.57 -5.55 -7.25
C ASP I 287 38.35 -6.92 -7.89
N ALA I 288 37.15 -7.20 -8.39
CA ALA I 288 36.86 -8.53 -8.94
C ALA I 288 37.52 -8.69 -10.32
N PRO I 289 38.11 -9.84 -10.59
CA PRO I 289 38.70 -10.07 -11.92
C PRO I 289 37.65 -10.13 -13.01
N ILE I 290 38.09 -9.87 -14.23
CA ILE I 290 37.22 -9.77 -15.40
C ILE I 290 37.26 -11.10 -16.15
N GLY I 291 36.07 -11.64 -16.43
CA GLY I 291 35.94 -12.87 -17.20
C GLY I 291 35.10 -12.68 -18.45
N LYS I 292 34.53 -13.76 -18.98
CA LYS I 292 33.72 -13.72 -20.18
C LYS I 292 32.39 -14.41 -19.93
N CYS I 293 31.31 -13.65 -20.01
CA CYS I 293 29.94 -14.13 -19.84
C CYS I 293 29.01 -12.99 -20.26
N LYS I 294 27.70 -13.21 -20.11
CA LYS I 294 26.69 -12.22 -20.46
C LYS I 294 25.93 -11.84 -19.19
N SER I 295 25.94 -10.55 -18.86
CA SER I 295 25.26 -10.06 -17.67
C SER I 295 24.87 -8.60 -17.90
N GLU I 296 23.72 -8.21 -17.36
CA GLU I 296 23.18 -6.88 -17.59
C GLU I 296 23.62 -5.85 -16.57
N CYS I 297 23.87 -6.26 -15.33
CA CYS I 297 24.25 -5.34 -14.26
C CYS I 297 25.66 -5.65 -13.77
N ILE I 298 26.39 -4.62 -13.38
CA ILE I 298 27.73 -4.77 -12.80
C ILE I 298 27.73 -4.11 -11.44
N THR I 299 28.28 -4.80 -10.43
CA THR I 299 28.37 -4.40 -9.04
C THR I 299 29.83 -4.55 -8.62
N PRO I 300 30.28 -3.81 -7.61
CA PRO I 300 31.65 -4.01 -7.12
C PRO I 300 31.96 -5.44 -6.72
N ASN I 301 30.96 -6.22 -6.32
CA ASN I 301 31.20 -7.63 -6.02
C ASN I 301 31.38 -8.44 -7.30
N GLY I 302 30.70 -8.06 -8.38
CA GLY I 302 30.82 -8.78 -9.63
C GLY I 302 29.54 -8.64 -10.45
N SER I 303 29.28 -9.65 -11.26
CA SER I 303 28.02 -9.69 -12.00
C SER I 303 26.89 -10.13 -11.08
N ILE I 304 25.66 -9.91 -11.56
CA ILE I 304 24.46 -10.30 -10.82
C ILE I 304 23.31 -10.43 -11.79
N PRO I 305 22.55 -11.52 -11.75
CA PRO I 305 21.42 -11.68 -12.68
C PRO I 305 20.32 -10.67 -12.42
N ASN I 306 19.61 -10.31 -13.48
CA ASN I 306 18.49 -9.38 -13.43
C ASN I 306 17.15 -10.06 -13.18
N ASP I 307 17.15 -11.37 -12.93
CA ASP I 307 15.91 -12.14 -12.84
C ASP I 307 15.21 -12.01 -11.49
N LYS I 308 15.57 -11.04 -10.66
CA LYS I 308 14.91 -10.81 -9.39
C LYS I 308 14.77 -9.31 -9.16
N PRO I 309 13.73 -8.88 -8.44
CA PRO I 309 13.48 -7.43 -8.31
C PRO I 309 14.28 -6.75 -7.22
N PHE I 310 14.90 -7.48 -6.30
CA PHE I 310 15.63 -6.88 -5.19
C PHE I 310 17.00 -7.53 -5.08
N GLN I 311 17.84 -6.99 -4.18
CA GLN I 311 19.18 -7.50 -4.01
C GLN I 311 19.70 -7.15 -2.62
N ASN I 312 20.74 -7.87 -2.21
CA ASN I 312 21.46 -7.58 -0.98
C ASN I 312 22.95 -7.42 -1.19
N VAL I 313 23.43 -7.57 -2.43
CA VAL I 313 24.87 -7.63 -2.66
C VAL I 313 25.53 -6.30 -2.32
N ASN I 314 25.01 -5.20 -2.84
CA ASN I 314 25.59 -3.89 -2.61
C ASN I 314 24.60 -2.82 -3.03
N ARG I 315 24.91 -1.58 -2.66
CA ARG I 315 24.06 -0.43 -2.99
C ARG I 315 24.60 0.38 -4.16
N ILE I 316 25.74 0.00 -4.73
CA ILE I 316 26.32 0.69 -5.88
C ILE I 316 26.22 -0.25 -7.07
N THR I 317 25.57 0.21 -8.13
CA THR I 317 25.32 -0.63 -9.30
C THR I 317 25.50 0.19 -10.57
N TYR I 318 25.72 -0.52 -11.67
CA TYR I 318 25.64 0.06 -13.01
C TYR I 318 24.83 -0.86 -13.89
N GLY I 319 24.02 -0.27 -14.77
CA GLY I 319 23.10 -1.03 -15.58
C GLY I 319 21.71 -1.07 -14.97
N ALA I 320 20.88 -1.95 -15.55
CA ALA I 320 19.50 -2.10 -15.11
C ALA I 320 19.41 -3.08 -13.93
N CYS I 321 20.09 -2.72 -12.85
CA CYS I 321 20.15 -3.55 -11.66
C CYS I 321 18.88 -3.43 -10.83
N PRO I 322 18.56 -4.44 -10.03
CA PRO I 322 17.38 -4.36 -9.17
C PRO I 322 17.53 -3.35 -8.03
N ARG I 323 16.48 -3.17 -7.25
CA ARG I 323 16.52 -2.26 -6.11
C ARG I 323 17.34 -2.86 -4.97
N TYR I 324 17.88 -1.99 -4.13
CA TYR I 324 18.61 -2.39 -2.94
C TYR I 324 17.75 -2.19 -1.71
N VAL I 325 17.79 -3.17 -0.80
CA VAL I 325 17.00 -3.16 0.42
C VAL I 325 17.91 -3.52 1.58
N LYS I 326 17.32 -3.58 2.77
CA LYS I 326 18.05 -3.98 3.98
C LYS I 326 17.65 -5.36 4.50
N GLN I 327 16.48 -5.86 4.12
CA GLN I 327 16.03 -7.16 4.62
C GLN I 327 16.99 -8.25 4.19
N SER I 328 17.35 -9.14 5.12
CA SER I 328 18.23 -10.25 4.80
C SER I 328 17.58 -11.19 3.81
N THR I 329 16.29 -11.47 3.97
CA THR I 329 15.57 -12.37 3.08
C THR I 329 14.16 -11.84 2.85
N LEU I 330 13.61 -12.19 1.69
CA LEU I 330 12.24 -11.86 1.33
C LEU I 330 11.69 -12.99 0.49
N LYS I 331 10.46 -13.41 0.77
CA LYS I 331 9.84 -14.52 0.08
C LYS I 331 8.49 -14.11 -0.46
N LEU I 332 8.28 -14.33 -1.76
CA LEU I 332 6.99 -14.13 -2.40
C LEU I 332 6.30 -15.48 -2.50
N ALA I 333 5.02 -15.51 -2.12
CA ALA I 333 4.26 -16.76 -2.07
C ALA I 333 3.85 -17.14 -3.49
N THR I 334 4.76 -17.81 -4.19
CA THR I 334 4.44 -18.40 -5.49
C THR I 334 3.73 -19.72 -5.26
N GLY I 335 2.63 -19.66 -4.52
CA GLY I 335 1.90 -20.85 -4.10
C GLY I 335 0.93 -20.47 -3.01
N MET I 336 0.15 -21.45 -2.59
CA MET I 336 -0.91 -21.21 -1.61
C MET I 336 -0.53 -21.84 -0.27
N ARG I 337 -1.44 -21.69 0.69
CA ARG I 337 -1.17 -22.11 2.06
C ARG I 337 -0.98 -23.61 2.15
N ASN I 338 -0.19 -24.04 3.12
CA ASN I 338 0.17 -25.44 3.31
C ASN I 338 -0.42 -25.96 4.61
N VAL I 339 -1.16 -27.05 4.52
CA VAL I 339 -1.68 -27.73 5.71
C VAL I 339 -1.23 -29.18 5.64
N PRO I 340 -0.28 -29.61 6.47
CA PRO I 340 0.21 -30.98 6.38
C PRO I 340 -0.91 -31.99 6.64
N GLU I 341 -0.87 -33.09 5.89
CA GLU I 341 -1.96 -34.06 5.95
C GLU I 341 -1.90 -34.86 7.25
N LYS I 342 -3.04 -34.96 7.92
CA LYS I 342 -3.23 -35.83 9.07
C LYS I 342 -4.31 -36.84 8.66
N GLN I 343 -3.88 -37.92 8.00
CA GLN I 343 -4.80 -38.92 7.50
C GLN I 343 -5.20 -39.92 8.58
N THR I 344 -4.40 -40.06 9.62
CA THR I 344 -4.71 -41.00 10.70
C THR I 344 -5.72 -40.37 11.65
N ARG I 345 -6.79 -41.11 11.94
CA ARG I 345 -7.80 -40.70 12.90
C ARG I 345 -8.12 -41.94 13.75
N GLY I 346 -7.40 -42.10 14.86
CA GLY I 346 -7.58 -43.26 15.69
C GLY I 346 -7.29 -44.55 14.94
N ILE I 347 -8.35 -45.30 14.64
CA ILE I 347 -8.22 -46.55 13.90
C ILE I 347 -8.93 -46.50 12.55
N PHE I 348 -9.87 -45.58 12.34
CA PHE I 348 -10.64 -45.55 11.10
C PHE I 348 -9.95 -44.76 9.99
N GLY I 349 -9.48 -43.55 10.29
CA GLY I 349 -8.87 -42.70 9.29
C GLY I 349 -9.73 -41.49 8.94
N ALA I 350 -9.15 -40.61 8.13
CA ALA I 350 -9.79 -39.36 7.75
C ALA I 350 -9.69 -39.15 6.24
N ILE I 351 -10.68 -38.45 5.70
CA ILE I 351 -10.75 -38.17 4.27
C ILE I 351 -11.04 -36.71 3.97
N ALA I 352 -11.19 -35.86 5.00
CA ALA I 352 -11.60 -34.47 4.79
C ALA I 352 -10.54 -33.70 3.99
N GLY I 353 -10.94 -32.53 3.52
CA GLY I 353 -10.05 -31.74 2.67
C GLY I 353 -10.48 -30.29 2.62
N PHE I 354 -9.48 -29.40 2.51
CA PHE I 354 -9.64 -27.97 2.25
C PHE I 354 -10.16 -27.20 3.46
N ILE I 355 -10.63 -27.92 4.48
CA ILE I 355 -11.10 -27.28 5.70
C ILE I 355 -10.30 -27.72 6.91
N GLU I 356 -9.98 -29.02 7.02
CA GLU I 356 -9.23 -29.55 8.13
C GLU I 356 -7.97 -30.30 7.72
N ASN I 357 -7.74 -30.53 6.43
CA ASN I 357 -6.66 -31.43 6.03
C ASN I 357 -6.25 -31.12 4.59
N GLY I 358 -5.02 -30.66 4.41
CA GLY I 358 -4.45 -30.58 3.08
C GLY I 358 -4.03 -31.96 2.58
N TRP I 359 -4.03 -32.12 1.25
CA TRP I 359 -3.82 -33.42 0.64
C TRP I 359 -2.36 -33.61 0.25
N GLU I 360 -1.77 -34.71 0.70
CA GLU I 360 -0.46 -35.14 0.25
C GLU I 360 -0.59 -36.11 -0.92
N GLY I 361 0.52 -36.31 -1.63
CA GLY I 361 0.54 -37.25 -2.73
C GLY I 361 -0.37 -36.89 -3.90
N MET I 362 -0.35 -35.63 -4.34
CA MET I 362 -1.12 -35.20 -5.49
C MET I 362 -0.27 -34.21 -6.28
N VAL I 363 0.38 -34.69 -7.33
CA VAL I 363 1.20 -33.85 -8.21
C VAL I 363 0.53 -33.58 -9.54
N ASP I 364 -0.71 -34.04 -9.73
CA ASP I 364 -1.42 -33.77 -10.97
C ASP I 364 -1.68 -32.28 -11.15
N GLY I 365 -2.06 -31.60 -10.08
CA GLY I 365 -2.33 -30.17 -10.14
C GLY I 365 -2.50 -29.63 -8.74
N TRP I 366 -2.87 -28.35 -8.68
CA TRP I 366 -3.05 -27.69 -7.39
C TRP I 366 -4.37 -28.10 -6.75
N TYR I 367 -5.48 -27.83 -7.41
CA TYR I 367 -6.80 -28.16 -6.90
C TYR I 367 -7.24 -29.51 -7.46
N GLY I 368 -8.01 -30.25 -6.67
CA GLY I 368 -8.38 -31.59 -7.08
C GLY I 368 -9.68 -32.11 -6.52
N PHE I 369 -9.96 -33.38 -6.79
CA PHE I 369 -11.20 -34.04 -6.39
C PHE I 369 -10.89 -35.44 -5.87
N ARG I 370 -11.79 -35.92 -5.00
CA ARG I 370 -11.78 -37.30 -4.55
C ARG I 370 -13.23 -37.75 -4.44
N HIS I 371 -13.43 -39.06 -4.35
CA HIS I 371 -14.79 -39.58 -4.27
C HIS I 371 -14.76 -40.96 -3.63
N GLN I 372 -15.91 -41.36 -3.12
CA GLN I 372 -16.11 -42.70 -2.56
C GLN I 372 -17.47 -43.21 -3.00
N ASN I 373 -17.49 -44.43 -3.50
CA ASN I 373 -18.72 -45.07 -3.97
C ASN I 373 -18.46 -46.57 -4.04
N SER I 374 -19.39 -47.30 -4.67
CA SER I 374 -19.28 -48.76 -4.73
C SER I 374 -18.18 -49.23 -5.66
N GLU I 375 -17.55 -48.34 -6.43
CA GLU I 375 -16.46 -48.71 -7.32
C GLU I 375 -15.09 -48.36 -6.76
N GLY I 376 -15.02 -47.88 -5.53
CA GLY I 376 -13.73 -47.65 -4.88
C GLY I 376 -13.34 -46.19 -4.85
N ARG I 377 -12.50 -45.84 -3.89
CA ARG I 377 -12.02 -44.48 -3.73
C ARG I 377 -11.03 -44.13 -4.85
N GLY I 378 -10.96 -42.85 -5.19
CA GLY I 378 -10.10 -42.41 -6.26
C GLY I 378 -9.70 -40.96 -6.08
N GLN I 379 -8.97 -40.44 -7.08
CA GLN I 379 -8.48 -39.08 -7.04
C GLN I 379 -8.38 -38.55 -8.46
N ALA I 380 -8.59 -37.24 -8.61
CA ALA I 380 -8.52 -36.59 -9.91
C ALA I 380 -8.14 -35.14 -9.71
N ALA I 381 -7.87 -34.45 -10.81
CA ALA I 381 -7.47 -33.04 -10.78
C ALA I 381 -8.31 -32.23 -11.76
N ASP I 382 -8.50 -30.96 -11.43
CA ASP I 382 -9.21 -30.01 -12.29
C ASP I 382 -8.18 -29.16 -13.01
N LEU I 383 -8.07 -29.34 -14.32
CA LEU I 383 -7.06 -28.62 -15.09
C LEU I 383 -7.43 -27.15 -15.27
N LYS I 384 -8.72 -26.84 -15.38
CA LYS I 384 -9.13 -25.46 -15.65
C LYS I 384 -8.79 -24.54 -14.48
N SER I 385 -9.17 -24.93 -13.26
CA SER I 385 -8.92 -24.08 -12.09
C SER I 385 -7.43 -23.91 -11.83
N THR I 386 -6.67 -25.01 -11.89
CA THR I 386 -5.24 -24.90 -11.65
C THR I 386 -4.54 -24.12 -12.76
N GLN I 387 -5.04 -24.21 -14.00
CA GLN I 387 -4.44 -23.44 -15.08
C GLN I 387 -4.72 -21.95 -14.90
N ALA I 388 -5.95 -21.59 -14.50
CA ALA I 388 -6.24 -20.20 -14.21
C ALA I 388 -5.36 -19.68 -13.08
N ALA I 389 -5.21 -20.46 -12.01
CA ALA I 389 -4.37 -20.04 -10.90
C ALA I 389 -2.92 -19.87 -11.33
N ILE I 390 -2.41 -20.82 -12.11
CA ILE I 390 -1.03 -20.75 -12.56
C ILE I 390 -0.81 -19.55 -13.48
N ASP I 391 -1.77 -19.27 -14.37
CA ASP I 391 -1.65 -18.11 -15.24
C ASP I 391 -1.63 -16.82 -14.44
N GLN I 392 -2.52 -16.70 -13.45
CA GLN I 392 -2.53 -15.50 -12.63
C GLN I 392 -1.23 -15.35 -11.84
N ILE I 393 -0.73 -16.45 -11.29
CA ILE I 393 0.51 -16.42 -10.52
C ILE I 393 1.68 -16.02 -11.42
N ASN I 394 1.74 -16.59 -12.62
CA ASN I 394 2.82 -16.28 -13.55
C ASN I 394 2.77 -14.83 -14.01
N GLY I 395 1.56 -14.30 -14.25
CA GLY I 395 1.44 -12.90 -14.59
C GLY I 395 1.90 -11.99 -13.46
N LYS I 396 1.49 -12.33 -12.23
CA LYS I 396 1.93 -11.56 -11.07
C LYS I 396 3.45 -11.59 -10.93
N LEU I 397 4.06 -12.75 -11.19
CA LEU I 397 5.50 -12.87 -11.05
C LEU I 397 6.24 -12.14 -12.17
N ASN I 398 5.74 -12.22 -13.41
CA ASN I 398 6.33 -11.49 -14.53
C ASN I 398 6.14 -9.99 -14.42
N ARG I 399 5.21 -9.53 -13.60
CA ARG I 399 5.06 -8.10 -13.38
C ARG I 399 6.35 -7.48 -12.83
N LEU I 400 7.02 -8.19 -11.91
CA LEU I 400 8.22 -7.66 -11.27
C LEU I 400 9.50 -8.04 -12.01
N ILE I 401 9.64 -9.32 -12.36
CA ILE I 401 10.91 -9.82 -12.88
C ILE I 401 11.15 -9.29 -14.28
N GLY I 402 12.34 -8.72 -14.50
CA GLY I 402 12.74 -8.26 -15.81
C GLY I 402 12.30 -6.86 -16.16
N LYS I 403 11.59 -6.16 -15.28
CA LYS I 403 11.09 -4.82 -15.56
C LYS I 403 11.88 -3.75 -14.81
N THR I 404 13.19 -3.93 -14.67
CA THR I 404 14.02 -2.94 -14.00
C THR I 404 14.23 -1.72 -14.90
N ASN I 405 14.72 -0.65 -14.28
CA ASN I 405 14.93 0.63 -14.97
C ASN I 405 16.40 0.99 -14.93
N GLU I 406 16.85 1.69 -15.98
CA GLU I 406 18.25 2.05 -16.10
C GLU I 406 18.66 3.08 -15.04
N LYS I 407 19.83 2.87 -14.45
CA LYS I 407 20.38 3.72 -13.40
C LYS I 407 21.85 3.99 -13.68
N PHE I 408 22.15 4.43 -14.90
CA PHE I 408 23.53 4.47 -15.38
C PHE I 408 24.45 5.27 -14.47
N HIS I 409 24.08 6.51 -14.15
CA HIS I 409 24.95 7.39 -13.39
C HIS I 409 24.25 7.83 -12.11
N GLN I 410 24.96 7.73 -10.98
CA GLN I 410 24.45 8.10 -9.67
C GLN I 410 25.56 8.78 -8.89
N ILE I 411 25.24 9.24 -7.69
CA ILE I 411 26.22 9.88 -6.82
C ILE I 411 27.09 8.82 -6.16
N GLU I 412 28.21 9.22 -5.58
CA GLU I 412 29.09 8.29 -4.88
C GLU I 412 28.48 7.91 -3.54
N LYS I 413 28.38 6.61 -3.29
CA LYS I 413 27.71 6.09 -2.11
C LYS I 413 28.66 5.50 -1.08
N GLU I 414 29.98 5.60 -1.30
CA GLU I 414 30.96 5.17 -0.33
C GLU I 414 32.01 6.25 -0.15
N PHE I 415 32.52 6.37 1.07
CA PHE I 415 33.49 7.41 1.40
C PHE I 415 34.58 6.83 2.28
N SER I 416 35.75 7.47 2.23
CA SER I 416 36.91 7.08 3.04
C SER I 416 37.53 8.30 3.71
N GLU I 417 36.73 9.33 3.96
CA GLU I 417 37.24 10.58 4.51
C GLU I 417 36.06 11.36 5.09
N VAL I 418 36.36 12.21 6.08
CA VAL I 418 35.40 13.17 6.60
C VAL I 418 35.54 14.45 5.81
N GLU I 419 34.41 14.97 5.32
CA GLU I 419 34.46 16.06 4.36
C GLU I 419 33.66 17.27 4.83
N GLY I 420 32.53 17.05 5.48
CA GLY I 420 31.74 18.15 5.98
C GLY I 420 30.24 17.96 5.87
N ARG I 421 29.54 19.00 5.40
CA ARG I 421 28.09 18.99 5.37
C ARG I 421 27.52 18.39 4.09
N ILE I 422 28.20 18.56 2.95
CA ILE I 422 27.68 18.02 1.69
C ILE I 422 27.80 16.50 1.70
N GLN I 423 28.91 15.97 2.22
CA GLN I 423 29.05 14.52 2.34
C GLN I 423 28.00 13.95 3.28
N ASP I 424 27.74 14.63 4.40
CA ASP I 424 26.71 14.19 5.32
C ASP I 424 25.34 14.23 4.67
N LEU I 425 25.07 15.24 3.86
CA LEU I 425 23.80 15.32 3.14
C LEU I 425 23.65 14.17 2.15
N GLU I 426 24.73 13.84 1.44
CA GLU I 426 24.68 12.71 0.51
C GLU I 426 24.43 11.40 1.25
N LYS I 427 25.11 11.19 2.37
CA LYS I 427 24.85 10.00 3.18
C LYS I 427 23.42 9.97 3.68
N TYR I 428 22.89 11.11 4.10
CA TYR I 428 21.53 11.18 4.61
C TYR I 428 20.51 10.86 3.53
N VAL I 429 20.69 11.41 2.33
CA VAL I 429 19.73 11.13 1.26
C VAL I 429 19.83 9.67 0.82
N GLU I 430 21.04 9.12 0.80
CA GLU I 430 21.19 7.70 0.50
C GLU I 430 20.46 6.84 1.52
N ASP I 431 20.63 7.15 2.81
CA ASP I 431 19.97 6.37 3.86
C ASP I 431 18.46 6.51 3.78
N THR I 432 17.95 7.72 3.53
CA THR I 432 16.52 7.91 3.44
C THR I 432 15.94 7.16 2.24
N LYS I 433 16.63 7.19 1.10
CA LYS I 433 16.15 6.44 -0.07
C LYS I 433 16.15 4.95 0.22
N ILE I 434 17.21 4.44 0.84
CA ILE I 434 17.28 3.01 1.13
C ILE I 434 16.19 2.60 2.10
N ASP I 435 15.94 3.41 3.13
CA ASP I 435 14.91 3.08 4.10
C ASP I 435 13.53 3.11 3.47
N LEU I 436 13.26 4.12 2.64
CA LEU I 436 11.96 4.20 1.97
C LEU I 436 11.75 3.01 1.05
N TRP I 437 12.79 2.63 0.28
CA TRP I 437 12.62 1.49 -0.62
C TRP I 437 12.52 0.18 0.13
N SER I 438 13.19 0.05 1.28
CA SER I 438 13.03 -1.15 2.10
C SER I 438 11.61 -1.26 2.62
N TYR I 439 11.04 -0.16 3.12
CA TYR I 439 9.65 -0.20 3.58
C TYR I 439 8.71 -0.51 2.42
N ASN I 440 8.96 0.10 1.25
CA ASN I 440 8.11 -0.17 0.09
C ASN I 440 8.18 -1.64 -0.30
N ALA I 441 9.38 -2.22 -0.30
CA ALA I 441 9.53 -3.63 -0.65
C ALA I 441 8.82 -4.53 0.34
N GLU I 442 8.96 -4.26 1.63
CA GLU I 442 8.30 -5.08 2.64
C GLU I 442 6.78 -4.98 2.52
N LEU I 443 6.27 -3.77 2.32
CA LEU I 443 4.83 -3.59 2.15
C LEU I 443 4.33 -4.28 0.89
N LEU I 444 5.08 -4.18 -0.20
CA LEU I 444 4.68 -4.82 -1.45
C LEU I 444 4.64 -6.33 -1.30
N VAL I 445 5.66 -6.91 -0.65
CA VAL I 445 5.68 -8.35 -0.44
C VAL I 445 4.52 -8.79 0.44
N ALA I 446 4.24 -8.04 1.51
CA ALA I 446 3.13 -8.39 2.38
C ALA I 446 1.80 -8.32 1.65
N LEU I 447 1.59 -7.26 0.86
CA LEU I 447 0.34 -7.11 0.12
C LEU I 447 0.18 -8.22 -0.91
N GLU I 448 1.24 -8.53 -1.66
CA GLU I 448 1.14 -9.56 -2.67
C GLU I 448 0.91 -10.93 -2.06
N ASN I 449 1.58 -11.23 -0.93
CA ASN I 449 1.35 -12.50 -0.26
C ASN I 449 -0.09 -12.60 0.25
N GLN I 450 -0.60 -11.53 0.87
CA GLN I 450 -1.98 -11.55 1.35
C GLN I 450 -2.96 -11.76 0.22
N HIS I 451 -2.79 -11.04 -0.89
CA HIS I 451 -3.70 -11.17 -2.01
C HIS I 451 -3.57 -12.53 -2.69
N THR I 452 -2.36 -13.10 -2.77
CA THR I 452 -2.21 -14.42 -3.36
C THR I 452 -2.87 -15.50 -2.49
N ILE I 453 -2.65 -15.43 -1.18
CA ILE I 453 -3.23 -16.43 -0.28
C ILE I 453 -4.75 -16.33 -0.28
N ASP I 454 -5.30 -15.11 -0.38
CA ASP I 454 -6.75 -14.99 -0.44
C ASP I 454 -7.32 -15.33 -1.81
N LEU I 455 -6.56 -15.09 -2.89
CA LEU I 455 -7.02 -15.46 -4.22
C LEU I 455 -7.09 -16.97 -4.38
N THR I 456 -6.04 -17.67 -3.96
CA THR I 456 -5.99 -19.12 -4.07
C THR I 456 -6.85 -19.82 -3.03
N ASP I 457 -7.60 -19.06 -2.23
CA ASP I 457 -8.61 -19.60 -1.34
C ASP I 457 -10.02 -19.23 -1.77
N SER I 458 -10.23 -18.04 -2.33
CA SER I 458 -11.51 -17.71 -2.94
C SER I 458 -11.72 -18.50 -4.21
N GLU I 459 -10.65 -18.90 -4.89
CA GLU I 459 -10.78 -19.76 -6.05
C GLU I 459 -11.18 -21.18 -5.68
N MET I 460 -10.99 -21.56 -4.40
CA MET I 460 -11.48 -22.85 -3.92
C MET I 460 -12.82 -22.75 -3.19
N ASN I 461 -13.14 -21.59 -2.63
CA ASN I 461 -14.53 -21.35 -2.25
C ASN I 461 -15.42 -21.35 -3.49
N LYS I 462 -14.95 -20.72 -4.56
CA LYS I 462 -15.48 -21.00 -5.88
C LYS I 462 -15.09 -22.42 -6.28
N LEU I 463 -15.90 -23.01 -7.16
CA LEU I 463 -15.79 -24.42 -7.56
C LEU I 463 -16.26 -25.32 -6.42
N PHE I 464 -16.48 -24.72 -5.24
CA PHE I 464 -17.22 -25.39 -4.19
C PHE I 464 -18.66 -24.90 -4.18
N GLU I 465 -18.85 -23.59 -4.20
CA GLU I 465 -20.18 -23.03 -4.44
C GLU I 465 -20.70 -23.45 -5.82
N LYS I 466 -19.81 -23.51 -6.82
CA LYS I 466 -20.24 -23.91 -8.15
C LYS I 466 -20.74 -25.35 -8.16
N THR I 467 -20.01 -26.25 -7.49
CA THR I 467 -20.46 -27.64 -7.40
C THR I 467 -21.76 -27.75 -6.60
N LYS I 468 -21.89 -26.93 -5.55
CA LYS I 468 -23.13 -26.91 -4.79
C LYS I 468 -24.32 -26.48 -5.66
N LYS I 469 -24.10 -25.47 -6.50
CA LYS I 469 -25.15 -25.03 -7.42
C LYS I 469 -25.47 -26.12 -8.44
N GLN I 470 -24.45 -26.80 -8.97
CA GLN I 470 -24.68 -27.85 -9.94
C GLN I 470 -25.50 -28.99 -9.32
N LEU I 471 -25.17 -29.38 -8.09
CA LEU I 471 -25.88 -30.48 -7.44
C LEU I 471 -27.24 -30.05 -6.90
N ARG I 472 -27.46 -28.75 -6.70
CA ARG I 472 -28.73 -28.22 -6.23
C ARG I 472 -29.17 -28.88 -4.92
N GLU I 473 -30.28 -29.62 -4.99
CA GLU I 473 -30.87 -30.25 -3.82
C GLU I 473 -30.37 -31.68 -3.62
N ASN I 474 -29.47 -32.16 -4.46
CA ASN I 474 -29.04 -33.56 -4.41
C ASN I 474 -27.84 -33.79 -3.49
N ALA I 475 -27.22 -32.74 -2.96
CA ALA I 475 -26.07 -32.89 -2.10
C ALA I 475 -26.20 -32.01 -0.88
N GLU I 476 -25.62 -32.46 0.23
CA GLU I 476 -25.65 -31.72 1.49
C GLU I 476 -24.22 -31.51 1.97
N ASP I 477 -23.90 -30.27 2.35
CA ASP I 477 -22.55 -29.96 2.80
C ASP I 477 -22.31 -30.57 4.17
N MET I 478 -21.35 -31.51 4.25
CA MET I 478 -21.05 -32.15 5.52
C MET I 478 -20.42 -31.18 6.50
N GLY I 479 -19.74 -30.15 6.02
CA GLY I 479 -19.10 -29.17 6.86
C GLY I 479 -17.65 -29.45 7.20
N ASN I 480 -17.19 -30.68 6.98
CA ASN I 480 -15.78 -31.00 7.21
C ASN I 480 -14.90 -30.62 6.03
N GLY I 481 -15.49 -30.12 4.95
CA GLY I 481 -14.71 -29.69 3.80
C GLY I 481 -15.34 -29.97 2.45
N CYS I 482 -16.40 -30.76 2.41
CA CYS I 482 -16.95 -31.17 1.12
C CYS I 482 -18.35 -31.75 1.32
N PHE I 483 -18.89 -32.30 0.24
CA PHE I 483 -20.29 -32.65 0.14
C PHE I 483 -20.55 -34.11 0.52
N LYS I 484 -21.83 -34.44 0.65
CA LYS I 484 -22.32 -35.81 0.70
C LYS I 484 -23.49 -35.89 -0.28
N ILE I 485 -23.34 -36.71 -1.31
CA ILE I 485 -24.36 -36.84 -2.35
C ILE I 485 -25.27 -38.00 -2.02
N TYR I 486 -26.58 -37.76 -2.08
CA TYR I 486 -27.58 -38.70 -1.57
C TYR I 486 -28.18 -39.59 -2.65
N HIS I 487 -27.67 -39.56 -3.88
CA HIS I 487 -28.11 -40.48 -4.90
C HIS I 487 -27.01 -41.49 -5.21
N LYS I 488 -27.38 -42.55 -5.94
CA LYS I 488 -26.47 -43.65 -6.25
C LYS I 488 -25.55 -43.22 -7.38
N CYS I 489 -24.50 -42.48 -7.02
CA CYS I 489 -23.53 -42.01 -7.99
C CYS I 489 -22.55 -43.12 -8.34
N ASP I 490 -22.08 -43.10 -9.58
CA ASP I 490 -21.12 -44.10 -10.07
C ASP I 490 -19.90 -43.41 -10.66
N ASN I 491 -19.04 -44.17 -11.33
CA ASN I 491 -17.82 -43.60 -11.90
C ASN I 491 -18.12 -42.57 -12.99
N ALA I 492 -19.30 -42.62 -13.61
CA ALA I 492 -19.65 -41.65 -14.63
C ALA I 492 -20.24 -40.37 -14.05
N CYS I 493 -20.98 -40.46 -12.95
CA CYS I 493 -21.56 -39.27 -12.34
C CYS I 493 -20.49 -38.35 -11.79
N ILE I 494 -19.44 -38.91 -11.20
CA ILE I 494 -18.34 -38.08 -10.70
C ILE I 494 -17.67 -37.33 -11.84
N GLY I 495 -17.41 -38.02 -12.94
CA GLY I 495 -16.82 -37.36 -14.10
C GLY I 495 -17.73 -36.29 -14.67
N SER I 496 -19.04 -36.55 -14.70
CA SER I 496 -19.97 -35.55 -15.19
C SER I 496 -19.97 -34.31 -14.30
N ILE I 497 -19.91 -34.51 -12.98
CA ILE I 497 -19.84 -33.38 -12.06
C ILE I 497 -18.54 -32.61 -12.28
N ARG I 498 -17.44 -33.32 -12.49
CA ARG I 498 -16.17 -32.63 -12.74
C ARG I 498 -16.21 -31.82 -14.04
N ASN I 499 -16.86 -32.35 -15.07
CA ASN I 499 -16.91 -31.65 -16.35
C ASN I 499 -17.80 -30.43 -16.33
N GLY I 500 -18.89 -30.46 -15.57
CA GLY I 500 -19.92 -29.44 -15.64
C GLY I 500 -21.13 -29.83 -16.46
N THR I 501 -21.14 -31.04 -17.03
CA THR I 501 -22.28 -31.54 -17.78
C THR I 501 -23.40 -32.05 -16.88
N TYR I 502 -23.14 -32.21 -15.58
CA TYR I 502 -24.08 -32.85 -14.68
C TYR I 502 -25.45 -32.19 -14.71
N ASP I 503 -26.48 -33.01 -14.87
CA ASP I 503 -27.87 -32.56 -14.92
C ASP I 503 -28.58 -33.10 -13.67
N HIS I 504 -28.97 -32.20 -12.78
CA HIS I 504 -29.51 -32.61 -11.50
C HIS I 504 -30.95 -33.10 -11.59
N ASN I 505 -31.67 -32.80 -12.68
CA ASN I 505 -33.08 -33.15 -12.76
C ASN I 505 -33.29 -34.65 -12.81
N VAL I 506 -32.31 -35.41 -13.31
CA VAL I 506 -32.47 -36.85 -13.44
C VAL I 506 -32.48 -37.52 -12.06
N TYR I 507 -31.53 -37.15 -11.20
CA TYR I 507 -31.39 -37.78 -9.90
C TYR I 507 -32.07 -37.02 -8.77
N ARG I 508 -32.65 -35.85 -9.06
CA ARG I 508 -33.36 -35.08 -8.04
C ARG I 508 -34.63 -35.77 -7.58
N ASP I 509 -35.14 -36.72 -8.35
CA ASP I 509 -36.32 -37.48 -7.94
C ASP I 509 -36.03 -38.41 -6.78
N GLU I 510 -34.80 -38.94 -6.69
CA GLU I 510 -34.44 -39.85 -5.62
C GLU I 510 -33.55 -39.23 -4.55
N ALA I 511 -32.88 -38.12 -4.85
CA ALA I 511 -32.04 -37.48 -3.83
C ALA I 511 -32.88 -37.01 -2.65
N LEU I 512 -34.01 -36.34 -2.92
CA LEU I 512 -34.87 -35.90 -1.83
C LEU I 512 -35.59 -37.07 -1.17
N ASN I 513 -35.82 -38.14 -1.93
CA ASN I 513 -36.38 -39.35 -1.33
C ASN I 513 -35.41 -39.97 -0.33
N ASN I 514 -34.10 -39.87 -0.59
CA ASN I 514 -33.11 -40.42 0.33
C ASN I 514 -32.83 -39.49 1.50
N ARG I 515 -32.81 -38.17 1.26
CA ARG I 515 -32.38 -37.24 2.30
C ARG I 515 -33.50 -36.71 3.17
N PHE I 516 -34.75 -36.71 2.68
CA PHE I 516 -35.88 -36.14 3.41
C PHE I 516 -36.91 -37.18 3.79
N GLN I 517 -36.46 -38.38 4.16
CA GLN I 517 -37.36 -39.44 4.60
C GLN I 517 -36.80 -40.15 5.83
#